data_5O2S
#
_entry.id   5O2S
#
_cell.length_a   197.140
_cell.length_b   197.140
_cell.length_c   84.610
_cell.angle_alpha   90.00
_cell.angle_beta   90.00
_cell.angle_gamma   120.00
#
_symmetry.space_group_name_H-M   'P 65'
#
loop_
_entity.id
_entity.type
_entity.pdbx_description
1 polymer 'GTPase KRas'
2 polymer 'darpin K27'
3 non-polymer "GUANOSINE-5'-DIPHOSPHATE"
4 non-polymer 'MAGNESIUM ION'
5 water water
#
loop_
_entity_poly.entity_id
_entity_poly.type
_entity_poly.pdbx_seq_one_letter_code
_entity_poly.pdbx_strand_id
1 'polypeptide(L)'
;GSHMTEYKLVVVGAVGVGKSALTIQLIQNHFVDEYDPTIEDSYRKQVVIDGETCLLDILDTAGQEEYSAMRDQYMRTGEG
FLCVFAINNTKSFEDIHHYREQIKRVKDSEDVPMVLVGNKCDLPSRTVDTKQAQDLARSYGIPFIETSAKTRQGVDDAFY
TLVREIRKH
;
A,C,E,G
2 'polypeptide(L)'
;MGHHHHHHHHHHSSGHIEGRHMDLGKKLLEAARAGQDDEVRILMANGADVNAHDTFGFTPLHLAALYGHLEIVEVLLKNG
ADVNADDSYGRTPLHLAAMRGHLEIVEVLLKYGADVNAADEEGRTPLHLAAKRGHLEIVEVLLKNGADVNAQDKFGKTAF
DISIDNGNEDLAEILQKL
;
B,D,F,H
#
loop_
_chem_comp.id
_chem_comp.type
_chem_comp.name
_chem_comp.formula
GDP RNA linking GUANOSINE-5'-DIPHOSPHATE 'C10 H15 N5 O11 P2'
MG non-polymer 'MAGNESIUM ION' 'Mg 2'
#
# COMPACT_ATOMS: atom_id res chain seq x y z
N MET A 4 23.40 27.24 12.92
CA MET A 4 23.30 25.77 12.58
C MET A 4 21.95 25.43 11.89
N THR A 5 22.00 24.45 10.99
CA THR A 5 20.85 24.08 10.17
C THR A 5 19.79 23.36 10.97
N GLU A 6 18.53 23.63 10.74
CA GLU A 6 17.42 22.97 11.43
C GLU A 6 16.68 22.13 10.37
N TYR A 7 16.44 20.87 10.67
CA TYR A 7 15.65 19.99 9.81
C TYR A 7 14.30 19.68 10.45
N LYS A 8 13.23 20.00 9.76
CA LYS A 8 11.87 19.64 10.24
C LYS A 8 11.53 18.22 9.73
N LEU A 9 11.63 17.24 10.60
CA LEU A 9 11.40 15.82 10.31
C LEU A 9 9.95 15.43 10.71
N VAL A 10 9.25 14.79 9.79
CA VAL A 10 7.89 14.25 10.21
C VAL A 10 7.95 12.72 10.35
N VAL A 11 7.49 12.21 11.49
CA VAL A 11 7.43 10.74 11.69
C VAL A 11 5.97 10.31 11.44
N VAL A 12 5.73 9.53 10.38
CA VAL A 12 4.37 9.09 10.03
C VAL A 12 4.28 7.58 10.04
N GLY A 13 3.05 7.09 10.03
CA GLY A 13 2.80 5.66 10.05
C GLY A 13 1.64 5.29 10.94
N ALA A 14 1.17 4.06 10.79
CA ALA A 14 -0.02 3.56 11.51
C ALA A 14 0.16 3.56 13.04
N VAL A 15 -0.93 3.56 13.80
CA VAL A 15 -0.85 3.54 15.27
C VAL A 15 -0.18 2.25 15.73
N GLY A 16 0.74 2.32 16.70
CA GLY A 16 1.42 1.14 17.27
C GLY A 16 2.62 0.57 16.55
N VAL A 17 3.11 1.23 15.51
CA VAL A 17 4.32 0.77 14.78
C VAL A 17 5.63 1.13 15.51
N GLY A 18 5.56 2.02 16.48
CA GLY A 18 6.71 2.41 17.29
C GLY A 18 7.29 3.76 16.94
N LYS A 19 6.49 4.74 16.44
CA LYS A 19 6.98 6.07 16.08
C LYS A 19 7.53 6.83 17.32
N SER A 20 6.73 6.90 18.39
CA SER A 20 7.14 7.54 19.64
C SER A 20 8.33 6.83 20.28
N ALA A 21 8.31 5.49 20.20
CA ALA A 21 9.39 4.71 20.76
C ALA A 21 10.70 4.98 20.02
N LEU A 22 10.61 5.28 18.70
CA LEU A 22 11.78 5.64 17.89
C LEU A 22 12.29 7.02 18.25
N THR A 23 11.39 8.02 18.32
CA THR A 23 11.69 9.42 18.67
C THR A 23 12.41 9.53 20.05
N ILE A 24 11.87 8.84 21.07
CA ILE A 24 12.41 8.82 22.44
C ILE A 24 13.74 8.05 22.53
N GLN A 25 13.88 6.97 21.78
CA GLN A 25 15.18 6.24 21.73
C GLN A 25 16.28 7.11 21.12
N LEU A 26 15.93 7.90 20.11
CA LEU A 26 16.89 8.81 19.46
C LEU A 26 17.32 9.97 20.35
N ILE A 27 16.36 10.68 20.95
CA ILE A 27 16.64 11.86 21.80
C ILE A 27 17.05 11.53 23.25
N GLN A 28 16.41 10.52 23.89
CA GLN A 28 16.66 10.17 25.31
C GLN A 28 17.52 8.95 25.55
N ASN A 29 17.86 8.18 24.51
CA ASN A 29 18.66 6.93 24.57
C ASN A 29 18.05 5.83 25.46
N HIS A 30 16.72 5.73 25.44
CA HIS A 30 15.91 4.83 26.28
C HIS A 30 14.67 4.27 25.55
N PHE A 31 14.34 2.98 25.80
CA PHE A 31 13.23 2.33 25.14
C PHE A 31 12.05 2.55 26.00
N VAL A 32 10.92 2.88 25.39
CA VAL A 32 9.63 2.77 26.09
C VAL A 32 8.72 1.69 25.52
N ASP A 33 8.44 0.66 26.32
CA ASP A 33 7.10 0.01 26.36
C ASP A 33 6.12 1.06 26.88
N GLU A 34 4.83 0.84 26.78
CA GLU A 34 3.84 1.93 27.14
C GLU A 34 4.29 3.41 27.04
N TYR A 35 4.02 3.99 25.88
CA TYR A 35 4.00 5.42 25.72
C TYR A 35 2.61 5.70 25.15
N ASP A 36 1.90 6.66 25.69
CA ASP A 36 0.48 6.84 25.30
C ASP A 36 0.33 7.05 23.78
N PRO A 37 -0.67 6.37 23.16
CA PRO A 37 -0.76 6.38 21.72
C PRO A 37 -1.36 7.64 21.07
N THR A 38 -1.90 8.61 21.82
CA THR A 38 -2.39 9.84 21.17
C THR A 38 -1.61 11.13 21.44
N ILE A 39 -0.40 11.08 22.04
CA ILE A 39 0.32 12.34 22.38
C ILE A 39 1.13 12.70 21.17
N GLU A 40 0.77 13.82 20.55
CA GLU A 40 1.49 14.34 19.40
C GLU A 40 2.34 15.54 19.78
N ASP A 41 3.63 15.31 20.03
CA ASP A 41 4.53 16.39 20.43
C ASP A 41 5.67 16.44 19.45
N SER A 42 6.37 17.56 19.43
CA SER A 42 7.52 17.73 18.62
C SER A 42 8.67 17.82 19.57
N TYR A 43 9.49 16.81 19.50
CA TYR A 43 10.78 16.76 20.26
C TYR A 43 11.93 17.28 19.39
N ARG A 44 12.94 17.90 20.04
CA ARG A 44 14.13 18.41 19.39
C ARG A 44 15.43 17.81 19.95
N LYS A 45 16.46 17.79 19.11
CA LYS A 45 17.69 17.09 19.37
C LYS A 45 18.80 17.72 18.54
N GLN A 46 19.85 18.24 19.23
CA GLN A 46 21.06 18.69 18.60
C GLN A 46 21.92 17.46 18.34
N VAL A 47 22.35 17.26 17.10
CA VAL A 47 23.31 16.16 16.71
C VAL A 47 24.44 16.66 15.83
N VAL A 48 25.44 15.79 15.58
CA VAL A 48 26.51 16.05 14.57
C VAL A 48 26.33 15.01 13.48
N ILE A 49 25.93 15.46 12.29
CA ILE A 49 25.79 14.60 11.09
C ILE A 49 26.86 15.06 10.07
N ASP A 50 27.83 14.18 9.76
CA ASP A 50 28.87 14.43 8.73
C ASP A 50 29.62 15.75 8.98
N GLY A 51 29.98 16.01 10.26
CA GLY A 51 30.73 17.21 10.63
C GLY A 51 29.99 18.55 10.70
N GLU A 52 28.67 18.54 10.46
CA GLU A 52 27.79 19.69 10.56
C GLU A 52 26.86 19.52 11.79
N THR A 53 27.13 20.24 12.88
CA THR A 53 26.19 20.35 14.00
C THR A 53 24.91 20.85 13.40
N CYS A 54 23.85 20.14 13.68
CA CYS A 54 22.55 20.58 13.22
C CYS A 54 21.50 20.18 14.23
N LEU A 55 20.36 20.83 14.08
CA LEU A 55 19.24 20.70 14.99
C LEU A 55 18.07 19.92 14.36
N LEU A 56 17.59 18.85 15.04
CA LEU A 56 16.44 18.10 14.58
C LEU A 56 15.17 18.53 15.26
N ASP A 57 14.13 18.82 14.49
CA ASP A 57 12.85 19.27 15.03
C ASP A 57 11.83 18.24 14.50
N ILE A 58 11.66 17.21 15.31
CA ILE A 58 10.92 15.98 14.89
C ILE A 58 9.48 16.04 15.36
N LEU A 59 8.54 15.94 14.42
CA LEU A 59 7.11 15.78 14.84
C LEU A 59 6.80 14.29 14.86
N ASP A 60 6.25 13.78 15.96
CA ASP A 60 5.93 12.35 16.10
C ASP A 60 4.43 12.41 16.01
N THR A 61 3.85 12.12 14.84
CA THR A 61 2.38 12.16 14.63
C THR A 61 1.67 11.09 15.55
N ALA A 62 0.55 11.45 16.15
CA ALA A 62 -0.31 10.52 16.87
C ALA A 62 -1.66 11.06 16.56
N GLY A 63 -2.64 10.40 17.12
CA GLY A 63 -4.06 10.78 17.07
C GLY A 63 -4.69 11.21 15.77
N GLN A 64 -4.34 10.54 14.66
CA GLN A 64 -4.57 11.05 13.30
C GLN A 64 -6.07 10.97 13.08
N GLU A 65 -6.75 10.18 13.93
CA GLU A 65 -8.25 10.08 13.97
C GLU A 65 -8.87 11.48 14.00
N GLU A 66 -8.36 12.32 14.89
CA GLU A 66 -8.83 13.72 15.08
C GLU A 66 -8.00 14.73 14.27
N TYR A 67 -8.55 15.94 14.04
CA TYR A 67 -7.86 17.05 13.33
C TYR A 67 -6.81 17.80 14.13
N SER A 68 -5.67 18.09 13.48
CA SER A 68 -4.59 18.97 14.03
C SER A 68 -3.97 20.15 13.17
N ALA A 69 -4.23 21.35 13.72
CA ALA A 69 -3.68 22.61 13.26
C ALA A 69 -2.16 22.55 13.12
N MET A 70 -1.44 22.14 14.17
CA MET A 70 0.01 22.00 14.18
C MET A 70 0.56 20.83 13.37
N ARG A 71 -0.16 19.71 13.30
CA ARG A 71 0.22 18.53 12.46
C ARG A 71 0.17 18.91 10.99
N ASP A 72 -0.93 19.56 10.54
CA ASP A 72 -1.07 20.05 9.13
C ASP A 72 0.05 21.03 8.75
N GLN A 73 0.35 21.97 9.69
CA GLN A 73 1.44 22.94 9.48
C GLN A 73 2.81 22.27 9.32
N TYR A 74 3.09 21.24 10.12
CA TYR A 74 4.32 20.42 10.05
C TYR A 74 4.36 19.73 8.71
N MET A 75 3.22 19.19 8.24
CA MET A 75 3.10 18.49 6.94
C MET A 75 3.37 19.44 5.74
N ARG A 76 2.72 20.63 5.71
CA ARG A 76 2.95 21.61 4.63
C ARG A 76 4.53 21.87 4.65
N THR A 77 5.02 22.24 5.76
CA THR A 77 6.36 22.89 5.90
C THR A 77 7.38 21.82 6.00
N GLY A 78 7.08 20.65 6.57
CA GLY A 78 8.10 19.59 6.82
C GLY A 78 9.02 19.36 5.61
N GLU A 79 10.26 18.87 5.87
CA GLU A 79 11.32 18.73 4.92
C GLU A 79 11.71 17.27 4.63
N GLY A 80 11.66 16.41 5.66
CA GLY A 80 11.83 14.97 5.50
C GLY A 80 10.69 14.22 6.15
N PHE A 81 10.41 13.01 5.66
CA PHE A 81 9.45 12.12 6.26
C PHE A 81 10.05 10.73 6.57
N LEU A 82 9.76 10.23 7.78
CA LEU A 82 10.02 8.86 8.12
C LEU A 82 8.71 8.12 7.95
N CYS A 83 8.64 7.17 7.02
CA CYS A 83 7.45 6.33 6.82
C CYS A 83 7.69 5.05 7.54
N VAL A 84 7.14 4.96 8.75
CA VAL A 84 7.32 3.80 9.66
C VAL A 84 6.22 2.75 9.56
N PHE A 85 6.64 1.49 9.48
CA PHE A 85 5.75 0.35 9.58
C PHE A 85 6.36 -0.62 10.57
N ALA A 86 5.57 -1.53 11.11
CA ALA A 86 6.09 -2.60 11.99
C ALA A 86 6.27 -3.82 11.11
N ILE A 87 7.39 -4.54 11.26
CA ILE A 87 7.64 -5.81 10.49
C ILE A 87 6.69 -6.92 10.86
N ASN A 88 5.93 -6.76 11.95
CA ASN A 88 4.93 -7.76 12.38
C ASN A 88 3.50 -7.27 12.20
N ASN A 89 3.29 -6.28 11.34
CA ASN A 89 1.95 -5.73 11.12
C ASN A 89 1.75 -5.42 9.63
N THR A 90 1.08 -6.36 8.92
CA THR A 90 0.79 -6.28 7.50
C THR A 90 -0.08 -5.08 7.16
N LYS A 91 -1.01 -4.68 8.03
CA LYS A 91 -1.83 -3.48 7.86
C LYS A 91 -0.98 -2.22 7.85
N SER A 92 0.05 -2.15 8.71
CA SER A 92 0.93 -0.95 8.75
C SER A 92 1.72 -0.80 7.45
N PHE A 93 2.11 -1.92 6.84
CA PHE A 93 2.86 -1.95 5.59
C PHE A 93 1.97 -1.45 4.46
N GLU A 94 0.73 -1.94 4.39
CA GLU A 94 -0.29 -1.48 3.44
C GLU A 94 -0.54 0.03 3.54
N ASP A 95 -0.58 0.54 4.79
CA ASP A 95 -0.84 1.96 5.08
C ASP A 95 0.25 2.88 4.56
N ILE A 96 1.47 2.37 4.32
CA ILE A 96 2.57 3.14 3.72
C ILE A 96 2.14 3.77 2.42
N HIS A 97 1.37 3.03 1.62
CA HIS A 97 0.86 3.48 0.33
C HIS A 97 0.06 4.81 0.52
N HIS A 98 -0.88 4.79 1.48
CA HIS A 98 -1.72 5.95 1.77
C HIS A 98 -0.90 7.13 2.32
N TYR A 99 0.13 6.85 3.15
CA TYR A 99 0.98 7.91 3.70
C TYR A 99 1.82 8.58 2.62
N ARG A 100 2.45 7.76 1.75
CA ARG A 100 3.25 8.27 0.64
C ARG A 100 2.41 9.15 -0.28
N GLU A 101 1.25 8.64 -0.69
CA GLU A 101 0.31 9.41 -1.53
C GLU A 101 -0.15 10.71 -0.85
N GLN A 102 -0.41 10.69 0.46
CA GLN A 102 -0.84 11.89 1.21
C GLN A 102 0.29 12.95 1.22
N ILE A 103 1.54 12.51 1.49
CA ILE A 103 2.69 13.41 1.46
C ILE A 103 2.83 14.09 0.09
N LYS A 104 2.80 13.26 -0.97
CA LYS A 104 2.85 13.73 -2.37
C LYS A 104 1.83 14.81 -2.64
N ARG A 105 0.59 14.65 -2.11
CA ARG A 105 -0.50 15.65 -2.31
C ARG A 105 -0.34 16.88 -1.48
N VAL A 106 0.03 16.77 -0.19
CA VAL A 106 0.19 17.98 0.66
C VAL A 106 1.37 18.82 0.20
N LYS A 107 2.50 18.18 -0.10
CA LYS A 107 3.72 18.82 -0.61
C LYS A 107 3.65 19.26 -2.09
N ASP A 108 2.71 18.69 -2.84
CA ASP A 108 2.48 18.95 -4.29
C ASP A 108 3.76 18.68 -5.12
N SER A 109 4.23 17.44 -5.09
CA SER A 109 5.57 17.06 -5.63
C SER A 109 5.72 15.55 -5.66
N GLU A 110 6.24 15.02 -6.78
CA GLU A 110 6.45 13.56 -6.94
C GLU A 110 7.70 13.15 -6.13
N ASP A 111 8.62 14.09 -5.89
CA ASP A 111 9.90 13.87 -5.24
C ASP A 111 10.05 14.69 -3.93
N VAL A 112 9.82 14.06 -2.77
CA VAL A 112 9.99 14.61 -1.45
C VAL A 112 11.00 13.72 -0.67
N PRO A 113 11.91 14.30 0.14
CA PRO A 113 12.82 13.49 0.97
C PRO A 113 12.05 12.57 1.90
N MET A 114 12.28 11.27 1.73
CA MET A 114 11.58 10.22 2.47
C MET A 114 12.49 9.02 2.71
N VAL A 115 12.29 8.38 3.86
CA VAL A 115 12.95 7.13 4.21
C VAL A 115 11.89 6.13 4.64
N LEU A 116 11.96 4.88 4.15
CA LEU A 116 11.06 3.81 4.57
C LEU A 116 11.74 3.12 5.76
N VAL A 117 10.99 2.98 6.87
CA VAL A 117 11.48 2.33 8.08
C VAL A 117 10.62 1.13 8.47
N GLY A 118 11.26 -0.03 8.58
CA GLY A 118 10.60 -1.26 9.02
C GLY A 118 11.03 -1.48 10.46
N ASN A 119 10.22 -1.00 11.41
CA ASN A 119 10.52 -1.04 12.84
C ASN A 119 10.19 -2.39 13.50
N LYS A 120 10.70 -2.59 14.73
CA LYS A 120 10.51 -3.81 15.57
C LYS A 120 11.24 -5.02 14.98
N CYS A 121 12.40 -4.80 14.33
CA CYS A 121 13.18 -5.90 13.73
C CYS A 121 13.87 -6.78 14.81
N ASP A 122 13.86 -6.37 16.09
CA ASP A 122 14.35 -7.16 17.23
C ASP A 122 13.46 -8.41 17.49
N LEU A 123 12.26 -8.41 16.90
CA LEU A 123 11.23 -9.41 17.10
C LEU A 123 11.39 -10.70 16.24
N PRO A 124 11.21 -11.83 16.92
CA PRO A 124 11.41 -13.14 16.23
C PRO A 124 10.42 -13.51 15.11
N SER A 125 9.15 -13.18 15.21
CA SER A 125 8.15 -13.51 14.21
C SER A 125 7.94 -12.25 13.37
N ARG A 126 7.88 -12.42 12.05
CA ARG A 126 7.92 -11.29 11.08
C ARG A 126 6.92 -11.65 10.02
N THR A 127 5.92 -10.81 9.79
CA THR A 127 4.84 -11.08 8.81
C THR A 127 5.17 -10.33 7.51
N VAL A 128 6.09 -9.36 7.57
CA VAL A 128 6.27 -8.45 6.43
C VAL A 128 7.68 -8.71 5.86
N ASP A 129 7.79 -9.25 4.67
CA ASP A 129 9.11 -9.73 4.13
C ASP A 129 10.05 -8.57 3.79
N THR A 130 11.35 -8.86 3.94
CA THR A 130 12.41 -7.85 3.70
C THR A 130 12.40 -7.45 2.23
N LYS A 131 12.21 -8.40 1.31
CA LYS A 131 12.14 -8.22 -0.17
C LYS A 131 10.95 -7.36 -0.56
N GLN A 132 9.77 -7.63 0.01
CA GLN A 132 8.54 -6.88 -0.23
C GLN A 132 8.76 -5.38 0.10
N ALA A 133 9.39 -5.11 1.25
CA ALA A 133 9.69 -3.77 1.73
C ALA A 133 10.79 -3.11 0.89
N GLN A 134 11.84 -3.87 0.56
CA GLN A 134 12.92 -3.38 -0.31
C GLN A 134 12.40 -3.02 -1.70
N ASP A 135 11.49 -3.85 -2.27
CA ASP A 135 10.86 -3.59 -3.58
C ASP A 135 10.06 -2.32 -3.57
N LEU A 136 9.25 -2.08 -2.50
CA LEU A 136 8.45 -0.86 -2.39
C LEU A 136 9.30 0.41 -2.31
N ALA A 137 10.37 0.39 -1.50
CA ALA A 137 11.30 1.52 -1.39
C ALA A 137 12.02 1.77 -2.73
N ARG A 138 12.40 0.66 -3.39
CA ARG A 138 13.08 0.70 -4.70
C ARG A 138 12.13 1.23 -5.78
N SER A 139 10.82 0.97 -5.65
CA SER A 139 9.82 1.50 -6.56
C SER A 139 9.57 2.98 -6.29
N TYR A 140 9.75 3.42 -5.03
CA TYR A 140 9.56 4.83 -4.63
C TYR A 140 10.83 5.66 -4.84
N GLY A 141 11.98 4.99 -5.01
CA GLY A 141 13.28 5.64 -5.17
C GLY A 141 13.78 6.25 -3.88
N ILE A 142 13.56 5.57 -2.76
CA ILE A 142 13.90 6.08 -1.41
C ILE A 142 14.63 4.99 -0.59
N PRO A 143 15.41 5.35 0.43
CA PRO A 143 16.09 4.30 1.22
C PRO A 143 15.11 3.52 2.08
N PHE A 144 15.45 2.26 2.35
CA PHE A 144 14.73 1.41 3.30
C PHE A 144 15.70 1.02 4.43
N ILE A 145 15.33 1.28 5.68
CA ILE A 145 16.18 0.93 6.84
C ILE A 145 15.39 0.12 7.86
N GLU A 146 15.96 -1.03 8.31
CA GLU A 146 15.35 -1.85 9.37
C GLU A 146 15.79 -1.28 10.70
N THR A 147 14.85 -1.17 11.63
CA THR A 147 15.10 -0.50 12.91
C THR A 147 14.50 -1.30 14.08
N SER A 148 15.07 -1.09 15.25
CA SER A 148 14.54 -1.57 16.48
C SER A 148 14.65 -0.48 17.48
N ALA A 149 13.54 0.10 17.86
CA ALA A 149 13.53 1.13 18.92
C ALA A 149 13.94 0.53 20.28
N LYS A 150 13.90 -0.80 20.42
CA LYS A 150 14.28 -1.54 21.63
C LYS A 150 15.80 -1.72 21.79
N THR A 151 16.49 -2.11 20.72
CA THR A 151 17.96 -2.32 20.71
C THR A 151 18.77 -1.14 20.13
N ARG A 152 18.07 -0.10 19.63
CA ARG A 152 18.63 1.11 19.00
C ARG A 152 19.21 0.86 17.59
N GLN A 153 19.12 -0.40 17.12
CA GLN A 153 19.57 -0.83 15.79
C GLN A 153 18.95 -0.02 14.69
N GLY A 154 19.79 0.61 13.88
CA GLY A 154 19.34 1.40 12.69
C GLY A 154 18.64 2.71 13.05
N VAL A 155 18.45 3.06 14.33
CA VAL A 155 17.67 4.23 14.74
C VAL A 155 18.33 5.55 14.31
N ASP A 156 19.63 5.74 14.63
CA ASP A 156 20.39 6.93 14.20
C ASP A 156 20.49 6.94 12.68
N ASP A 157 20.77 5.77 12.11
CA ASP A 157 20.89 5.58 10.65
C ASP A 157 19.63 6.10 9.90
N ALA A 158 18.43 5.75 10.38
CA ALA A 158 17.16 6.19 9.78
C ALA A 158 17.04 7.70 9.78
N PHE A 159 17.26 8.32 10.94
CA PHE A 159 17.19 9.78 11.06
C PHE A 159 18.35 10.49 10.32
N TYR A 160 19.55 9.87 10.28
CA TYR A 160 20.75 10.40 9.61
C TYR A 160 20.52 10.43 8.10
N THR A 161 20.08 9.30 7.54
CA THR A 161 19.85 9.11 6.12
C THR A 161 18.83 10.12 5.60
N LEU A 162 17.77 10.39 6.38
CA LEU A 162 16.77 11.38 6.00
C LEU A 162 17.35 12.80 5.86
N VAL A 163 18.25 13.19 6.79
CA VAL A 163 18.96 14.47 6.77
C VAL A 163 19.85 14.52 5.50
N ARG A 164 20.52 13.40 5.19
CA ARG A 164 21.36 13.25 3.99
C ARG A 164 20.49 13.44 2.72
N GLU A 165 19.25 12.88 2.73
CA GLU A 165 18.29 13.01 1.62
C GLU A 165 17.79 14.44 1.41
N ILE A 166 17.71 15.23 2.49
CA ILE A 166 17.29 16.65 2.41
C ILE A 166 18.44 17.47 1.79
N ARG A 167 19.70 17.16 2.17
CA ARG A 167 20.91 17.83 1.67
C ARG A 167 20.86 17.61 0.12
N LYS A 168 20.46 16.42 -0.37
CA LYS A 168 20.32 16.11 -1.83
C LYS A 168 18.96 16.55 -2.40
N MET B 22 -3.16 -7.05 44.67
CA MET B 22 -4.08 -6.34 43.70
C MET B 22 -3.50 -5.00 43.15
N ASP B 23 -3.46 -4.86 41.79
CA ASP B 23 -2.96 -3.63 41.09
C ASP B 23 -4.04 -2.73 40.44
N LEU B 24 -4.56 -1.92 41.32
CA LEU B 24 -5.62 -1.01 41.06
C LEU B 24 -5.06 0.29 40.46
N GLY B 25 -3.75 0.49 40.57
CA GLY B 25 -3.07 1.58 39.85
C GLY B 25 -3.27 1.52 38.34
N LYS B 26 -3.04 0.33 37.76
CA LYS B 26 -3.30 0.11 36.34
C LYS B 26 -4.80 0.30 36.11
N LYS B 27 -5.63 -0.34 36.94
CA LYS B 27 -7.10 -0.25 36.76
C LYS B 27 -7.59 1.22 36.89
N LEU B 28 -6.91 2.06 37.65
CA LEU B 28 -7.26 3.50 37.77
C LEU B 28 -6.82 4.38 36.61
N LEU B 29 -5.57 4.22 36.18
CA LEU B 29 -5.06 4.88 34.97
C LEU B 29 -5.96 4.62 33.79
N GLU B 30 -6.29 3.35 33.56
CA GLU B 30 -7.10 2.98 32.42
C GLU B 30 -8.43 3.68 32.50
N ALA B 31 -8.98 3.72 33.71
CA ALA B 31 -10.28 4.33 33.94
C ALA B 31 -10.24 5.84 33.73
N ALA B 32 -9.17 6.47 34.20
CA ALA B 32 -8.96 7.89 33.96
C ALA B 32 -8.88 8.22 32.47
N ARG B 33 -8.09 7.44 31.71
CA ARG B 33 -7.99 7.65 30.25
C ARG B 33 -9.34 7.47 29.57
N ALA B 34 -10.06 6.43 29.94
CA ALA B 34 -11.32 6.09 29.30
C ALA B 34 -12.54 6.95 29.70
N GLY B 35 -12.40 7.88 30.64
CA GLY B 35 -13.48 8.74 31.01
C GLY B 35 -14.57 8.06 31.81
N GLN B 36 -14.24 6.97 32.50
CA GLN B 36 -15.20 6.26 33.36
C GLN B 36 -15.14 6.77 34.78
N ASP B 37 -15.91 7.82 35.02
CA ASP B 37 -15.91 8.51 36.31
C ASP B 37 -16.38 7.61 37.47
N ASP B 38 -17.28 6.66 37.18
CA ASP B 38 -17.75 5.71 38.18
C ASP B 38 -16.61 4.82 38.64
N GLU B 39 -15.94 4.19 37.68
CA GLU B 39 -14.85 3.22 37.94
C GLU B 39 -13.78 3.96 38.76
N VAL B 40 -13.52 5.23 38.44
CA VAL B 40 -12.53 6.04 39.18
C VAL B 40 -12.93 6.24 40.67
N ARG B 41 -14.17 6.66 40.90
CA ARG B 41 -14.75 6.83 42.26
C ARG B 41 -14.61 5.56 43.10
N ILE B 42 -15.04 4.44 42.52
CA ILE B 42 -14.99 3.13 43.16
C ILE B 42 -13.56 2.73 43.49
N LEU B 43 -12.68 2.79 42.47
CA LEU B 43 -11.29 2.38 42.58
C LEU B 43 -10.59 3.08 43.73
N MET B 44 -10.83 4.38 43.87
CA MET B 44 -10.19 5.12 44.95
C MET B 44 -10.77 4.80 46.29
N ALA B 45 -12.08 4.67 46.37
CA ALA B 45 -12.73 4.14 47.56
C ALA B 45 -12.02 2.89 48.11
N ASN B 46 -11.60 1.95 47.25
CA ASN B 46 -10.78 0.79 47.69
C ASN B 46 -9.26 1.07 47.71
N GLY B 47 -8.86 2.30 48.01
CA GLY B 47 -7.45 2.63 48.27
C GLY B 47 -6.47 2.56 47.11
N ALA B 48 -6.97 2.65 45.88
CA ALA B 48 -6.10 2.83 44.72
C ALA B 48 -5.48 4.22 44.85
N ASP B 49 -4.21 4.30 44.47
CA ASP B 49 -3.36 5.46 44.71
C ASP B 49 -3.49 6.47 43.59
N VAL B 50 -4.04 7.65 43.87
CA VAL B 50 -4.19 8.67 42.82
C VAL B 50 -2.92 9.15 42.12
N ASN B 51 -1.78 8.81 42.70
CA ASN B 51 -0.51 9.06 42.05
C ASN B 51 0.18 7.78 41.68
N ALA B 52 -0.58 6.91 41.06
CA ALA B 52 0.01 5.83 40.32
C ALA B 52 0.66 6.42 39.09
N HIS B 53 1.57 5.66 38.48
CA HIS B 53 2.15 6.09 37.20
C HIS B 53 2.64 4.93 36.35
N ASP B 54 2.39 5.03 35.05
CA ASP B 54 2.95 4.08 34.09
C ASP B 54 4.48 4.20 34.00
N THR B 55 5.12 3.32 33.23
CA THR B 55 6.58 3.32 33.11
C THR B 55 7.14 4.57 32.47
N PHE B 56 6.32 5.54 32.10
CA PHE B 56 6.83 6.82 31.64
C PHE B 56 6.35 7.98 32.48
N GLY B 57 5.83 7.70 33.66
CA GLY B 57 5.51 8.77 34.62
C GLY B 57 4.17 9.49 34.47
N PHE B 58 3.29 9.03 33.58
CA PHE B 58 1.93 9.56 33.50
C PHE B 58 1.15 9.19 34.77
N THR B 59 0.61 10.19 35.48
CA THR B 59 -0.35 9.97 36.55
C THR B 59 -1.76 9.94 35.96
N PRO B 60 -2.75 9.47 36.74
CA PRO B 60 -4.15 9.51 36.32
C PRO B 60 -4.61 10.88 35.98
N LEU B 61 -4.09 11.85 36.70
CA LEU B 61 -4.31 13.24 36.34
C LEU B 61 -3.79 13.62 34.92
N HIS B 62 -2.57 13.20 34.54
CA HIS B 62 -2.03 13.44 33.18
C HIS B 62 -2.98 12.93 32.13
N LEU B 63 -3.34 11.66 32.26
CA LEU B 63 -4.23 11.04 31.32
C LEU B 63 -5.57 11.73 31.25
N ALA B 64 -6.18 12.07 32.40
CA ALA B 64 -7.50 12.74 32.42
C ALA B 64 -7.45 14.07 31.75
N ALA B 65 -6.41 14.81 32.07
CA ALA B 65 -6.16 16.08 31.41
C ALA B 65 -5.98 15.94 29.91
N LEU B 66 -5.09 15.03 29.50
CA LEU B 66 -4.78 14.85 28.07
C LEU B 66 -6.03 14.46 27.30
N TYR B 67 -6.87 13.62 27.89
CA TYR B 67 -8.03 13.12 27.17
C TYR B 67 -9.35 13.94 27.36
N GLY B 68 -9.29 15.02 28.16
CA GLY B 68 -10.42 16.00 28.26
C GLY B 68 -11.57 15.71 29.24
N HIS B 69 -11.20 15.14 30.38
CA HIS B 69 -12.13 14.53 31.26
C HIS B 69 -12.19 15.37 32.50
N LEU B 70 -13.06 16.37 32.45
CA LEU B 70 -13.09 17.38 33.47
C LEU B 70 -13.55 16.83 34.83
N GLU B 71 -14.69 16.09 34.87
CA GLU B 71 -15.23 15.56 36.18
C GLU B 71 -14.09 14.73 36.80
N ILE B 72 -13.47 13.85 36.02
CA ILE B 72 -12.39 13.03 36.55
C ILE B 72 -11.18 13.86 37.04
N VAL B 73 -10.82 14.90 36.30
CA VAL B 73 -9.69 15.76 36.72
C VAL B 73 -9.95 16.36 38.11
N GLU B 74 -11.13 16.92 38.27
CA GLU B 74 -11.58 17.43 39.56
C GLU B 74 -11.57 16.40 40.68
N VAL B 75 -12.14 15.22 40.41
CA VAL B 75 -12.31 14.25 41.50
C VAL B 75 -10.93 13.73 41.92
N LEU B 76 -10.01 13.65 40.97
CA LEU B 76 -8.62 13.32 41.27
C LEU B 76 -7.94 14.39 42.13
N LEU B 77 -8.11 15.66 41.75
CA LEU B 77 -7.50 16.75 42.49
C LEU B 77 -8.08 16.80 43.88
N LYS B 78 -9.42 16.87 43.99
CA LYS B 78 -10.12 16.86 45.30
C LYS B 78 -9.65 15.69 46.19
N ASN B 79 -9.23 14.57 45.58
CA ASN B 79 -8.60 13.41 46.32
C ASN B 79 -7.07 13.42 46.49
N GLY B 80 -6.45 14.56 46.24
CA GLY B 80 -5.08 14.82 46.62
C GLY B 80 -4.06 14.45 45.58
N ALA B 81 -4.50 14.38 44.34
CA ALA B 81 -3.59 14.08 43.24
C ALA B 81 -2.61 15.22 43.16
N ASP B 82 -1.40 14.90 42.73
CA ASP B 82 -0.35 15.86 42.56
C ASP B 82 -0.61 16.51 41.22
N VAL B 83 -0.77 17.82 41.25
CA VAL B 83 -1.08 18.62 40.08
C VAL B 83 0.13 18.99 39.19
N ASN B 84 1.31 18.95 39.82
CA ASN B 84 2.58 19.31 39.20
C ASN B 84 3.51 18.11 39.00
N ALA B 85 2.92 16.93 39.04
CA ALA B 85 3.59 15.72 38.68
C ALA B 85 4.05 15.90 37.25
N ASP B 86 5.18 15.29 36.90
CA ASP B 86 5.65 15.32 35.52
C ASP B 86 6.21 14.00 35.02
N ASP B 87 5.92 13.75 33.75
CA ASP B 87 6.33 12.53 33.09
C ASP B 87 7.83 12.55 32.85
N SER B 88 8.39 11.50 32.24
CA SER B 88 9.84 11.40 32.08
C SER B 88 10.42 12.32 31.01
N TYR B 89 9.56 13.07 30.30
CA TYR B 89 9.98 14.22 29.50
C TYR B 89 9.63 15.58 30.13
N GLY B 90 9.29 15.60 31.41
CA GLY B 90 9.09 16.83 32.14
C GLY B 90 7.76 17.53 32.01
N ARG B 91 6.75 16.89 31.44
CA ARG B 91 5.48 17.57 31.22
C ARG B 91 4.53 17.41 32.40
N THR B 92 4.02 18.52 32.92
CA THR B 92 2.93 18.51 33.87
C THR B 92 1.63 18.20 33.20
N PRO B 93 0.61 17.79 33.99
CA PRO B 93 -0.78 17.73 33.48
C PRO B 93 -1.23 19.02 32.81
N LEU B 94 -0.88 20.16 33.39
CA LEU B 94 -1.11 21.43 32.72
C LEU B 94 -0.49 21.50 31.29
N HIS B 95 0.74 21.03 31.11
CA HIS B 95 1.35 20.99 29.80
C HIS B 95 0.43 20.25 28.90
N LEU B 96 0.03 19.06 29.30
CA LEU B 96 -0.78 18.24 28.41
C LEU B 96 -2.14 18.87 28.15
N ALA B 97 -2.75 19.48 29.16
CA ALA B 97 -4.04 20.13 28.94
C ALA B 97 -3.94 21.26 27.93
N ALA B 98 -2.85 21.99 28.01
CA ALA B 98 -2.56 23.00 27.01
C ALA B 98 -2.34 22.41 25.64
N MET B 99 -1.54 21.34 25.57
CA MET B 99 -1.29 20.65 24.33
C MET B 99 -2.57 20.37 23.58
N ARG B 100 -3.58 19.86 24.27
CA ARG B 100 -4.79 19.45 23.61
C ARG B 100 -5.85 20.53 23.39
N GLY B 101 -5.74 21.66 24.09
CA GLY B 101 -6.76 22.69 23.97
C GLY B 101 -7.96 22.41 24.82
N HIS B 102 -7.73 21.84 26.00
CA HIS B 102 -8.79 21.57 26.95
C HIS B 102 -8.79 22.74 27.94
N LEU B 103 -9.51 23.80 27.55
CA LEU B 103 -9.53 25.10 28.25
C LEU B 103 -10.06 25.07 29.70
N GLU B 104 -11.26 24.53 29.89
CA GLU B 104 -11.88 24.45 31.23
C GLU B 104 -10.95 23.63 32.14
N ILE B 105 -10.23 22.64 31.62
CA ILE B 105 -9.27 21.84 32.42
C ILE B 105 -8.07 22.68 32.82
N VAL B 106 -7.48 23.41 31.88
CA VAL B 106 -6.36 24.33 32.18
C VAL B 106 -6.68 25.24 33.37
N GLU B 107 -7.90 25.75 33.41
CA GLU B 107 -8.34 26.66 34.45
C GLU B 107 -8.38 25.97 35.78
N VAL B 108 -8.97 24.78 35.84
CA VAL B 108 -9.10 24.14 37.17
C VAL B 108 -7.76 23.63 37.67
N LEU B 109 -6.86 23.23 36.75
CA LEU B 109 -5.49 22.87 37.12
C LEU B 109 -4.78 24.06 37.81
N LEU B 110 -5.03 25.27 37.30
CA LEU B 110 -4.48 26.49 37.88
C LEU B 110 -5.15 26.76 39.16
N LYS B 111 -6.48 26.81 39.18
CA LYS B 111 -7.22 27.01 40.43
C LYS B 111 -6.72 26.11 41.60
N TYR B 112 -6.21 24.90 41.29
CA TYR B 112 -5.66 23.94 42.31
C TYR B 112 -4.12 23.93 42.43
N GLY B 113 -3.44 24.88 41.79
CA GLY B 113 -2.04 25.20 42.10
C GLY B 113 -1.02 24.77 41.10
N ALA B 114 -1.46 24.48 39.88
CA ALA B 114 -0.55 24.18 38.81
C ALA B 114 0.40 25.35 38.58
N ASP B 115 1.65 25.02 38.31
CA ASP B 115 2.68 25.97 37.99
C ASP B 115 2.46 26.36 36.53
N VAL B 116 2.20 27.65 36.31
CA VAL B 116 2.04 28.20 34.96
C VAL B 116 3.35 28.11 34.18
N ASN B 117 4.46 28.44 34.82
CA ASN B 117 5.74 28.49 34.14
C ASN B 117 6.56 27.21 34.25
N ALA B 118 5.91 26.07 34.49
CA ALA B 118 6.60 24.79 34.56
C ALA B 118 7.29 24.46 33.23
N ALA B 119 8.52 23.95 33.29
CA ALA B 119 9.31 23.70 32.09
C ALA B 119 9.72 22.25 31.99
N ASP B 120 9.48 21.69 30.81
CA ASP B 120 9.75 20.28 30.53
C ASP B 120 11.23 20.13 30.20
N GLU B 121 11.64 18.93 29.80
CA GLU B 121 13.08 18.69 29.56
C GLU B 121 13.68 19.56 28.48
N GLU B 122 12.86 20.07 27.58
CA GLU B 122 13.34 21.00 26.56
C GLU B 122 13.27 22.43 27.04
N GLY B 123 12.68 22.65 28.21
CA GLY B 123 12.48 24.02 28.70
C GLY B 123 11.18 24.68 28.28
N ARG B 124 10.26 23.90 27.73
CA ARG B 124 9.05 24.50 27.24
C ARG B 124 8.09 24.59 28.40
N THR B 125 7.47 25.75 28.51
CA THR B 125 6.33 25.97 29.37
C THR B 125 5.05 25.68 28.60
N PRO B 126 3.92 25.59 29.34
CA PRO B 126 2.59 25.46 28.72
C PRO B 126 2.25 26.54 27.71
N LEU B 127 2.67 27.78 27.97
CA LEU B 127 2.59 28.83 26.95
C LEU B 127 3.23 28.44 25.58
N HIS B 128 4.47 27.93 25.59
CA HIS B 128 5.11 27.48 24.35
C HIS B 128 4.28 26.43 23.61
N LEU B 129 3.84 25.41 24.35
CA LEU B 129 3.09 24.33 23.75
C LEU B 129 1.77 24.83 23.16
N ALA B 130 1.00 25.63 23.90
CA ALA B 130 -0.26 26.15 23.38
C ALA B 130 -0.04 27.04 22.17
N ALA B 131 0.90 27.96 22.30
CA ALA B 131 1.31 28.85 21.20
C ALA B 131 1.66 28.11 19.94
N LYS B 132 2.41 27.04 20.12
CA LYS B 132 2.88 26.21 19.04
C LYS B 132 1.72 25.49 18.31
N ARG B 133 0.70 25.06 19.05
CA ARG B 133 -0.48 24.36 18.48
C ARG B 133 -1.54 25.33 17.93
N GLY B 134 -1.48 26.60 18.33
CA GLY B 134 -2.40 27.63 17.84
C GLY B 134 -3.61 27.82 18.73
N HIS B 135 -3.51 27.31 19.97
CA HIS B 135 -4.60 27.38 20.97
C HIS B 135 -4.65 28.72 21.70
N LEU B 136 -5.19 29.71 21.00
CA LEU B 136 -5.07 31.09 21.37
C LEU B 136 -5.85 31.43 22.64
N GLU B 137 -6.98 30.76 22.84
CA GLU B 137 -7.79 30.99 24.04
C GLU B 137 -7.02 30.57 25.31
N ILE B 138 -6.27 29.48 25.19
CA ILE B 138 -5.43 28.96 26.26
C ILE B 138 -4.21 29.82 26.48
N VAL B 139 -3.68 30.40 25.41
CA VAL B 139 -2.56 31.35 25.52
C VAL B 139 -3.03 32.57 26.36
N GLU B 140 -4.15 33.18 25.94
CA GLU B 140 -4.77 34.31 26.68
C GLU B 140 -4.91 33.98 28.18
N VAL B 141 -5.42 32.79 28.51
CA VAL B 141 -5.70 32.41 29.93
C VAL B 141 -4.45 32.11 30.75
N LEU B 142 -3.47 31.45 30.14
CA LEU B 142 -2.19 31.23 30.78
C LEU B 142 -1.52 32.55 31.15
N LEU B 143 -1.55 33.51 30.22
CA LEU B 143 -0.97 34.84 30.47
C LEU B 143 -1.66 35.53 31.59
N LYS B 144 -2.98 35.48 31.61
CA LYS B 144 -3.74 36.03 32.70
C LYS B 144 -3.43 35.43 34.07
N ASN B 145 -2.98 34.19 34.12
CA ASN B 145 -2.52 33.59 35.41
C ASN B 145 -1.02 33.67 35.61
N GLY B 146 -0.34 34.58 34.92
CA GLY B 146 1.03 34.89 35.23
C GLY B 146 2.01 34.06 34.46
N ALA B 147 1.66 33.70 33.23
CA ALA B 147 2.63 33.11 32.31
C ALA B 147 3.62 34.14 31.90
N ASP B 148 4.86 33.73 31.77
CA ASP B 148 5.95 34.62 31.35
C ASP B 148 6.10 34.64 29.80
N VAL B 149 5.32 35.48 29.16
CA VAL B 149 5.45 35.82 27.73
C VAL B 149 6.82 35.52 27.14
N ASN B 150 7.88 35.99 27.81
CA ASN B 150 9.27 35.97 27.26
C ASN B 150 10.18 34.82 27.63
N ALA B 151 9.70 33.81 28.39
CA ALA B 151 10.55 32.68 28.79
C ALA B 151 11.11 32.00 27.58
N GLN B 152 12.40 31.73 27.59
CA GLN B 152 13.05 31.00 26.53
C GLN B 152 13.14 29.53 26.87
N ASP B 153 12.81 28.65 25.92
CA ASP B 153 13.17 27.22 26.03
C ASP B 153 14.67 27.06 25.83
N LYS B 154 15.20 25.87 26.06
CA LYS B 154 16.66 25.66 26.03
C LYS B 154 17.33 25.85 24.67
N PHE B 155 16.56 26.06 23.61
CA PHE B 155 17.13 26.40 22.30
C PHE B 155 16.99 27.88 21.98
N GLY B 156 16.53 28.67 22.95
CA GLY B 156 16.32 30.12 22.78
C GLY B 156 14.92 30.61 22.44
N LYS B 157 14.03 29.72 22.01
CA LYS B 157 12.73 30.11 21.45
C LYS B 157 11.82 30.62 22.54
N THR B 158 10.95 31.56 22.17
CA THR B 158 9.89 32.10 23.01
C THR B 158 8.60 32.04 22.24
N ALA B 159 7.50 32.36 22.92
CA ALA B 159 6.19 32.43 22.24
C ALA B 159 6.22 33.26 20.98
N PHE B 160 6.85 34.43 21.04
CA PHE B 160 6.95 35.33 19.87
C PHE B 160 7.80 34.76 18.73
N ASP B 161 8.84 33.99 19.05
CA ASP B 161 9.61 33.25 18.02
C ASP B 161 8.65 32.29 17.32
N ILE B 162 7.85 31.59 18.11
CA ILE B 162 6.90 30.61 17.61
C ILE B 162 5.83 31.24 16.70
N SER B 163 5.36 32.45 17.03
CA SER B 163 4.36 33.14 16.20
C SER B 163 4.89 33.52 14.83
N ILE B 164 6.10 34.06 14.80
CA ILE B 164 6.79 34.37 13.55
C ILE B 164 7.21 33.13 12.77
N ASP B 165 7.70 32.11 13.47
CA ASP B 165 8.05 30.86 12.83
C ASP B 165 6.82 30.22 12.15
N ASN B 166 5.61 30.43 12.67
CA ASN B 166 4.40 29.85 12.13
C ASN B 166 3.60 30.77 11.25
N GLY B 167 3.98 32.05 11.14
CA GLY B 167 3.18 33.03 10.41
C GLY B 167 1.83 33.28 11.05
N ASN B 168 1.74 32.98 12.33
CA ASN B 168 0.49 33.12 13.05
C ASN B 168 0.35 34.58 13.45
N GLU B 169 -0.53 35.26 12.73
CA GLU B 169 -0.77 36.66 12.92
C GLU B 169 -1.56 36.91 14.17
N ASP B 170 -2.63 36.17 14.38
CA ASP B 170 -3.50 36.31 15.55
C ASP B 170 -2.77 36.12 16.89
N LEU B 171 -1.75 35.25 16.90
CA LEU B 171 -0.96 34.97 18.11
C LEU B 171 -0.03 36.11 18.40
N ALA B 172 0.70 36.55 17.38
CA ALA B 172 1.64 37.66 17.53
C ALA B 172 0.94 38.94 18.05
N GLU B 173 -0.32 39.14 17.63
CA GLU B 173 -1.18 40.23 18.13
C GLU B 173 -1.49 40.11 19.60
N ILE B 174 -2.01 38.97 20.02
CA ILE B 174 -2.20 38.69 21.44
C ILE B 174 -0.92 38.99 22.26
N LEU B 175 0.26 38.58 21.77
CA LEU B 175 1.49 38.79 22.51
C LEU B 175 2.01 40.27 22.54
N GLN B 176 1.22 41.25 22.06
CA GLN B 176 1.50 42.68 22.30
C GLN B 176 0.22 43.42 22.85
N LYS B 177 -0.70 43.84 21.94
CA LYS B 177 -1.96 44.57 22.25
C LYS B 177 -3.08 43.56 22.48
N MET C 4 -3.35 -10.74 23.67
CA MET C 4 -3.27 -12.01 22.86
C MET C 4 -3.14 -11.74 21.35
N THR C 5 -2.42 -12.61 20.65
CA THR C 5 -2.12 -12.47 19.24
C THR C 5 -3.37 -12.73 18.39
N GLU C 6 -3.56 -11.95 17.35
CA GLU C 6 -4.67 -12.12 16.43
C GLU C 6 -4.08 -12.54 15.07
N TYR C 7 -4.60 -13.61 14.49
CA TYR C 7 -4.19 -14.08 13.17
C TYR C 7 -5.28 -13.84 12.15
N LYS C 8 -4.97 -13.09 11.10
CA LYS C 8 -5.94 -12.87 10.01
C LYS C 8 -5.79 -14.01 8.97
N LEU C 9 -6.70 -14.98 9.03
CA LEU C 9 -6.72 -16.16 8.18
C LEU C 9 -7.66 -15.93 6.94
N VAL C 10 -7.15 -16.20 5.76
CA VAL C 10 -8.06 -16.13 4.57
C VAL C 10 -8.41 -17.53 4.05
N VAL C 11 -9.71 -17.81 3.88
CA VAL C 11 -10.14 -19.10 3.32
C VAL C 11 -10.47 -18.90 1.85
N VAL C 12 -9.68 -19.49 0.94
CA VAL C 12 -9.91 -19.32 -0.51
C VAL C 12 -10.17 -20.65 -1.18
N GLY C 13 -10.65 -20.59 -2.39
CA GLY C 13 -10.97 -21.78 -3.18
C GLY C 13 -12.26 -21.64 -3.96
N ALA C 14 -12.47 -22.55 -4.90
CA ALA C 14 -13.63 -22.54 -5.79
C ALA C 14 -14.97 -22.64 -5.05
N VAL C 15 -16.07 -22.19 -5.68
CA VAL C 15 -17.41 -22.25 -5.04
C VAL C 15 -17.78 -23.71 -4.79
N GLY C 16 -18.33 -24.05 -3.62
CA GLY C 16 -18.80 -25.41 -3.30
C GLY C 16 -17.79 -26.44 -2.82
N VAL C 17 -16.55 -26.03 -2.54
CA VAL C 17 -15.53 -26.93 -2.00
C VAL C 17 -15.68 -27.17 -0.48
N GLY C 18 -16.46 -26.34 0.19
CA GLY C 18 -16.75 -26.47 1.62
C GLY C 18 -16.00 -25.46 2.49
N LYS C 19 -15.71 -24.25 2.01
CA LYS C 19 -15.01 -23.22 2.79
C LYS C 19 -15.83 -22.79 4.03
N SER C 20 -17.09 -22.40 3.81
CA SER C 20 -18.02 -22.01 4.87
C SER C 20 -18.29 -23.18 5.82
N ALA C 21 -18.41 -24.38 5.24
CA ALA C 21 -18.68 -25.56 6.06
C ALA C 21 -17.49 -25.84 6.98
N LEU C 22 -16.26 -25.51 6.53
CA LEU C 22 -15.05 -25.66 7.34
C LEU C 22 -15.01 -24.63 8.44
N THR C 23 -15.24 -23.34 8.11
CA THR C 23 -15.27 -22.20 9.05
C THR C 23 -16.27 -22.43 10.21
N ILE C 24 -17.51 -22.85 9.89
CA ILE C 24 -18.59 -23.11 10.84
C ILE C 24 -18.31 -24.37 11.68
N GLN C 25 -17.72 -25.42 11.09
CA GLN C 25 -17.33 -26.61 11.88
C GLN C 25 -16.26 -26.27 12.90
N LEU C 26 -15.33 -25.39 12.54
CA LEU C 26 -14.25 -24.96 13.47
C LEU C 26 -14.77 -24.10 14.62
N ILE C 27 -15.57 -23.06 14.32
CA ILE C 27 -16.11 -22.12 15.32
C ILE C 27 -17.33 -22.63 16.10
N GLN C 28 -18.30 -23.29 15.42
CA GLN C 28 -19.57 -23.75 16.02
C GLN C 28 -19.67 -25.22 16.35
N ASN C 29 -18.69 -26.04 15.93
CA ASN C 29 -18.65 -27.53 16.10
C ASN C 29 -19.84 -28.26 15.49
N HIS C 30 -20.32 -27.78 14.34
CA HIS C 30 -21.52 -28.26 13.63
C HIS C 30 -21.37 -28.22 12.09
N PHE C 31 -21.89 -29.27 11.39
CA PHE C 31 -21.75 -29.41 9.98
C PHE C 31 -22.94 -28.75 9.38
N VAL C 32 -22.72 -27.97 8.32
CA VAL C 32 -23.83 -27.49 7.49
C VAL C 32 -23.78 -28.06 6.09
N ASP C 33 -24.77 -28.86 5.74
CA ASP C 33 -25.35 -28.88 4.36
C ASP C 33 -26.01 -27.54 4.18
N GLU C 34 -26.45 -27.19 2.99
CA GLU C 34 -27.08 -25.82 2.82
C GLU C 34 -26.49 -24.69 3.72
N TYR C 35 -25.43 -24.06 3.24
CA TYR C 35 -25.05 -22.73 3.69
C TYR C 35 -24.96 -21.87 2.43
N ASP C 36 -25.57 -20.69 2.43
CA ASP C 36 -25.71 -19.90 1.18
C ASP C 36 -24.36 -19.62 0.57
N PRO C 37 -24.26 -19.77 -0.76
CA PRO C 37 -22.93 -19.71 -1.39
C PRO C 37 -22.33 -18.32 -1.66
N THR C 38 -23.05 -17.23 -1.43
CA THR C 38 -22.44 -15.90 -1.59
C THR C 38 -22.24 -15.06 -0.32
N ILE C 39 -22.36 -15.64 0.88
CA ILE C 39 -22.24 -14.84 2.09
C ILE C 39 -20.75 -14.85 2.44
N GLU C 40 -20.15 -13.66 2.36
CA GLU C 40 -18.78 -13.47 2.72
C GLU C 40 -18.73 -12.72 4.05
N ASP C 41 -18.56 -13.46 5.13
CA ASP C 41 -18.40 -12.85 6.45
C ASP C 41 -17.05 -13.25 7.03
N SER C 42 -16.62 -12.51 8.04
CA SER C 42 -15.46 -12.87 8.77
C SER C 42 -15.94 -13.28 10.13
N TYR C 43 -15.74 -14.53 10.40
CA TYR C 43 -16.00 -15.12 11.74
C TYR C 43 -14.74 -15.13 12.61
N ARG C 44 -14.89 -15.01 13.94
CA ARG C 44 -13.81 -15.04 14.91
C ARG C 44 -13.95 -16.13 15.95
N LYS C 45 -12.83 -16.59 16.50
CA LYS C 45 -12.74 -17.73 17.36
C LYS C 45 -11.49 -17.60 18.24
N GLN C 46 -11.68 -17.58 19.57
CA GLN C 46 -10.61 -17.68 20.52
C GLN C 46 -10.24 -19.15 20.65
N VAL C 47 -8.96 -19.50 20.45
CA VAL C 47 -8.42 -20.88 20.70
C VAL C 47 -7.13 -20.87 21.52
N VAL C 48 -6.69 -22.06 21.95
CA VAL C 48 -5.34 -22.26 22.56
C VAL C 48 -4.54 -23.13 21.62
N ILE C 49 -3.51 -22.54 21.00
CA ILE C 49 -2.58 -23.26 20.09
C ILE C 49 -1.21 -23.25 20.79
N ASP C 50 -0.71 -24.45 21.14
CA ASP C 50 0.65 -24.63 21.74
C ASP C 50 0.87 -23.76 22.97
N GLY C 51 -0.14 -23.69 23.84
CA GLY C 51 -0.06 -22.91 25.10
C GLY C 51 -0.20 -21.39 25.03
N GLU C 52 -0.44 -20.85 23.82
CA GLU C 52 -0.67 -19.44 23.54
C GLU C 52 -2.17 -19.23 23.15
N THR C 53 -2.98 -18.70 24.06
CA THR C 53 -4.32 -18.22 23.73
C THR C 53 -4.13 -17.22 22.63
N CYS C 54 -4.88 -17.40 21.59
CA CYS C 54 -4.84 -16.46 20.49
C CYS C 54 -6.20 -16.41 19.84
N LEU C 55 -6.37 -15.34 19.07
CA LEU C 55 -7.62 -15.02 18.41
C LEU C 55 -7.56 -15.23 16.90
N LEU C 56 -8.51 -16.01 16.33
CA LEU C 56 -8.59 -16.23 14.89
C LEU C 56 -9.60 -15.31 14.25
N ASP C 57 -9.20 -14.59 13.20
CA ASP C 57 -10.08 -13.66 12.51
C ASP C 57 -10.10 -14.17 11.05
N ILE C 58 -11.05 -15.06 10.79
CA ILE C 58 -11.11 -15.84 9.55
C ILE C 58 -12.03 -15.18 8.54
N LEU C 59 -11.49 -14.85 7.35
CA LEU C 59 -12.42 -14.44 6.24
C LEU C 59 -12.75 -15.66 5.40
N ASP C 60 -14.03 -15.93 5.17
CA ASP C 60 -14.50 -17.09 4.40
C ASP C 60 -14.93 -16.42 3.12
N THR C 61 -14.08 -16.44 2.08
CA THR C 61 -14.39 -15.75 0.80
C THR C 61 -15.63 -16.41 0.12
N ALA C 62 -16.52 -15.61 -0.45
CA ALA C 62 -17.64 -16.11 -1.25
C ALA C 62 -17.76 -15.04 -2.29
N GLY C 63 -18.75 -15.21 -3.12
CA GLY C 63 -19.14 -14.26 -4.18
C GLY C 63 -18.08 -13.64 -5.04
N GLN C 64 -17.05 -14.40 -5.44
CA GLN C 64 -15.82 -13.85 -5.97
C GLN C 64 -16.15 -13.29 -7.35
N GLU C 65 -17.30 -13.70 -7.89
CA GLU C 65 -17.89 -13.18 -9.15
C GLU C 65 -17.88 -11.65 -9.15
N GLU C 66 -18.37 -11.07 -8.03
CA GLU C 66 -18.44 -9.60 -7.84
C GLU C 66 -17.25 -9.05 -7.10
N TYR C 67 -17.03 -7.71 -7.17
CA TYR C 67 -15.93 -7.00 -6.40
C TYR C 67 -16.15 -6.63 -4.92
N SER C 68 -15.11 -6.88 -4.09
CA SER C 68 -15.15 -6.57 -2.64
C SER C 68 -13.98 -5.80 -1.96
N ALA C 69 -14.38 -4.61 -1.50
CA ALA C 69 -13.56 -3.70 -0.69
C ALA C 69 -12.95 -4.40 0.50
N MET C 70 -13.76 -5.08 1.33
CA MET C 70 -13.31 -5.83 2.50
C MET C 70 -12.54 -7.11 2.20
N ARG C 71 -12.89 -7.83 1.13
CA ARG C 71 -12.16 -9.04 0.68
C ARG C 71 -10.75 -8.66 0.23
N ASP C 72 -10.61 -7.62 -0.60
CA ASP C 72 -9.30 -7.09 -1.08
C ASP C 72 -8.42 -6.66 0.10
N GLN C 73 -9.02 -5.95 1.09
CA GLN C 73 -8.30 -5.53 2.30
C GLN C 73 -7.78 -6.71 3.11
N TYR C 74 -8.59 -7.77 3.25
CA TYR C 74 -8.21 -9.02 3.92
C TYR C 74 -7.06 -9.66 3.18
N MET C 75 -7.11 -9.67 1.83
CA MET C 75 -6.07 -10.25 0.96
C MET C 75 -4.71 -9.48 1.11
N ARG C 76 -4.72 -8.13 1.03
CA ARG C 76 -3.49 -7.34 1.20
C ARG C 76 -2.92 -7.76 2.59
N THR C 77 -3.72 -7.65 3.59
CA THR C 77 -3.27 -7.62 5.03
C THR C 77 -3.18 -9.01 5.49
N GLY C 78 -4.00 -9.93 4.98
CA GLY C 78 -4.05 -11.34 5.53
C GLY C 78 -2.67 -11.95 5.72
N GLU C 79 -2.57 -12.89 6.69
CA GLU C 79 -1.33 -13.43 7.21
C GLU C 79 -1.14 -14.93 6.86
N GLY C 80 -2.23 -15.69 6.87
CA GLY C 80 -2.24 -17.06 6.38
C GLY C 80 -3.35 -17.27 5.38
N PHE C 81 -3.17 -18.25 4.47
CA PHE C 81 -4.19 -18.68 3.55
C PHE C 81 -4.48 -20.18 3.61
N LEU C 82 -5.77 -20.51 3.61
CA LEU C 82 -6.23 -21.88 3.42
C LEU C 82 -6.62 -21.99 1.96
N CYS C 83 -5.90 -22.81 1.18
CA CYS C 83 -6.26 -23.05 -0.24
C CYS C 83 -7.03 -24.33 -0.28
N VAL C 84 -8.34 -24.20 -0.32
CA VAL C 84 -9.29 -25.34 -0.28
C VAL C 84 -9.71 -25.85 -1.67
N PHE C 85 -9.67 -27.17 -1.85
CA PHE C 85 -10.27 -27.84 -2.98
C PHE C 85 -11.11 -28.99 -2.44
N ALA C 86 -12.03 -29.49 -3.25
CA ALA C 86 -12.81 -30.69 -2.88
C ALA C 86 -12.13 -31.87 -3.52
N ILE C 87 -11.96 -32.99 -2.80
CA ILE C 87 -11.34 -34.24 -3.36
C ILE C 87 -12.19 -34.87 -4.45
N ASN C 88 -13.45 -34.43 -4.61
CA ASN C 88 -14.35 -34.96 -5.63
C ASN C 88 -14.63 -33.91 -6.73
N ASN C 89 -13.77 -32.91 -6.88
CA ASN C 89 -13.97 -31.87 -7.88
C ASN C 89 -12.63 -31.48 -8.52
N THR C 90 -12.36 -32.06 -9.70
CA THR C 90 -11.15 -31.87 -10.46
C THR C 90 -10.95 -30.38 -10.85
N LYS C 91 -12.03 -29.64 -11.15
CA LYS C 91 -11.98 -28.22 -11.45
C LYS C 91 -11.50 -27.41 -10.25
N SER C 92 -11.91 -27.79 -9.03
CA SER C 92 -11.46 -27.04 -7.82
C SER C 92 -9.96 -27.21 -7.59
N PHE C 93 -9.42 -28.39 -7.93
CA PHE C 93 -8.00 -28.70 -7.80
C PHE C 93 -7.20 -27.86 -8.79
N GLU C 94 -7.65 -27.80 -10.03
CA GLU C 94 -7.06 -26.96 -11.07
C GLU C 94 -7.04 -25.45 -10.67
N ASP C 95 -8.13 -25.00 -10.02
CA ASP C 95 -8.28 -23.61 -9.59
C ASP C 95 -7.29 -23.20 -8.51
N ILE C 96 -6.71 -24.17 -7.76
CA ILE C 96 -5.67 -23.92 -6.76
C ILE C 96 -4.53 -23.15 -7.37
N HIS C 97 -4.16 -23.50 -8.61
CA HIS C 97 -3.08 -22.82 -9.32
C HIS C 97 -3.35 -21.30 -9.42
N HIS C 98 -4.55 -20.95 -9.87
N HIS C 98 -4.55 -20.95 -9.86
CA HIS C 98 -4.97 -19.55 -10.02
CA HIS C 98 -5.01 -19.56 -9.97
C HIS C 98 -5.01 -18.82 -8.64
C HIS C 98 -5.01 -18.83 -8.63
N TYR C 99 -5.45 -19.50 -7.58
CA TYR C 99 -5.50 -18.91 -6.24
C TYR C 99 -4.10 -18.64 -5.68
N ARG C 100 -3.21 -19.64 -5.80
CA ARG C 100 -1.82 -19.50 -5.35
C ARG C 100 -1.13 -18.37 -6.08
N GLU C 101 -1.24 -18.32 -7.40
CA GLU C 101 -0.70 -17.22 -8.20
C GLU C 101 -1.27 -15.86 -7.81
N GLN C 102 -2.56 -15.77 -7.53
CA GLN C 102 -3.22 -14.49 -7.10
C GLN C 102 -2.64 -14.04 -5.74
N ILE C 103 -2.52 -14.97 -4.78
CA ILE C 103 -1.94 -14.64 -3.46
C ILE C 103 -0.51 -14.10 -3.63
N LYS C 104 0.31 -14.82 -4.39
CA LYS C 104 1.70 -14.42 -4.71
C LYS C 104 1.76 -13.02 -5.25
N ARG C 105 0.81 -12.62 -6.12
CA ARG C 105 0.79 -11.26 -6.70
C ARG C 105 0.28 -10.20 -5.77
N VAL C 106 -0.79 -10.47 -5.00
CA VAL C 106 -1.31 -9.45 -4.05
C VAL C 106 -0.34 -9.20 -2.91
N LYS C 107 0.23 -10.27 -2.35
CA LYS C 107 1.23 -10.21 -1.28
C LYS C 107 2.64 -9.81 -1.74
N ASP C 108 2.92 -9.91 -3.04
CA ASP C 108 4.23 -9.59 -3.68
C ASP C 108 5.38 -10.40 -3.04
N SER C 109 5.29 -11.74 -3.12
CA SER C 109 6.16 -12.67 -2.39
C SER C 109 5.94 -14.10 -2.87
N GLU C 110 7.05 -14.84 -3.10
CA GLU C 110 6.98 -16.24 -3.56
C GLU C 110 6.62 -17.13 -2.34
N ASP C 111 6.93 -16.66 -1.12
CA ASP C 111 6.78 -17.38 0.13
C ASP C 111 5.85 -16.68 1.12
N VAL C 112 4.59 -17.11 1.18
CA VAL C 112 3.52 -16.63 2.07
C VAL C 112 3.01 -17.84 2.88
N PRO C 113 2.66 -17.66 4.17
CA PRO C 113 2.08 -18.79 4.96
C PRO C 113 0.81 -19.30 4.32
N MET C 114 0.85 -20.58 3.97
CA MET C 114 -0.24 -21.24 3.21
C MET C 114 -0.33 -22.70 3.59
N VAL C 115 -1.56 -23.22 3.58
CA VAL C 115 -1.83 -24.63 3.76
C VAL C 115 -2.74 -25.07 2.61
N LEU C 116 -2.41 -26.22 1.97
CA LEU C 116 -3.26 -26.81 0.94
C LEU C 116 -4.23 -27.77 1.65
N VAL C 117 -5.54 -27.58 1.41
CA VAL C 117 -6.59 -28.38 2.05
C VAL C 117 -7.42 -29.12 1.01
N GLY C 118 -7.47 -30.45 1.11
CA GLY C 118 -8.30 -31.30 0.27
C GLY C 118 -9.51 -31.69 1.11
N ASN C 119 -10.60 -30.93 0.97
CA ASN C 119 -11.82 -31.12 1.75
C ASN C 119 -12.74 -32.21 1.23
N LYS C 120 -13.73 -32.63 2.05
CA LYS C 120 -14.75 -33.68 1.76
C LYS C 120 -14.11 -35.07 1.69
N CYS C 121 -13.05 -35.33 2.47
CA CYS C 121 -12.37 -36.64 2.47
C CYS C 121 -13.23 -37.74 3.17
N ASP C 122 -14.36 -37.40 3.81
CA ASP C 122 -15.33 -38.34 4.38
C ASP C 122 -16.09 -39.08 3.31
N LEU C 123 -15.97 -38.64 2.02
CA LEU C 123 -16.63 -39.18 0.84
C LEU C 123 -15.90 -40.46 0.30
N PRO C 124 -16.62 -41.56 0.08
CA PRO C 124 -16.02 -42.89 -0.03
C PRO C 124 -15.05 -43.09 -1.21
N SER C 125 -15.23 -42.24 -2.24
CA SER C 125 -14.33 -42.11 -3.38
C SER C 125 -13.90 -40.64 -3.73
N ARG C 126 -12.71 -40.53 -4.31
CA ARG C 126 -12.14 -39.32 -4.79
C ARG C 126 -11.98 -39.30 -6.30
N THR C 127 -12.07 -38.13 -6.96
CA THR C 127 -11.67 -37.95 -8.36
C THR C 127 -10.22 -37.35 -8.35
N VAL C 128 -9.75 -36.83 -7.20
CA VAL C 128 -8.54 -36.02 -7.22
C VAL C 128 -7.41 -36.74 -6.51
N ASP C 129 -6.36 -37.06 -7.24
CA ASP C 129 -5.25 -37.99 -6.81
C ASP C 129 -4.52 -37.46 -5.56
N THR C 130 -4.31 -38.32 -4.53
CA THR C 130 -3.65 -37.86 -3.33
C THR C 130 -2.18 -37.49 -3.64
N LYS C 131 -1.51 -38.24 -4.53
CA LYS C 131 -0.13 -37.98 -5.02
C LYS C 131 -0.03 -36.67 -5.77
N GLN C 132 -0.96 -36.40 -6.68
CA GLN C 132 -1.03 -35.13 -7.44
C GLN C 132 -1.09 -33.93 -6.50
N ALA C 133 -1.94 -34.02 -5.45
CA ALA C 133 -2.12 -32.97 -4.44
C ALA C 133 -0.87 -32.84 -3.55
N GLN C 134 -0.32 -33.99 -3.13
CA GLN C 134 0.91 -34.00 -2.32
C GLN C 134 2.09 -33.39 -3.09
N ASP C 135 2.20 -33.71 -4.41
CA ASP C 135 3.26 -33.15 -5.28
C ASP C 135 3.13 -31.67 -5.43
N LEU C 136 1.90 -31.14 -5.61
CA LEU C 136 1.65 -29.68 -5.73
C LEU C 136 2.03 -28.93 -4.46
N ALA C 137 1.65 -29.44 -3.28
CA ALA C 137 2.01 -28.82 -1.99
C ALA C 137 3.55 -28.87 -1.80
N ARG C 138 4.14 -30.01 -2.19
CA ARG C 138 5.60 -30.22 -2.09
C ARG C 138 6.34 -29.28 -3.07
N SER C 139 5.72 -28.95 -4.21
CA SER C 139 6.29 -28.01 -5.18
C SER C 139 6.12 -26.57 -4.67
N TYR C 140 5.08 -26.31 -3.87
CA TYR C 140 4.83 -24.97 -3.28
C TYR C 140 5.57 -24.76 -1.97
N GLY C 141 6.06 -25.85 -1.37
CA GLY C 141 6.76 -25.84 -0.08
C GLY C 141 5.82 -25.53 1.07
N ILE C 142 4.62 -26.10 1.05
CA ILE C 142 3.56 -25.83 2.04
C ILE C 142 2.91 -27.15 2.50
N PRO C 143 2.29 -27.20 3.69
CA PRO C 143 1.63 -28.44 4.12
C PRO C 143 0.40 -28.75 3.30
N PHE C 144 0.10 -30.05 3.14
CA PHE C 144 -1.16 -30.53 2.53
C PHE C 144 -1.90 -31.33 3.62
N ILE C 145 -3.15 -30.95 3.89
CA ILE C 145 -3.97 -31.62 4.94
C ILE C 145 -5.32 -32.04 4.36
N GLU C 146 -5.71 -33.33 4.56
CA GLU C 146 -7.01 -33.82 4.13
C GLU C 146 -8.01 -33.50 5.25
N THR C 147 -9.18 -33.00 4.86
CA THR C 147 -10.18 -32.53 5.82
C THR C 147 -11.57 -32.99 5.47
N SER C 148 -12.43 -33.05 6.47
CA SER C 148 -13.84 -33.32 6.31
C SER C 148 -14.57 -32.40 7.21
N ALA C 149 -15.23 -31.43 6.65
CA ALA C 149 -16.06 -30.50 7.46
C ALA C 149 -17.27 -31.23 8.08
N LYS C 150 -17.61 -32.43 7.59
CA LYS C 150 -18.70 -33.28 8.08
C LYS C 150 -18.33 -34.07 9.35
N THR C 151 -17.15 -34.70 9.36
CA THR C 151 -16.66 -35.51 10.51
C THR C 151 -15.67 -34.76 11.43
N ARG C 152 -15.28 -33.53 11.06
CA ARG C 152 -14.32 -32.66 11.77
C ARG C 152 -12.86 -33.13 11.61
N GLN C 153 -12.64 -34.22 10.86
CA GLN C 153 -11.30 -34.77 10.55
C GLN C 153 -10.40 -33.75 9.92
N GLY C 154 -9.26 -33.53 10.55
CA GLY C 154 -8.21 -32.59 10.04
C GLY C 154 -8.58 -31.13 10.12
N VAL C 155 -9.79 -30.76 10.58
CA VAL C 155 -10.27 -29.36 10.54
C VAL C 155 -9.46 -28.43 11.45
N ASP C 156 -9.27 -28.81 12.73
CA ASP C 156 -8.44 -28.05 13.68
C ASP C 156 -7.00 -28.06 13.21
N ASP C 157 -6.53 -29.24 12.76
CA ASP C 157 -5.17 -29.42 12.23
C ASP C 157 -4.84 -28.42 11.11
N ALA C 158 -5.75 -28.24 10.14
CA ALA C 158 -5.58 -27.30 9.01
C ALA C 158 -5.40 -25.88 9.51
N PHE C 159 -6.31 -25.43 10.39
CA PHE C 159 -6.23 -24.07 10.96
C PHE C 159 -5.06 -23.90 11.92
N TYR C 160 -4.69 -24.96 12.67
CA TYR C 160 -3.57 -24.97 13.65
C TYR C 160 -2.26 -24.83 12.90
N THR C 161 -2.05 -25.67 11.88
CA THR C 161 -0.84 -25.72 11.06
C THR C 161 -0.57 -24.37 10.42
N LEU C 162 -1.63 -23.69 9.92
CA LEU C 162 -1.48 -22.37 9.33
C LEU C 162 -0.95 -21.32 10.32
N VAL C 163 -1.44 -21.36 11.57
CA VAL C 163 -0.99 -20.48 12.66
C VAL C 163 0.48 -20.78 12.96
N ARG C 164 0.86 -22.09 12.98
CA ARG C 164 2.23 -22.54 13.19
C ARG C 164 3.14 -22.00 12.06
N GLU C 165 2.63 -21.99 10.80
CA GLU C 165 3.35 -21.46 9.62
C GLU C 165 3.56 -19.96 9.67
N ILE C 166 2.65 -19.22 10.32
CA ILE C 166 2.78 -17.76 10.50
C ILE C 166 3.88 -17.47 11.55
N ARG C 167 3.91 -18.28 12.63
CA ARG C 167 4.91 -18.19 13.72
C ARG C 167 6.33 -18.46 13.10
N LYS C 168 6.50 -19.47 12.23
CA LYS C 168 7.85 -20.01 11.77
C LYS C 168 8.97 -18.96 11.54
N MET D 22 -44.37 -31.94 -2.39
CA MET D 22 -43.71 -30.64 -2.76
C MET D 22 -43.60 -29.81 -1.47
N ASP D 23 -42.42 -29.80 -0.86
CA ASP D 23 -42.07 -28.75 0.14
C ASP D 23 -41.92 -27.40 -0.57
N LEU D 24 -42.90 -26.51 -0.36
CA LEU D 24 -42.97 -25.23 -1.06
C LEU D 24 -42.10 -24.22 -0.34
N GLY D 25 -41.71 -24.56 0.88
CA GLY D 25 -40.72 -23.79 1.61
C GLY D 25 -39.40 -23.68 0.89
N LYS D 26 -38.85 -24.84 0.45
CA LYS D 26 -37.62 -24.89 -0.37
C LYS D 26 -37.94 -24.16 -1.71
N LYS D 27 -39.08 -24.46 -2.39
CA LYS D 27 -39.39 -23.76 -3.69
C LYS D 27 -39.53 -22.22 -3.46
N LEU D 28 -39.91 -21.77 -2.26
CA LEU D 28 -40.05 -20.31 -1.97
C LEU D 28 -38.74 -19.63 -1.69
N LEU D 29 -37.92 -20.25 -0.85
CA LEU D 29 -36.55 -19.78 -0.61
C LEU D 29 -35.77 -19.61 -1.90
N GLU D 30 -35.79 -20.63 -2.73
CA GLU D 30 -35.07 -20.58 -3.97
C GLU D 30 -35.55 -19.39 -4.79
N ALA D 31 -36.87 -19.18 -4.80
CA ALA D 31 -37.48 -18.13 -5.62
C ALA D 31 -37.12 -16.78 -5.10
N ALA D 32 -37.12 -16.64 -3.78
CA ALA D 32 -36.68 -15.42 -3.16
C ALA D 32 -35.25 -15.08 -3.50
N ARG D 33 -34.35 -16.06 -3.40
CA ARG D 33 -32.94 -15.86 -3.77
C ARG D 33 -32.82 -15.43 -5.23
N ALA D 34 -33.53 -16.12 -6.10
CA ALA D 34 -33.38 -15.91 -7.54
C ALA D 34 -34.06 -14.68 -8.08
N GLY D 35 -34.78 -13.96 -7.24
CA GLY D 35 -35.47 -12.74 -7.69
C GLY D 35 -36.68 -12.97 -8.60
N GLN D 36 -37.30 -14.13 -8.49
CA GLN D 36 -38.47 -14.45 -9.30
C GLN D 36 -39.71 -14.06 -8.54
N ASP D 37 -40.12 -12.80 -8.71
CA ASP D 37 -41.26 -12.22 -7.97
C ASP D 37 -42.61 -12.91 -8.31
N ASP D 38 -42.74 -13.45 -9.52
CA ASP D 38 -43.94 -14.20 -9.92
C ASP D 38 -44.06 -15.45 -9.13
N GLU D 39 -42.99 -16.21 -9.14
CA GLU D 39 -42.97 -17.50 -8.43
C GLU D 39 -43.27 -17.31 -6.96
N VAL D 40 -42.73 -16.26 -6.36
CA VAL D 40 -42.99 -15.98 -4.94
C VAL D 40 -44.46 -15.66 -4.69
N ARG D 41 -45.05 -14.79 -5.52
CA ARG D 41 -46.52 -14.51 -5.48
C ARG D 41 -47.39 -15.77 -5.54
N ILE D 42 -47.10 -16.62 -6.52
CA ILE D 42 -47.79 -17.90 -6.74
C ILE D 42 -47.63 -18.83 -5.54
N LEU D 43 -46.40 -19.06 -5.14
CA LEU D 43 -46.07 -19.99 -4.07
C LEU D 43 -46.79 -19.66 -2.79
N MET D 44 -46.88 -18.39 -2.47
CA MET D 44 -47.59 -18.00 -1.27
C MET D 44 -49.07 -18.14 -1.41
N ALA D 45 -49.63 -17.76 -2.57
CA ALA D 45 -51.01 -18.04 -2.87
C ALA D 45 -51.41 -19.48 -2.55
N ASN D 46 -50.54 -20.46 -2.85
CA ASN D 46 -50.76 -21.88 -2.42
C ASN D 46 -50.22 -22.22 -0.99
N GLY D 47 -50.27 -21.26 -0.07
CA GLY D 47 -50.01 -21.51 1.35
C GLY D 47 -48.59 -21.88 1.73
N ALA D 48 -47.61 -21.56 0.89
CA ALA D 48 -46.21 -21.68 1.28
C ALA D 48 -45.98 -20.68 2.39
N ASP D 49 -45.19 -21.09 3.37
CA ASP D 49 -45.02 -20.35 4.60
C ASP D 49 -43.90 -19.31 4.49
N VAL D 50 -44.20 -18.03 4.56
CA VAL D 50 -43.16 -16.98 4.44
C VAL D 50 -42.04 -17.00 5.46
N ASN D 51 -42.23 -17.77 6.52
CA ASN D 51 -41.17 -18.04 7.44
C ASN D 51 -40.74 -19.48 7.40
N ALA D 52 -40.50 -19.96 6.19
CA ALA D 52 -39.71 -21.16 6.01
C ALA D 52 -38.28 -20.85 6.37
N HIS D 53 -37.49 -21.88 6.64
CA HIS D 53 -36.06 -21.68 6.80
C HIS D 53 -35.22 -22.91 6.49
N ASP D 54 -34.10 -22.68 5.82
CA ASP D 54 -33.14 -23.74 5.52
C ASP D 54 -32.52 -24.29 6.82
N THR D 55 -31.68 -25.31 6.70
CA THR D 55 -31.00 -25.91 7.86
C THR D 55 -30.04 -24.98 8.58
N PHE D 56 -29.90 -23.72 8.17
CA PHE D 56 -29.14 -22.73 8.92
C PHE D 56 -29.99 -21.51 9.30
N GLY D 57 -31.31 -21.59 9.19
CA GLY D 57 -32.19 -20.52 9.68
C GLY D 57 -32.45 -19.31 8.81
N PHE D 58 -31.97 -19.34 7.54
CA PHE D 58 -32.31 -18.28 6.56
C PHE D 58 -33.80 -18.32 6.22
N THR D 59 -34.51 -17.23 6.41
CA THR D 59 -35.87 -17.08 5.92
C THR D 59 -35.81 -16.53 4.50
N PRO D 60 -36.94 -16.59 3.77
CA PRO D 60 -37.03 -15.98 2.45
C PRO D 60 -36.69 -14.51 2.48
N LEU D 61 -37.07 -13.86 3.58
CA LEU D 61 -36.69 -12.47 3.79
C LEU D 61 -35.17 -12.26 3.86
N HIS D 62 -34.45 -13.13 4.56
CA HIS D 62 -32.97 -13.08 4.57
C HIS D 62 -32.41 -13.10 3.17
N LEU D 63 -32.80 -14.14 2.45
CA LEU D 63 -32.27 -14.33 1.14
C LEU D 63 -32.59 -13.12 0.27
N ALA D 64 -33.82 -12.62 0.32
CA ALA D 64 -34.23 -11.50 -0.57
C ALA D 64 -33.44 -10.27 -0.26
N ALA D 65 -33.26 -10.04 1.04
CA ALA D 65 -32.44 -8.92 1.51
C ALA D 65 -31.00 -9.07 1.06
N LEU D 66 -30.42 -10.24 1.29
CA LEU D 66 -29.04 -10.48 0.91
C LEU D 66 -28.82 -10.24 -0.59
N TYR D 67 -29.74 -10.70 -1.40
CA TYR D 67 -29.52 -10.71 -2.82
C TYR D 67 -30.08 -9.48 -3.53
N GLY D 68 -30.67 -8.56 -2.80
CA GLY D 68 -31.05 -7.22 -3.34
C GLY D 68 -32.39 -7.06 -4.06
N HIS D 69 -33.39 -7.75 -3.54
CA HIS D 69 -34.61 -7.97 -4.27
C HIS D 69 -35.69 -7.25 -3.56
N LEU D 70 -35.82 -5.98 -3.93
CA LEU D 70 -36.66 -5.05 -3.17
C LEU D 70 -38.14 -5.38 -3.28
N GLU D 71 -38.65 -5.60 -4.51
CA GLU D 71 -40.06 -5.95 -4.68
C GLU D 71 -40.36 -7.19 -3.83
N ILE D 72 -39.54 -8.22 -3.93
CA ILE D 72 -39.75 -9.43 -3.12
C ILE D 72 -39.71 -9.15 -1.60
N VAL D 73 -38.79 -8.31 -1.15
CA VAL D 73 -38.67 -8.04 0.28
C VAL D 73 -39.96 -7.47 0.79
N GLU D 74 -40.48 -6.48 0.06
CA GLU D 74 -41.77 -5.84 0.39
C GLU D 74 -42.93 -6.82 0.38
N VAL D 75 -43.02 -7.67 -0.66
CA VAL D 75 -44.18 -8.55 -0.76
C VAL D 75 -44.14 -9.59 0.37
N LEU D 76 -42.94 -10.00 0.77
CA LEU D 76 -42.78 -10.89 1.93
C LEU D 76 -43.20 -10.23 3.23
N LEU D 77 -42.75 -8.98 3.44
CA LEU D 77 -43.11 -8.26 4.66
C LEU D 77 -44.60 -8.00 4.70
N LYS D 78 -45.16 -7.41 3.64
CA LYS D 78 -46.61 -7.22 3.52
C LYS D 78 -47.38 -8.50 3.81
N ASN D 79 -46.81 -9.67 3.47
CA ASN D 79 -47.41 -11.00 3.78
C ASN D 79 -47.00 -11.62 5.13
N GLY D 80 -46.45 -10.81 6.02
CA GLY D 80 -46.32 -11.15 7.44
C GLY D 80 -45.06 -11.90 7.76
N ALA D 81 -44.06 -11.75 6.90
CA ALA D 81 -42.77 -12.33 7.18
C ALA D 81 -42.23 -11.68 8.42
N ASP D 82 -41.44 -12.45 9.16
CA ASP D 82 -40.79 -11.97 10.37
C ASP D 82 -39.55 -11.19 9.93
N VAL D 83 -39.48 -9.92 10.35
CA VAL D 83 -38.41 -8.98 9.96
C VAL D 83 -37.12 -9.08 10.81
N ASN D 84 -37.30 -9.62 12.02
CA ASN D 84 -36.23 -9.83 12.98
C ASN D 84 -35.91 -11.29 13.25
N ALA D 85 -36.28 -12.12 12.28
CA ALA D 85 -35.84 -13.49 12.23
C ALA D 85 -34.33 -13.48 12.15
N ASP D 86 -33.68 -14.49 12.75
CA ASP D 86 -32.24 -14.61 12.65
C ASP D 86 -31.75 -16.03 12.42
N ASP D 87 -30.70 -16.11 11.58
CA ASP D 87 -30.07 -17.36 11.23
C ASP D 87 -29.34 -17.95 12.44
N SER D 88 -28.69 -19.09 12.27
CA SER D 88 -28.04 -19.77 13.39
C SER D 88 -26.77 -19.10 13.89
N TYR D 89 -26.33 -18.05 13.20
CA TYR D 89 -25.26 -17.16 13.69
C TYR D 89 -25.80 -15.81 14.14
N GLY D 90 -27.11 -15.69 14.33
CA GLY D 90 -27.71 -14.53 14.92
C GLY D 90 -27.94 -13.33 14.01
N ARG D 91 -27.81 -13.49 12.69
CA ARG D 91 -27.99 -12.35 11.78
C ARG D 91 -29.44 -12.15 11.35
N THR D 92 -29.99 -10.94 11.58
CA THR D 92 -31.27 -10.53 11.01
C THR D 92 -31.13 -10.23 9.52
N PRO D 93 -32.26 -10.21 8.79
CA PRO D 93 -32.25 -9.71 7.42
C PRO D 93 -31.64 -8.33 7.29
N LEU D 94 -31.93 -7.45 8.25
CA LEU D 94 -31.26 -6.16 8.29
C LEU D 94 -29.71 -6.29 8.32
N HIS D 95 -29.17 -7.25 9.10
CA HIS D 95 -27.72 -7.51 9.11
C HIS D 95 -27.27 -7.77 7.71
N LEU D 96 -27.92 -8.70 7.05
CA LEU D 96 -27.51 -9.08 5.72
C LEU D 96 -27.67 -7.93 4.71
N ALA D 97 -28.75 -7.16 4.79
CA ALA D 97 -28.95 -6.02 3.87
C ALA D 97 -27.85 -4.99 4.04
N ALA D 98 -27.44 -4.76 5.28
CA ALA D 98 -26.25 -3.95 5.57
C ALA D 98 -24.98 -4.59 5.01
N MET D 99 -24.78 -5.89 5.23
CA MET D 99 -23.62 -6.59 4.69
C MET D 99 -23.39 -6.31 3.22
N ARG D 100 -24.44 -6.35 2.42
CA ARG D 100 -24.32 -6.18 0.97
C ARG D 100 -24.35 -4.77 0.44
N GLY D 101 -24.85 -3.81 1.22
CA GLY D 101 -24.96 -2.45 0.75
C GLY D 101 -26.21 -2.23 -0.06
N HIS D 102 -27.29 -2.86 0.35
CA HIS D 102 -28.58 -2.71 -0.31
C HIS D 102 -29.38 -1.70 0.48
N LEU D 103 -29.12 -0.43 0.15
CA LEU D 103 -29.58 0.72 0.93
C LEU D 103 -31.09 0.86 1.04
N GLU D 104 -31.76 0.83 -0.11
CA GLU D 104 -33.22 0.96 -0.18
C GLU D 104 -33.88 -0.18 0.61
N ILE D 105 -33.25 -1.35 0.64
CA ILE D 105 -33.77 -2.49 1.44
C ILE D 105 -33.63 -2.24 2.95
N VAL D 106 -32.47 -1.78 3.38
CA VAL D 106 -32.24 -1.39 4.77
C VAL D 106 -33.35 -0.47 5.30
N GLU D 107 -33.72 0.51 4.49
CA GLU D 107 -34.75 1.48 4.87
C GLU D 107 -36.10 0.81 5.05
N VAL D 108 -36.53 -0.03 4.11
CA VAL D 108 -37.88 -0.59 4.23
C VAL D 108 -37.90 -1.61 5.35
N LEU D 109 -36.77 -2.28 5.62
CA LEU D 109 -36.69 -3.20 6.77
C LEU D 109 -36.92 -2.44 8.05
N LEU D 110 -36.36 -1.24 8.11
CA LEU D 110 -36.57 -0.37 9.24
C LEU D 110 -38.01 0.09 9.24
N LYS D 111 -38.50 0.66 8.13
CA LYS D 111 -39.94 1.11 8.05
C LYS D 111 -40.90 0.06 8.59
N TYR D 112 -40.55 -1.24 8.48
CA TYR D 112 -41.41 -2.34 8.95
C TYR D 112 -40.99 -2.94 10.29
N GLY D 113 -40.06 -2.31 10.98
CA GLY D 113 -39.83 -2.60 12.40
C GLY D 113 -38.60 -3.39 12.71
N ALA D 114 -37.66 -3.44 11.79
CA ALA D 114 -36.37 -4.09 12.05
C ALA D 114 -35.67 -3.41 13.23
N ASP D 115 -35.01 -4.22 14.07
CA ASP D 115 -34.24 -3.76 15.21
C ASP D 115 -32.90 -3.27 14.63
N VAL D 116 -32.61 -1.98 14.82
CA VAL D 116 -31.38 -1.38 14.38
C VAL D 116 -30.22 -1.95 15.17
N ASN D 117 -30.39 -2.12 16.48
CA ASN D 117 -29.30 -2.57 17.35
C ASN D 117 -29.27 -4.09 17.58
N ALA D 118 -29.87 -4.86 16.68
CA ALA D 118 -29.83 -6.30 16.81
C ALA D 118 -28.39 -6.82 16.80
N ALA D 119 -28.06 -7.78 17.67
CA ALA D 119 -26.70 -8.33 17.78
C ALA D 119 -26.64 -9.83 17.54
N ASP D 120 -25.71 -10.22 16.66
CA ASP D 120 -25.55 -11.61 16.23
C ASP D 120 -24.80 -12.37 17.28
N GLU D 121 -24.44 -13.61 17.03
CA GLU D 121 -23.71 -14.42 18.05
C GLU D 121 -22.36 -13.84 18.46
N GLU D 122 -21.74 -13.03 17.62
CA GLU D 122 -20.52 -12.34 18.01
C GLU D 122 -20.81 -11.00 18.69
N GLY D 123 -22.07 -10.59 18.72
CA GLY D 123 -22.44 -9.29 19.26
C GLY D 123 -22.40 -8.16 18.27
N ARG D 124 -22.33 -8.46 16.99
CA ARG D 124 -22.23 -7.41 15.99
C ARG D 124 -23.62 -6.96 15.60
N THR D 125 -23.78 -5.64 15.58
CA THR D 125 -24.97 -5.00 15.03
C THR D 125 -24.74 -4.72 13.57
N PRO D 126 -25.82 -4.40 12.86
CA PRO D 126 -25.72 -3.95 11.49
C PRO D 126 -24.73 -2.79 11.29
N LEU D 127 -24.67 -1.86 12.22
CA LEU D 127 -23.67 -0.82 12.15
C LEU D 127 -22.24 -1.40 12.02
N HIS D 128 -21.90 -2.38 12.85
CA HIS D 128 -20.56 -3.02 12.75
C HIS D 128 -20.28 -3.60 11.38
N LEU D 129 -21.24 -4.35 10.89
CA LEU D 129 -21.09 -5.00 9.63
C LEU D 129 -20.93 -3.98 8.51
N ALA D 130 -21.80 -2.97 8.47
CA ALA D 130 -21.70 -1.96 7.39
C ALA D 130 -20.38 -1.21 7.44
N ALA D 131 -20.05 -0.75 8.64
CA ALA D 131 -18.78 -0.10 8.93
C ALA D 131 -17.62 -0.91 8.43
N LYS D 132 -17.67 -2.19 8.71
CA LYS D 132 -16.58 -3.11 8.41
C LYS D 132 -16.38 -3.25 6.89
N ARG D 133 -17.47 -3.22 6.13
CA ARG D 133 -17.42 -3.37 4.69
C ARG D 133 -17.15 -2.05 3.96
N GLY D 134 -17.32 -0.94 4.66
CA GLY D 134 -17.10 0.38 4.08
C GLY D 134 -18.33 1.01 3.46
N HIS D 135 -19.51 0.49 3.80
CA HIS D 135 -20.80 0.99 3.27
C HIS D 135 -21.32 2.22 4.03
N LEU D 136 -20.74 3.36 3.71
CA LEU D 136 -20.88 4.56 4.49
C LEU D 136 -22.27 5.18 4.43
N GLU D 137 -22.93 5.07 3.28
CA GLU D 137 -24.31 5.58 3.12
C GLU D 137 -25.24 4.81 4.08
N ILE D 138 -25.01 3.51 4.24
CA ILE D 138 -25.78 2.67 5.15
C ILE D 138 -25.47 2.95 6.61
N VAL D 139 -24.22 3.27 6.90
CA VAL D 139 -23.80 3.66 8.25
C VAL D 139 -24.58 4.96 8.64
N GLU D 140 -24.51 5.98 7.78
CA GLU D 140 -25.28 7.22 7.96
C GLU D 140 -26.76 6.94 8.28
N VAL D 141 -27.39 6.08 7.50
CA VAL D 141 -28.83 5.81 7.64
C VAL D 141 -29.18 5.01 8.89
N LEU D 142 -28.37 4.00 9.21
CA LEU D 142 -28.55 3.25 10.44
C LEU D 142 -28.51 4.19 11.67
N LEU D 143 -27.54 5.10 11.67
CA LEU D 143 -27.40 6.04 12.76
C LEU D 143 -28.62 6.91 12.87
N LYS D 144 -29.08 7.42 11.74
CA LYS D 144 -30.27 8.23 11.74
C LYS D 144 -31.51 7.52 12.29
N ASN D 145 -31.55 6.19 12.21
CA ASN D 145 -32.65 5.43 12.81
C ASN D 145 -32.35 4.90 14.19
N GLY D 146 -31.37 5.47 14.84
CA GLY D 146 -31.13 5.17 16.24
C GLY D 146 -30.15 4.07 16.48
N ALA D 147 -29.17 3.93 15.59
CA ALA D 147 -28.09 2.98 15.84
C ALA D 147 -27.25 3.51 16.93
N ASP D 148 -26.77 2.62 17.78
CA ASP D 148 -25.90 2.98 18.89
C ASP D 148 -24.40 3.00 18.46
N VAL D 149 -23.94 4.12 17.91
CA VAL D 149 -22.52 4.39 17.61
C VAL D 149 -21.53 3.59 18.43
N ASN D 150 -21.73 3.55 19.76
CA ASN D 150 -20.78 2.96 20.72
C ASN D 150 -20.96 1.52 21.19
N ALA D 151 -21.94 0.80 20.67
CA ALA D 151 -22.15 -0.58 21.05
C ALA D 151 -20.90 -1.40 20.78
N GLN D 152 -20.52 -2.20 21.77
CA GLN D 152 -19.40 -3.11 21.65
C GLN D 152 -19.87 -4.50 21.27
N ASP D 153 -19.20 -5.13 20.31
CA ASP D 153 -19.35 -6.58 20.10
C ASP D 153 -18.66 -7.34 21.24
N LYS D 154 -18.81 -8.66 21.32
CA LYS D 154 -18.29 -9.43 22.46
C LYS D 154 -16.79 -9.49 22.59
N PHE D 155 -16.06 -8.97 21.61
CA PHE D 155 -14.60 -8.84 21.72
C PHE D 155 -14.18 -7.39 22.04
N GLY D 156 -15.14 -6.52 22.32
CA GLY D 156 -14.87 -5.13 22.68
C GLY D 156 -14.97 -4.09 21.58
N LYS D 157 -14.98 -4.53 20.33
CA LYS D 157 -14.88 -3.63 19.19
C LYS D 157 -16.14 -2.79 19.03
N THR D 158 -15.98 -1.57 18.54
CA THR D 158 -17.06 -0.69 18.15
C THR D 158 -16.80 -0.18 16.75
N ALA D 159 -17.77 0.54 16.21
CA ALA D 159 -17.60 1.15 14.89
C ALA D 159 -16.30 1.92 14.75
N PHE D 160 -15.97 2.72 15.75
CA PHE D 160 -14.75 3.51 15.74
C PHE D 160 -13.50 2.65 15.79
N ASP D 161 -13.54 1.52 16.51
CA ASP D 161 -12.41 0.57 16.46
C ASP D 161 -12.20 0.08 15.04
N ILE D 162 -13.30 -0.25 14.39
CA ILE D 162 -13.29 -0.75 13.02
C ILE D 162 -12.74 0.29 12.02
N SER D 163 -13.04 1.57 12.22
CA SER D 163 -12.55 2.63 11.34
C SER D 163 -11.06 2.74 11.43
N ILE D 164 -10.54 2.73 12.65
CA ILE D 164 -9.10 2.76 12.89
C ILE D 164 -8.42 1.48 12.42
N ASP D 165 -9.04 0.33 12.68
CA ASP D 165 -8.48 -0.95 12.25
C ASP D 165 -8.37 -1.03 10.73
N ASN D 166 -9.24 -0.32 10.00
CA ASN D 166 -9.25 -0.31 8.54
C ASN D 166 -8.61 0.88 7.90
N GLY D 167 -8.18 1.86 8.69
CA GLY D 167 -7.62 3.09 8.12
C GLY D 167 -8.66 3.84 7.28
N ASN D 168 -9.94 3.58 7.54
CA ASN D 168 -10.99 4.24 6.83
C ASN D 168 -11.23 5.64 7.41
N GLU D 169 -10.77 6.62 6.65
CA GLU D 169 -10.77 8.02 7.08
C GLU D 169 -12.18 8.57 7.04
N ASP D 170 -12.85 8.33 5.93
CA ASP D 170 -14.23 8.79 5.71
C ASP D 170 -15.24 8.27 6.74
N LEU D 171 -15.01 7.07 7.27
CA LEU D 171 -15.88 6.45 8.26
C LEU D 171 -15.67 7.09 9.61
N ALA D 172 -14.42 7.20 10.01
CA ALA D 172 -14.10 7.82 11.31
C ALA D 172 -14.67 9.27 11.40
N GLU D 173 -14.67 9.98 10.27
CA GLU D 173 -15.30 11.32 10.17
C GLU D 173 -16.80 11.31 10.42
N ILE D 174 -17.52 10.45 9.71
CA ILE D 174 -18.95 10.25 9.94
C ILE D 174 -19.24 9.98 11.41
N LEU D 175 -18.42 9.14 12.05
CA LEU D 175 -18.63 8.81 13.45
C LEU D 175 -18.30 9.95 14.48
N GLN D 176 -18.00 11.16 14.03
CA GLN D 176 -17.94 12.34 14.91
C GLN D 176 -18.81 13.46 14.24
N LYS D 177 -18.29 14.10 13.18
CA LYS D 177 -19.15 14.86 12.20
C LYS D 177 -20.19 13.97 11.48
N MET E 4 46.18 17.41 18.06
CA MET E 4 45.59 16.06 18.31
C MET E 4 46.29 14.95 17.48
N THR E 5 46.36 13.75 18.05
CA THR E 5 47.05 12.63 17.44
C THR E 5 46.28 12.08 16.25
N GLU E 6 46.97 11.72 15.20
CA GLU E 6 46.37 11.15 13.97
C GLU E 6 46.86 9.71 13.86
N TYR E 7 45.94 8.77 13.70
CA TYR E 7 46.27 7.36 13.53
C TYR E 7 45.98 6.92 12.11
N LYS E 8 47.01 6.44 11.42
CA LYS E 8 46.83 5.91 10.04
C LYS E 8 46.44 4.41 10.14
N LEU E 9 45.16 4.12 9.98
CA LEU E 9 44.57 2.78 10.12
C LEU E 9 44.46 2.13 8.69
N VAL E 10 44.93 0.91 8.56
CA VAL E 10 44.71 0.20 7.24
C VAL E 10 43.67 -0.90 7.40
N VAL E 11 42.67 -0.91 6.53
CA VAL E 11 41.62 -1.98 6.56
C VAL E 11 41.96 -2.97 5.46
N VAL E 12 42.35 -4.20 5.81
CA VAL E 12 42.73 -5.23 4.82
C VAL E 12 41.83 -6.44 4.92
N GLY E 13 41.90 -7.28 3.91
CA GLY E 13 41.10 -8.50 3.85
C GLY E 13 40.54 -8.76 2.48
N ALA E 14 40.02 -9.97 2.29
CA ALA E 14 39.52 -10.43 0.97
C ALA E 14 38.36 -9.58 0.44
N VAL E 15 38.13 -9.59 -0.88
CA VAL E 15 37.01 -8.83 -1.47
C VAL E 15 35.68 -9.35 -0.93
N GLY E 16 34.73 -8.48 -0.56
CA GLY E 16 33.40 -8.89 -0.08
C GLY E 16 33.23 -9.27 1.39
N VAL E 17 34.25 -9.11 2.21
CA VAL E 17 34.18 -9.39 3.66
C VAL E 17 33.49 -8.26 4.44
N GLY E 18 33.34 -7.10 3.83
CA GLY E 18 32.66 -5.95 4.43
C GLY E 18 33.57 -4.86 4.95
N LYS E 19 34.75 -4.65 4.34
CA LYS E 19 35.71 -3.60 4.75
C LYS E 19 35.09 -2.19 4.60
N SER E 20 34.58 -1.88 3.40
CA SER E 20 33.94 -0.60 3.11
C SER E 20 32.67 -0.42 3.96
N ALA E 21 31.93 -1.50 4.15
CA ALA E 21 30.71 -1.44 4.94
C ALA E 21 31.05 -1.12 6.40
N LEU E 22 32.22 -1.58 6.88
CA LEU E 22 32.69 -1.28 8.24
C LEU E 22 33.13 0.18 8.35
N THR E 23 33.95 0.67 7.41
CA THR E 23 34.45 2.05 7.34
C THR E 23 33.29 3.09 7.32
N ILE E 24 32.27 2.87 6.47
CA ILE E 24 31.11 3.73 6.33
C ILE E 24 30.18 3.66 7.56
N GLN E 25 30.02 2.48 8.17
CA GLN E 25 29.23 2.38 9.41
C GLN E 25 29.89 3.15 10.55
N LEU E 26 31.22 3.14 10.62
CA LEU E 26 31.97 3.88 11.65
C LEU E 26 31.88 5.40 11.47
N ILE E 27 32.17 5.90 10.25
CA ILE E 27 32.19 7.35 9.97
C ILE E 27 30.80 7.96 9.70
N GLN E 28 29.90 7.27 8.97
CA GLN E 28 28.58 7.79 8.58
C GLN E 28 27.39 7.28 9.38
N ASN E 29 27.59 6.28 10.26
CA ASN E 29 26.54 5.62 11.08
C ASN E 29 25.39 4.98 10.27
N HIS E 30 25.74 4.41 9.11
CA HIS E 30 24.84 3.82 8.12
C HIS E 30 25.40 2.55 7.44
N PHE E 31 24.52 1.54 7.21
CA PHE E 31 24.89 0.28 6.62
C PHE E 31 24.71 0.39 5.12
N VAL E 32 25.69 -0.07 4.36
CA VAL E 32 25.52 -0.23 2.92
C VAL E 32 25.56 -1.69 2.51
N ASP E 33 24.44 -2.20 2.00
CA ASP E 33 24.46 -3.22 0.88
C ASP E 33 24.99 -2.48 -0.35
N GLU E 34 25.28 -3.14 -1.45
CA GLU E 34 25.82 -2.41 -2.63
C GLU E 34 26.75 -1.18 -2.34
N TYR E 35 28.02 -1.43 -2.12
CA TYR E 35 29.05 -0.41 -2.24
C TYR E 35 30.07 -0.95 -3.24
N ASP E 36 30.51 -0.14 -4.22
CA ASP E 36 31.35 -0.66 -5.31
C ASP E 36 32.62 -1.30 -4.78
N PRO E 37 32.95 -2.47 -5.28
CA PRO E 37 34.02 -3.21 -4.68
C PRO E 37 35.47 -2.77 -5.02
N THR E 38 35.68 -1.85 -5.95
CA THR E 38 37.04 -1.42 -6.28
C THR E 38 37.40 0.05 -5.88
N ILE E 39 36.59 0.72 -5.07
CA ILE E 39 36.87 2.10 -4.72
C ILE E 39 37.74 2.04 -3.47
N GLU E 40 38.97 2.50 -3.64
CA GLU E 40 39.91 2.60 -2.56
C GLU E 40 40.07 4.07 -2.17
N ASP E 41 39.37 4.48 -1.13
CA ASP E 41 39.50 5.85 -0.60
C ASP E 41 39.93 5.78 0.84
N SER E 42 40.41 6.91 1.34
CA SER E 42 40.77 7.04 2.71
C SER E 42 39.79 8.02 3.29
N TYR E 43 38.97 7.48 4.15
CA TYR E 43 37.99 8.26 4.94
C TYR E 43 38.58 8.64 6.29
N ARG E 44 38.18 9.82 6.81
CA ARG E 44 38.63 10.35 8.10
C ARG E 44 37.49 10.61 9.07
N LYS E 45 37.79 10.56 10.36
CA LYS E 45 36.82 10.63 11.43
C LYS E 45 37.51 11.13 12.69
N GLN E 46 37.00 12.25 13.24
CA GLN E 46 37.41 12.74 14.55
C GLN E 46 36.62 11.95 15.57
N VAL E 47 37.30 11.33 16.54
CA VAL E 47 36.64 10.64 17.71
C VAL E 47 37.28 11.02 19.05
N VAL E 48 36.65 10.60 20.15
CA VAL E 48 37.24 10.69 21.53
C VAL E 48 37.45 9.26 21.99
N ILE E 49 38.72 8.86 22.11
CA ILE E 49 39.11 7.53 22.65
C ILE E 49 39.83 7.78 23.98
N ASP E 50 39.25 7.29 25.09
CA ASP E 50 39.87 7.35 26.44
C ASP E 50 40.28 8.79 26.84
N GLY E 51 39.41 9.75 26.55
CA GLY E 51 39.64 11.17 26.91
C GLY E 51 40.63 11.98 26.04
N GLU E 52 41.16 11.35 24.99
CA GLU E 52 42.02 12.00 24.00
C GLU E 52 41.29 12.12 22.65
N THR E 53 40.88 13.34 22.29
CA THR E 53 40.38 13.63 20.92
C THR E 53 41.50 13.22 20.00
N CYS E 54 41.17 12.42 19.03
CA CYS E 54 42.12 12.06 18.03
C CYS E 54 41.44 11.88 16.71
N LEU E 55 42.28 11.88 15.68
CA LEU E 55 41.84 11.82 14.30
C LEU E 55 42.16 10.47 13.64
N LEU E 56 41.14 9.80 13.05
CA LEU E 56 41.35 8.56 12.34
C LEU E 56 41.48 8.76 10.86
N ASP E 57 42.54 8.25 10.23
CA ASP E 57 42.78 8.41 8.81
C ASP E 57 42.85 6.95 8.27
N ILE E 58 41.67 6.48 7.89
CA ILE E 58 41.44 5.04 7.57
C ILE E 58 41.56 4.81 6.09
N LEU E 59 42.49 3.91 5.69
CA LEU E 59 42.50 3.44 4.25
C LEU E 59 41.70 2.15 4.14
N ASP E 60 40.72 2.12 3.24
CA ASP E 60 39.83 0.96 3.05
C ASP E 60 40.36 0.42 1.76
N THR E 61 41.22 -0.62 1.82
CA THR E 61 41.84 -1.21 0.61
C THR E 61 40.77 -1.86 -0.32
N ALA E 62 40.86 -1.65 -1.62
CA ALA E 62 40.02 -2.32 -2.61
C ALA E 62 40.97 -2.52 -3.73
N GLY E 63 40.45 -3.10 -4.79
CA GLY E 63 41.15 -3.31 -6.06
C GLY E 63 42.57 -3.85 -6.08
N GLN E 64 42.87 -4.80 -5.19
CA GLN E 64 44.26 -5.14 -4.84
C GLN E 64 44.83 -5.84 -6.07
N GLU E 65 43.94 -6.29 -6.98
CA GLU E 65 44.32 -6.86 -8.30
C GLU E 65 45.32 -5.98 -9.02
N GLU E 66 45.02 -4.69 -9.07
CA GLU E 66 45.87 -3.65 -9.72
C GLU E 66 46.83 -2.97 -8.74
N TYR E 67 47.91 -2.36 -9.25
CA TYR E 67 48.91 -1.61 -8.41
C TYR E 67 48.49 -0.24 -7.92
N SER E 68 48.80 0.08 -6.65
CA SER E 68 48.57 1.42 -6.05
C SER E 68 49.71 2.13 -5.26
N ALA E 69 50.10 3.25 -5.86
CA ALA E 69 51.03 4.24 -5.29
C ALA E 69 50.64 4.65 -3.87
N MET E 70 49.39 5.10 -3.69
CA MET E 70 48.86 5.52 -2.38
C MET E 70 48.58 4.37 -1.40
N ARG E 71 48.17 3.20 -1.89
CA ARG E 71 47.96 2.00 -1.04
C ARG E 71 49.30 1.53 -0.46
N ASP E 72 50.34 1.42 -1.30
CA ASP E 72 51.72 1.03 -0.85
C ASP E 72 52.25 2.02 0.20
N GLN E 73 52.06 3.34 -0.05
CA GLN E 73 52.48 4.38 0.89
C GLN E 73 51.77 4.25 2.26
N TYR E 74 50.47 3.95 2.26
CA TYR E 74 49.67 3.69 3.48
C TYR E 74 50.22 2.49 4.19
N MET E 75 50.56 1.42 3.44
CA MET E 75 51.12 0.17 4.00
C MET E 75 52.50 0.40 4.68
N ARG E 76 53.45 1.10 3.98
CA ARG E 76 54.78 1.40 4.58
C ARG E 76 54.57 2.25 5.91
N THR E 77 53.72 3.20 5.81
CA THR E 77 53.62 4.27 6.88
C THR E 77 52.59 3.84 7.83
N GLY E 78 51.53 3.11 7.41
CA GLY E 78 50.41 2.76 8.34
C GLY E 78 50.88 2.29 9.71
N GLU E 79 50.02 2.50 10.73
CA GLU E 79 50.32 2.31 12.14
C GLU E 79 49.53 1.15 12.76
N GLY E 80 48.27 0.99 12.37
CA GLY E 80 47.45 -0.15 12.77
C GLY E 80 46.83 -0.82 11.57
N PHE E 81 46.54 -2.13 11.70
CA PHE E 81 45.84 -2.89 10.68
C PHE E 81 44.60 -3.60 11.22
N LEU E 82 43.50 -3.50 10.46
CA LEU E 82 42.32 -4.28 10.70
C LEU E 82 42.38 -5.44 9.71
N CYS E 83 42.51 -6.67 10.20
CA CYS E 83 42.51 -7.86 9.33
C CYS E 83 41.13 -8.43 9.37
N VAL E 84 40.35 -8.09 8.34
CA VAL E 84 38.92 -8.48 8.23
C VAL E 84 38.67 -9.76 7.45
N PHE E 85 37.85 -10.64 8.02
CA PHE E 85 37.34 -11.81 7.32
C PHE E 85 35.83 -11.86 7.55
N ALA E 86 35.11 -12.60 6.72
CA ALA E 86 33.67 -12.78 6.92
C ALA E 86 33.49 -14.11 7.63
N ILE E 87 32.63 -14.18 8.65
CA ILE E 87 32.37 -15.45 9.41
C ILE E 87 31.69 -16.51 8.56
N ASN E 88 31.19 -16.13 7.37
CA ASN E 88 30.51 -17.06 6.45
C ASN E 88 31.35 -17.32 5.20
N ASN E 89 32.67 -17.07 5.25
CA ASN E 89 33.52 -17.25 4.08
C ASN E 89 34.88 -17.81 4.51
N THR E 90 35.02 -19.16 4.37
CA THR E 90 36.21 -19.90 4.75
C THR E 90 37.44 -19.44 3.99
N LYS E 91 37.30 -19.05 2.69
CA LYS E 91 38.41 -18.53 1.89
C LYS E 91 38.93 -17.21 2.48
N SER E 92 38.03 -16.34 2.99
CA SER E 92 38.49 -15.06 3.58
C SER E 92 39.32 -15.29 4.85
N PHE E 93 38.97 -16.31 5.62
CA PHE E 93 39.66 -16.69 6.85
C PHE E 93 41.08 -17.19 6.51
N GLU E 94 41.17 -18.07 5.51
CA GLU E 94 42.45 -18.56 5.00
C GLU E 94 43.37 -17.40 4.50
N ASP E 95 42.77 -16.40 3.85
CA ASP E 95 43.47 -15.25 3.30
C ASP E 95 44.11 -14.36 4.36
N ILE E 96 43.63 -14.44 5.62
CA ILE E 96 44.21 -13.71 6.76
C ILE E 96 45.70 -14.02 6.87
N HIS E 97 46.06 -15.30 6.65
CA HIS E 97 47.44 -15.73 6.72
C HIS E 97 48.33 -14.93 5.75
N HIS E 98 47.88 -14.84 4.49
N HIS E 98 47.87 -14.83 4.49
CA HIS E 98 48.60 -14.08 3.45
CA HIS E 98 48.56 -14.06 3.42
C HIS E 98 48.66 -12.56 3.78
C HIS E 98 48.65 -12.56 3.74
N TYR E 99 47.61 -11.99 4.37
CA TYR E 99 47.61 -10.58 4.74
C TYR E 99 48.59 -10.28 5.90
N ARG E 100 48.54 -11.13 6.93
CA ARG E 100 49.43 -11.01 8.09
C ARG E 100 50.88 -11.10 7.66
N GLU E 101 51.21 -12.12 6.86
CA GLU E 101 52.57 -12.28 6.29
C GLU E 101 53.00 -11.07 5.47
N GLN E 102 52.12 -10.51 4.65
CA GLN E 102 52.42 -9.32 3.81
C GLN E 102 52.72 -8.10 4.70
N ILE E 103 51.89 -7.87 5.73
CA ILE E 103 52.13 -6.77 6.68
C ILE E 103 53.51 -6.91 7.33
N LYS E 104 53.79 -8.10 7.87
CA LYS E 104 55.08 -8.43 8.48
C LYS E 104 56.25 -8.08 7.58
N ARG E 105 56.12 -8.36 6.26
CA ARG E 105 57.20 -8.07 5.28
C ARG E 105 57.31 -6.61 4.92
N VAL E 106 56.18 -5.92 4.68
CA VAL E 106 56.25 -4.49 4.32
C VAL E 106 56.75 -3.63 5.49
N LYS E 107 56.24 -3.90 6.69
CA LYS E 107 56.64 -3.23 7.93
C LYS E 107 58.00 -3.67 8.51
N ASP E 108 58.50 -4.84 8.05
CA ASP E 108 59.79 -5.45 8.49
C ASP E 108 59.84 -5.64 10.02
N SER E 109 58.91 -6.43 10.55
CA SER E 109 58.66 -6.55 12.01
C SER E 109 57.69 -7.69 12.30
N GLU E 110 58.00 -8.52 13.31
CA GLU E 110 57.15 -9.67 13.70
C GLU E 110 55.94 -9.12 14.49
N ASP E 111 56.11 -7.95 15.13
CA ASP E 111 55.12 -7.33 16.01
C ASP E 111 54.67 -5.94 15.50
N VAL E 112 53.50 -5.89 14.84
CA VAL E 112 52.85 -4.68 14.34
C VAL E 112 51.45 -4.59 14.99
N PRO E 113 50.98 -3.37 15.37
CA PRO E 113 49.58 -3.24 15.90
C PRO E 113 48.56 -3.75 14.91
N MET E 114 47.81 -4.75 15.33
CA MET E 114 46.83 -5.46 14.49
C MET E 114 45.67 -5.96 15.32
N VAL E 115 44.49 -5.97 14.71
CA VAL E 115 43.28 -6.54 15.28
C VAL E 115 42.69 -7.51 14.26
N LEU E 116 42.29 -8.71 14.70
CA LEU E 116 41.60 -9.67 13.86
C LEU E 116 40.09 -9.39 13.99
N VAL E 117 39.42 -9.20 12.84
CA VAL E 117 37.98 -8.91 12.80
C VAL E 117 37.21 -9.96 12.03
N GLY E 118 36.24 -10.59 12.69
CA GLY E 118 35.35 -11.56 12.06
C GLY E 118 34.03 -10.83 11.81
N ASN E 119 33.86 -10.29 10.61
CA ASN E 119 32.69 -9.48 10.25
C ASN E 119 31.49 -10.30 9.81
N LYS E 120 30.30 -9.65 9.74
CA LYS E 120 28.99 -10.27 9.35
C LYS E 120 28.48 -11.24 10.42
N CYS E 121 28.77 -10.98 11.71
CA CYS E 121 28.31 -11.84 12.82
C CYS E 121 26.77 -11.71 13.06
N ASP E 122 26.08 -10.76 12.43
CA ASP E 122 24.62 -10.63 12.44
C ASP E 122 23.92 -11.82 11.70
N LEU E 123 24.70 -12.56 10.91
CA LEU E 123 24.24 -13.63 10.07
C LEU E 123 24.08 -15.00 10.77
N PRO E 124 22.95 -15.64 10.47
CA PRO E 124 22.72 -17.02 11.02
C PRO E 124 23.66 -18.16 10.61
N SER E 125 24.13 -18.16 9.35
CA SER E 125 24.98 -19.22 8.80
C SER E 125 26.36 -18.74 9.16
N ARG E 126 27.06 -19.51 9.99
CA ARG E 126 28.52 -19.30 10.29
C ARG E 126 29.34 -20.50 9.85
N THR E 127 30.28 -20.35 8.92
CA THR E 127 31.11 -21.45 8.41
C THR E 127 32.47 -21.42 9.14
N VAL E 128 32.80 -20.30 9.82
CA VAL E 128 34.15 -20.12 10.32
C VAL E 128 34.13 -20.16 11.85
N ASP E 129 34.74 -21.16 12.43
CA ASP E 129 34.66 -21.53 13.89
C ASP E 129 35.18 -20.42 14.78
N THR E 130 34.46 -20.09 15.88
CA THR E 130 34.90 -19.00 16.79
C THR E 130 36.23 -19.38 17.41
N LYS E 131 36.42 -20.67 17.79
CA LYS E 131 37.66 -21.23 18.39
C LYS E 131 38.82 -21.16 17.42
N GLN E 132 38.62 -21.54 16.16
CA GLN E 132 39.65 -21.45 15.10
C GLN E 132 40.18 -20.03 14.95
N ALA E 133 39.28 -19.03 14.95
CA ALA E 133 39.59 -17.61 14.83
C ALA E 133 40.28 -17.10 16.10
N GLN E 134 39.75 -17.49 17.28
CA GLN E 134 40.35 -17.13 18.56
C GLN E 134 41.77 -17.70 18.69
N ASP E 135 41.99 -18.96 18.25
CA ASP E 135 43.32 -19.60 18.27
C ASP E 135 44.29 -18.89 17.38
N LEU E 136 43.88 -18.47 16.17
CA LEU E 136 44.75 -17.72 15.23
C LEU E 136 45.19 -16.37 15.80
N ALA E 137 44.26 -15.62 16.40
CA ALA E 137 44.58 -14.32 17.02
C ALA E 137 45.51 -14.54 18.23
N ARG E 138 45.24 -15.61 18.99
CA ARG E 138 46.03 -15.99 20.18
C ARG E 138 47.45 -16.43 19.75
N SER E 139 47.57 -17.03 18.56
CA SER E 139 48.87 -17.42 18.00
C SER E 139 49.61 -16.18 17.47
N TYR E 140 48.87 -15.16 17.02
CA TYR E 140 49.47 -13.89 16.52
C TYR E 140 49.74 -12.90 17.64
N GLY E 141 49.14 -13.12 18.82
CA GLY E 141 49.26 -12.23 19.97
C GLY E 141 48.52 -10.93 19.77
N ILE E 142 47.33 -10.99 19.17
CA ILE E 142 46.53 -9.80 18.79
C ILE E 142 45.06 -10.00 19.20
N PRO E 143 44.28 -8.92 19.40
CA PRO E 143 42.86 -9.10 19.74
C PRO E 143 42.05 -9.64 18.59
N PHE E 144 40.99 -10.40 18.92
CA PHE E 144 39.98 -10.86 17.95
C PHE E 144 38.63 -10.25 18.35
N ILE E 145 37.98 -9.53 17.42
CA ILE E 145 36.68 -8.89 17.71
C ILE E 145 35.65 -9.29 16.64
N GLU E 146 34.46 -9.76 17.08
CA GLU E 146 33.36 -10.10 16.17
C GLU E 146 32.59 -8.82 15.88
N THR E 147 32.26 -8.61 14.62
CA THR E 147 31.64 -7.35 14.18
C THR E 147 30.49 -7.59 13.23
N SER E 148 29.57 -6.63 13.17
CA SER E 148 28.52 -6.58 12.21
C SER E 148 28.41 -5.18 11.72
N ALA E 149 28.82 -4.94 10.50
CA ALA E 149 28.67 -3.61 9.88
C ALA E 149 27.18 -3.22 9.70
N LYS E 150 26.27 -4.22 9.76
CA LYS E 150 24.82 -4.05 9.64
C LYS E 150 24.15 -3.55 10.92
N THR E 151 24.50 -4.14 12.08
CA THR E 151 23.95 -3.77 13.41
C THR E 151 24.86 -2.82 14.23
N ARG E 152 26.07 -2.53 13.73
CA ARG E 152 27.10 -1.69 14.37
C ARG E 152 27.81 -2.40 15.54
N GLN E 153 27.42 -3.65 15.83
CA GLN E 153 28.02 -4.50 16.88
C GLN E 153 29.50 -4.66 16.73
N GLY E 154 30.23 -4.26 17.77
CA GLY E 154 31.72 -4.41 17.80
C GLY E 154 32.46 -3.46 16.87
N VAL E 155 31.78 -2.61 16.07
CA VAL E 155 32.43 -1.77 15.06
C VAL E 155 33.36 -0.71 15.67
N ASP E 156 32.86 0.07 16.64
CA ASP E 156 33.67 1.06 17.36
C ASP E 156 34.76 0.36 18.15
N ASP E 157 34.38 -0.76 18.80
CA ASP E 157 35.30 -1.58 19.59
C ASP E 157 36.55 -2.01 18.77
N ALA E 158 36.34 -2.50 17.53
CA ALA E 158 37.42 -2.92 16.63
C ALA E 158 38.39 -1.78 16.33
N PHE E 159 37.84 -0.63 15.94
CA PHE E 159 38.65 0.56 15.64
C PHE E 159 39.29 1.17 16.90
N TYR E 160 38.58 1.11 18.06
CA TYR E 160 39.06 1.62 19.36
C TYR E 160 40.24 0.81 19.84
N THR E 161 40.09 -0.53 19.86
CA THR E 161 41.09 -1.48 20.31
C THR E 161 42.39 -1.31 19.52
N LEU E 162 42.29 -1.10 18.20
CA LEU E 162 43.46 -0.87 17.36
C LEU E 162 44.26 0.36 17.77
N VAL E 163 43.56 1.46 18.09
CA VAL E 163 44.14 2.73 18.56
C VAL E 163 44.85 2.45 19.91
N ARG E 164 44.20 1.66 20.79
CA ARG E 164 44.75 1.26 22.08
C ARG E 164 46.05 0.45 21.87
N GLU E 165 46.07 -0.44 20.85
CA GLU E 165 47.23 -1.26 20.49
C GLU E 165 48.40 -0.43 19.95
N ILE E 166 48.12 0.71 19.30
CA ILE E 166 49.17 1.61 18.79
C ILE E 166 49.79 2.36 19.99
N ARG E 167 48.95 2.79 20.96
CA ARG E 167 49.39 3.48 22.18
C ARG E 167 50.40 2.50 22.88
N LYS E 168 50.14 1.16 22.91
CA LYS E 168 51.06 0.13 23.48
C LYS E 168 52.14 -0.37 22.50
N MET F 22 11.09 -4.66 -16.64
CA MET F 22 12.43 -4.22 -17.09
C MET F 22 12.92 -3.07 -16.16
N ASP F 23 13.81 -3.43 -15.21
CA ASP F 23 14.67 -2.45 -14.51
C ASP F 23 16.01 -2.23 -15.23
N LEU F 24 15.96 -1.29 -16.14
CA LEU F 24 17.02 -1.02 -17.07
C LEU F 24 18.08 -0.11 -16.42
N GLY F 25 17.71 0.54 -15.31
CA GLY F 25 18.65 1.31 -14.52
C GLY F 25 19.80 0.44 -14.03
N LYS F 26 19.46 -0.72 -13.44
CA LYS F 26 20.49 -1.68 -12.98
C LYS F 26 21.22 -2.18 -14.21
N LYS F 27 20.49 -2.58 -15.26
CA LYS F 27 21.16 -3.07 -16.49
C LYS F 27 22.11 -1.99 -17.13
N LEU F 28 21.81 -0.69 -16.95
CA LEU F 28 22.65 0.42 -17.49
C LEU F 28 23.89 0.65 -16.68
N LEU F 29 23.72 0.70 -15.36
CA LEU F 29 24.84 0.83 -14.44
C LEU F 29 25.85 -0.27 -14.66
N GLU F 30 25.38 -1.50 -14.72
CA GLU F 30 26.27 -2.63 -14.89
C GLU F 30 27.04 -2.48 -16.17
N ALA F 31 26.34 -2.02 -17.21
CA ALA F 31 26.94 -1.86 -18.53
C ALA F 31 27.98 -0.75 -18.55
N ALA F 32 27.67 0.34 -17.88
CA ALA F 32 28.62 1.42 -17.74
C ALA F 32 29.88 0.94 -17.04
N ARG F 33 29.74 0.20 -15.95
CA ARG F 33 30.91 -0.31 -15.21
C ARG F 33 31.73 -1.22 -16.08
N ALA F 34 31.05 -2.12 -16.77
CA ALA F 34 31.74 -3.14 -17.53
C ALA F 34 32.35 -2.66 -18.84
N GLY F 35 32.16 -1.39 -19.22
CA GLY F 35 32.70 -0.90 -20.48
C GLY F 35 32.04 -1.42 -21.75
N GLN F 36 30.78 -1.83 -21.67
CA GLN F 36 30.03 -2.31 -22.84
C GLN F 36 29.27 -1.15 -23.48
N ASP F 37 29.94 -0.45 -24.39
CA ASP F 37 29.40 0.75 -25.02
C ASP F 37 28.15 0.45 -25.90
N ASP F 38 28.08 -0.77 -26.47
CA ASP F 38 26.89 -1.19 -27.24
C ASP F 38 25.68 -1.27 -26.37
N GLU F 39 25.82 -2.02 -25.28
CA GLU F 39 24.70 -2.22 -24.34
C GLU F 39 24.19 -0.91 -23.79
N VAL F 40 25.10 0.02 -23.50
CA VAL F 40 24.74 1.36 -23.04
C VAL F 40 23.91 2.14 -24.09
N ARG F 41 24.39 2.16 -25.34
CA ARG F 41 23.63 2.76 -26.47
C ARG F 41 22.22 2.21 -26.59
N ILE F 42 22.11 0.89 -26.59
CA ILE F 42 20.83 0.19 -26.72
C ILE F 42 19.90 0.53 -25.55
N LEU F 43 20.42 0.36 -24.33
CA LEU F 43 19.65 0.55 -23.10
C LEU F 43 19.01 1.92 -23.05
N MET F 44 19.76 2.94 -23.46
CA MET F 44 19.22 4.30 -23.46
C MET F 44 18.20 4.52 -24.54
N ALA F 45 18.46 4.01 -25.75
CA ALA F 45 17.47 3.97 -26.80
C ALA F 45 16.09 3.49 -26.30
N ASN F 46 16.04 2.47 -25.44
CA ASN F 46 14.77 2.04 -24.79
C ASN F 46 14.44 2.77 -23.48
N GLY F 47 14.81 4.05 -23.38
CA GLY F 47 14.39 4.89 -22.26
C GLY F 47 14.90 4.55 -20.86
N ALA F 48 16.01 3.83 -20.76
CA ALA F 48 16.73 3.72 -19.50
C ALA F 48 17.26 5.10 -19.15
N ASP F 49 17.19 5.43 -17.87
CA ASP F 49 17.44 6.77 -17.37
C ASP F 49 18.92 7.00 -17.06
N VAL F 50 19.59 7.90 -17.78
CA VAL F 50 21.03 8.13 -17.56
C VAL F 50 21.45 8.61 -16.16
N ASN F 51 20.47 9.02 -15.38
CA ASN F 51 20.70 9.32 -13.97
C ASN F 51 20.00 8.33 -13.07
N ALA F 52 20.19 7.05 -13.37
CA ALA F 52 19.89 6.01 -12.42
C ALA F 52 20.93 6.09 -11.35
N HIS F 53 20.63 5.51 -10.18
CA HIS F 53 21.64 5.37 -9.16
C HIS F 53 21.44 4.18 -8.23
N ASP F 54 22.54 3.51 -7.90
CA ASP F 54 22.53 2.44 -6.89
C ASP F 54 22.20 2.99 -5.48
N THR F 55 22.10 2.10 -4.50
CA THR F 55 21.77 2.49 -3.14
C THR F 55 22.81 3.35 -2.44
N PHE F 56 23.89 3.71 -3.12
CA PHE F 56 24.84 4.70 -2.57
C PHE F 56 25.02 5.90 -3.49
N GLY F 57 24.12 6.09 -4.46
CA GLY F 57 24.14 7.33 -5.28
C GLY F 57 25.10 7.41 -6.47
N PHE F 58 25.77 6.29 -6.82
CA PHE F 58 26.56 6.22 -8.04
C PHE F 58 25.65 6.28 -9.28
N THR F 59 25.89 7.26 -10.17
CA THR F 59 25.26 7.32 -11.47
C THR F 59 26.12 6.53 -12.44
N PRO F 60 25.57 6.20 -13.63
CA PRO F 60 26.33 5.52 -14.67
C PRO F 60 27.56 6.32 -15.05
N LEU F 61 27.43 7.65 -15.02
CA LEU F 61 28.59 8.50 -15.20
C LEU F 61 29.71 8.30 -14.15
N HIS F 62 29.35 8.17 -12.87
CA HIS F 62 30.34 7.84 -11.81
C HIS F 62 31.11 6.58 -12.15
N LEU F 63 30.36 5.52 -12.39
CA LEU F 63 30.95 4.24 -12.67
C LEU F 63 31.86 4.32 -13.91
N ALA F 64 31.40 4.96 -14.98
CA ALA F 64 32.17 5.03 -16.22
C ALA F 64 33.45 5.79 -16.00
N ALA F 65 33.35 6.87 -15.28
CA ALA F 65 34.52 7.66 -14.89
C ALA F 65 35.50 6.87 -14.04
N LEU F 66 34.98 6.24 -12.98
CA LEU F 66 35.82 5.47 -12.07
C LEU F 66 36.57 4.37 -12.81
N TYR F 67 35.89 3.69 -13.72
CA TYR F 67 36.46 2.51 -14.40
C TYR F 67 37.19 2.80 -15.75
N GLY F 68 37.24 4.08 -16.15
CA GLY F 68 38.12 4.53 -17.26
C GLY F 68 37.56 4.36 -18.66
N HIS F 69 36.26 4.59 -18.79
CA HIS F 69 35.52 4.26 -19.98
C HIS F 69 35.13 5.53 -20.67
N LEU F 70 36.05 6.01 -21.51
CA LEU F 70 35.92 7.32 -22.10
C LEU F 70 34.74 7.41 -23.06
N GLU F 71 34.62 6.44 -23.99
CA GLU F 71 33.53 6.47 -24.96
C GLU F 71 32.22 6.56 -24.18
N ILE F 72 32.07 5.68 -23.20
CA ILE F 72 30.82 5.66 -22.42
C ILE F 72 30.57 6.97 -21.67
N VAL F 73 31.63 7.57 -21.13
CA VAL F 73 31.47 8.82 -20.39
C VAL F 73 30.86 9.85 -21.33
N GLU F 74 31.45 9.98 -22.51
CA GLU F 74 30.97 10.92 -23.52
C GLU F 74 29.54 10.66 -23.92
N VAL F 75 29.18 9.41 -24.19
CA VAL F 75 27.83 9.12 -24.72
C VAL F 75 26.78 9.35 -23.64
N LEU F 76 27.16 9.12 -22.38
CA LEU F 76 26.34 9.50 -21.24
C LEU F 76 26.14 11.01 -21.08
N LEU F 77 27.24 11.78 -21.16
CA LEU F 77 27.14 13.24 -21.11
C LEU F 77 26.31 13.79 -22.29
N LYS F 78 26.69 13.46 -23.54
CA LYS F 78 25.93 13.86 -24.74
C LYS F 78 24.44 13.55 -24.58
N ASN F 79 24.08 12.48 -23.86
CA ASN F 79 22.65 12.13 -23.54
C ASN F 79 22.05 12.75 -22.25
N GLY F 80 22.71 13.77 -21.71
CA GLY F 80 22.17 14.62 -20.67
C GLY F 80 22.40 14.13 -19.27
N ALA F 81 23.41 13.29 -19.08
CA ALA F 81 23.76 12.81 -17.75
C ALA F 81 24.19 13.99 -16.96
N ASP F 82 23.95 13.91 -15.66
CA ASP F 82 24.32 14.98 -14.72
C ASP F 82 25.79 14.77 -14.42
N VAL F 83 26.59 15.80 -14.69
CA VAL F 83 28.05 15.76 -14.55
C VAL F 83 28.55 16.03 -13.11
N ASN F 84 27.69 16.70 -12.34
CA ASN F 84 27.96 17.08 -10.97
C ASN F 84 27.07 16.34 -9.94
N ALA F 85 26.56 15.21 -10.38
CA ALA F 85 25.89 14.27 -9.51
C ALA F 85 26.90 13.83 -8.49
N ASP F 86 26.44 13.56 -7.27
CA ASP F 86 27.34 13.08 -6.22
C ASP F 86 26.76 11.98 -5.36
N ASP F 87 27.63 11.04 -5.02
CA ASP F 87 27.26 9.87 -4.24
C ASP F 87 26.97 10.27 -2.81
N SER F 88 26.63 9.30 -1.96
CA SER F 88 26.23 9.62 -0.58
C SER F 88 27.38 10.03 0.32
N TYR F 89 28.61 10.00 -0.21
CA TYR F 89 29.78 10.66 0.41
C TYR F 89 30.23 11.93 -0.32
N GLY F 90 29.39 12.47 -1.18
CA GLY F 90 29.64 13.77 -1.79
C GLY F 90 30.58 13.81 -2.97
N ARG F 91 30.95 12.67 -3.55
CA ARG F 91 31.91 12.66 -4.66
C ARG F 91 31.22 12.79 -6.03
N THR F 92 31.64 13.80 -6.81
CA THR F 92 31.27 13.92 -8.21
C THR F 92 32.03 12.91 -9.05
N PRO F 93 31.56 12.66 -10.27
CA PRO F 93 32.30 11.86 -11.23
C PRO F 93 33.68 12.40 -11.47
N LEU F 94 33.81 13.72 -11.53
CA LEU F 94 35.13 14.34 -11.54
C LEU F 94 36.04 13.90 -10.35
N HIS F 95 35.49 13.82 -9.13
CA HIS F 95 36.25 13.30 -7.98
C HIS F 95 36.79 11.93 -8.30
N LEU F 96 35.92 11.04 -8.72
CA LEU F 96 36.36 9.69 -8.98
C LEU F 96 37.36 9.61 -10.12
N ALA F 97 37.16 10.38 -11.19
CA ALA F 97 38.09 10.36 -12.31
C ALA F 97 39.48 10.81 -11.88
N ALA F 98 39.53 11.83 -11.03
CA ALA F 98 40.77 12.22 -10.39
C ALA F 98 41.33 11.10 -9.51
N MET F 99 40.48 10.47 -8.69
CA MET F 99 40.92 9.38 -7.82
C MET F 99 41.71 8.34 -8.55
N ARG F 100 41.23 7.94 -9.72
CA ARG F 100 41.86 6.85 -10.44
C ARG F 100 42.99 7.25 -11.41
N GLY F 101 43.11 8.53 -11.74
CA GLY F 101 44.14 8.96 -12.70
C GLY F 101 43.72 8.70 -14.15
N HIS F 102 42.45 8.93 -14.43
CA HIS F 102 41.91 8.86 -15.79
C HIS F 102 41.86 10.28 -16.35
N LEU F 103 43.02 10.70 -16.89
CA LEU F 103 43.30 12.08 -17.31
C LEU F 103 42.38 12.62 -18.39
N GLU F 104 42.27 11.86 -19.49
CA GLU F 104 41.43 12.25 -20.64
C GLU F 104 39.96 12.37 -20.17
N ILE F 105 39.54 11.56 -19.22
CA ILE F 105 38.18 11.66 -18.64
C ILE F 105 37.97 12.94 -17.82
N VAL F 106 38.91 13.25 -16.93
CA VAL F 106 38.90 14.53 -16.20
C VAL F 106 38.66 15.73 -17.10
N GLU F 107 39.34 15.74 -18.25
CA GLU F 107 39.26 16.84 -19.21
C GLU F 107 37.87 16.94 -19.79
N VAL F 108 37.30 15.83 -20.25
CA VAL F 108 35.97 15.95 -20.91
C VAL F 108 34.89 16.24 -19.89
N LEU F 109 35.07 15.79 -18.63
CA LEU F 109 34.14 16.16 -17.53
C LEU F 109 34.12 17.67 -17.31
N LEU F 110 35.31 18.27 -17.43
CA LEU F 110 35.45 19.72 -17.35
C LEU F 110 34.86 20.37 -18.58
N LYS F 111 35.28 19.96 -19.79
CA LYS F 111 34.71 20.51 -21.05
C LYS F 111 33.16 20.53 -21.01
N TYR F 112 32.50 19.60 -20.28
CA TYR F 112 31.02 19.54 -20.15
C TYR F 112 30.44 20.17 -18.87
N GLY F 113 31.28 20.85 -18.09
CA GLY F 113 30.79 21.69 -17.00
C GLY F 113 30.94 21.16 -15.58
N ALA F 114 31.81 20.16 -15.38
CA ALA F 114 32.12 19.69 -14.06
C ALA F 114 32.71 20.82 -13.21
N ASP F 115 32.32 20.85 -11.94
CA ASP F 115 32.80 21.83 -11.00
C ASP F 115 34.16 21.33 -10.57
N VAL F 116 35.17 22.17 -10.81
CA VAL F 116 36.54 21.88 -10.39
C VAL F 116 36.68 21.86 -8.87
N ASN F 117 36.03 22.81 -8.21
CA ASN F 117 36.15 22.94 -6.78
C ASN F 117 35.05 22.25 -5.98
N ALA F 118 34.41 21.25 -6.55
CA ALA F 118 33.38 20.51 -5.85
C ALA F 118 33.94 19.86 -4.61
N ALA F 119 33.20 19.91 -3.51
CA ALA F 119 33.66 19.36 -2.23
C ALA F 119 32.74 18.25 -1.70
N ASP F 120 33.35 17.13 -1.33
CA ASP F 120 32.64 15.96 -0.79
C ASP F 120 32.31 16.16 0.67
N GLU F 121 31.78 15.14 1.36
CA GLU F 121 31.33 15.30 2.75
C GLU F 121 32.45 15.62 3.69
N GLU F 122 33.67 15.28 3.33
CA GLU F 122 34.82 15.72 4.11
C GLU F 122 35.34 17.12 3.70
N GLY F 123 34.80 17.69 2.64
CA GLY F 123 35.31 18.93 2.10
C GLY F 123 36.45 18.79 1.09
N ARG F 124 36.70 17.58 0.60
CA ARG F 124 37.81 17.40 -0.31
C ARG F 124 37.36 17.68 -1.73
N THR F 125 38.16 18.46 -2.43
CA THR F 125 37.99 18.70 -3.86
C THR F 125 38.78 17.68 -4.61
N PRO F 126 38.54 17.58 -5.92
CA PRO F 126 39.32 16.73 -6.79
C PRO F 126 40.84 16.99 -6.68
N LEU F 127 41.23 18.26 -6.54
CA LEU F 127 42.64 18.56 -6.31
C LEU F 127 43.22 17.77 -5.09
N HIS F 128 42.51 17.76 -3.96
CA HIS F 128 42.96 16.99 -2.77
C HIS F 128 43.16 15.52 -3.08
N LEU F 129 42.17 14.94 -3.73
CA LEU F 129 42.20 13.52 -4.01
C LEU F 129 43.36 13.18 -4.96
N ALA F 130 43.52 13.93 -6.05
CA ALA F 130 44.60 13.65 -7.01
C ALA F 130 45.95 13.84 -6.35
N ALA F 131 46.10 14.96 -5.66
CA ALA F 131 47.29 15.26 -4.86
C ALA F 131 47.65 14.10 -3.93
N LYS F 132 46.64 13.59 -3.25
CA LYS F 132 46.82 12.57 -2.22
C LYS F 132 47.31 11.27 -2.85
N ARG F 133 46.85 10.95 -4.07
CA ARG F 133 47.24 9.72 -4.76
C ARG F 133 48.56 9.87 -5.51
N GLY F 134 49.00 11.08 -5.73
CA GLY F 134 50.22 11.35 -6.44
C GLY F 134 50.07 11.52 -7.95
N HIS F 135 48.82 11.76 -8.40
CA HIS F 135 48.49 11.93 -9.83
C HIS F 135 48.77 13.35 -10.31
N LEU F 136 50.05 13.61 -10.56
CA LEU F 136 50.56 14.97 -10.74
C LEU F 136 50.08 15.60 -12.05
N GLU F 137 49.89 14.79 -13.10
CA GLU F 137 49.41 15.30 -14.41
C GLU F 137 47.98 15.85 -14.24
N ILE F 138 47.19 15.16 -13.42
CA ILE F 138 45.82 15.57 -13.12
C ILE F 138 45.76 16.80 -12.21
N VAL F 139 46.72 16.91 -11.29
CA VAL F 139 46.84 18.12 -10.44
C VAL F 139 47.12 19.36 -11.35
N GLU F 140 48.15 19.26 -12.20
CA GLU F 140 48.46 20.29 -13.19
C GLU F 140 47.22 20.73 -13.99
N VAL F 141 46.44 19.78 -14.47
CA VAL F 141 45.27 20.07 -15.30
C VAL F 141 44.11 20.70 -14.54
N LEU F 142 43.84 20.18 -13.34
CA LEU F 142 42.79 20.76 -12.49
C LEU F 142 43.07 22.21 -12.17
N LEU F 143 44.34 22.50 -11.88
CA LEU F 143 44.77 23.88 -11.64
C LEU F 143 44.57 24.75 -12.85
N LYS F 144 44.95 24.26 -14.02
CA LYS F 144 44.74 25.01 -15.25
C LYS F 144 43.29 25.33 -15.54
N ASN F 145 42.34 24.54 -15.04
CA ASN F 145 40.91 24.86 -15.17
C ASN F 145 40.31 25.59 -13.99
N GLY F 146 41.15 26.19 -13.15
CA GLY F 146 40.67 27.03 -12.06
C GLY F 146 40.46 26.34 -10.75
N ALA F 147 41.25 25.30 -10.47
CA ALA F 147 41.22 24.69 -9.16
C ALA F 147 41.80 25.70 -8.20
N ASP F 148 41.24 25.75 -7.00
CA ASP F 148 41.73 26.59 -5.92
C ASP F 148 42.84 25.88 -5.08
N VAL F 149 44.08 25.96 -5.55
CA VAL F 149 45.28 25.51 -4.78
C VAL F 149 45.11 25.43 -3.26
N ASN F 150 44.57 26.51 -2.67
CA ASN F 150 44.51 26.66 -1.22
C ASN F 150 43.26 26.20 -0.47
N ALA F 151 42.26 25.63 -1.16
CA ALA F 151 41.00 25.27 -0.49
C ALA F 151 41.30 24.30 0.64
N GLN F 152 40.68 24.54 1.80
CA GLN F 152 40.83 23.65 2.91
C GLN F 152 39.67 22.67 2.98
N ASP F 153 39.96 21.40 3.22
CA ASP F 153 38.92 20.44 3.62
C ASP F 153 38.47 20.75 5.05
N LYS F 154 37.42 20.09 5.54
CA LYS F 154 36.89 20.39 6.86
C LYS F 154 37.78 20.09 8.05
N PHE F 155 38.93 19.46 7.85
CA PHE F 155 39.91 19.30 8.93
C PHE F 155 41.08 20.27 8.81
N GLY F 156 40.98 21.21 7.86
CA GLY F 156 42.04 22.20 7.63
C GLY F 156 43.02 21.92 6.50
N LYS F 157 43.10 20.68 6.02
CA LYS F 157 44.15 20.27 5.09
C LYS F 157 43.97 20.93 3.73
N THR F 158 45.08 21.18 3.05
CA THR F 158 45.11 21.66 1.67
C THR F 158 46.04 20.78 0.90
N ALA F 159 46.07 21.00 -0.41
CA ALA F 159 47.03 20.30 -1.27
C ALA F 159 48.46 20.35 -0.72
N PHE F 160 48.92 21.55 -0.30
CA PHE F 160 50.26 21.70 0.23
C PHE F 160 50.48 20.94 1.57
N ASP F 161 49.44 20.83 2.41
CA ASP F 161 49.52 19.98 3.64
C ASP F 161 49.77 18.55 3.21
N ILE F 162 49.06 18.14 2.19
CA ILE F 162 49.16 16.78 1.67
C ILE F 162 50.55 16.49 1.11
N SER F 163 51.16 17.45 0.44
CA SER F 163 52.49 17.25 -0.16
C SER F 163 53.54 17.02 0.92
N ILE F 164 53.47 17.84 1.95
CA ILE F 164 54.37 17.70 3.11
C ILE F 164 54.08 16.46 3.89
N ASP F 165 52.80 16.15 4.06
CA ASP F 165 52.42 14.95 4.81
C ASP F 165 52.96 13.70 4.12
N ASN F 166 53.11 13.74 2.80
CA ASN F 166 53.58 12.59 2.02
C ASN F 166 55.03 12.64 1.64
N GLY F 167 55.71 13.73 1.91
CA GLY F 167 57.10 13.90 1.46
C GLY F 167 57.23 13.97 -0.06
N ASN F 168 56.13 14.34 -0.72
CA ASN F 168 56.09 14.37 -2.16
C ASN F 168 56.71 15.70 -2.59
N GLU F 169 57.92 15.59 -3.10
CA GLU F 169 58.69 16.76 -3.50
C GLU F 169 58.16 17.32 -4.78
N ASP F 170 57.92 16.45 -5.76
CA ASP F 170 57.42 16.86 -7.07
C ASP F 170 56.10 17.60 -7.03
N LEU F 171 55.25 17.24 -6.07
CA LEU F 171 53.95 17.88 -5.91
C LEU F 171 54.09 19.24 -5.32
N ALA F 172 54.83 19.34 -4.23
CA ALA F 172 55.05 20.62 -3.56
C ALA F 172 55.64 21.65 -4.54
N GLU F 173 56.49 21.18 -5.46
CA GLU F 173 57.06 22.01 -6.52
C GLU F 173 56.02 22.56 -7.48
N ILE F 174 55.20 21.67 -8.03
CA ILE F 174 54.04 22.09 -8.84
C ILE F 174 53.19 23.14 -8.13
N LEU F 175 52.92 22.96 -6.84
CA LEU F 175 52.11 23.90 -6.11
C LEU F 175 52.77 25.29 -5.81
N GLN F 176 53.95 25.58 -6.36
CA GLN F 176 54.52 26.95 -6.31
C GLN F 176 54.99 27.41 -7.74
N LYS F 177 56.23 27.03 -8.12
CA LYS F 177 56.87 27.35 -9.41
C LYS F 177 56.49 26.26 -10.40
N MET G 4 -25.09 21.19 -32.36
CA MET G 4 -26.25 20.25 -32.49
C MET G 4 -26.62 19.56 -31.16
N THR G 5 -27.90 19.30 -30.97
CA THR G 5 -28.44 18.73 -29.74
C THR G 5 -28.05 17.27 -29.60
N GLU G 6 -27.71 16.86 -28.40
CA GLU G 6 -27.35 15.46 -28.10
C GLU G 6 -28.42 14.90 -27.19
N TYR G 7 -28.98 13.75 -27.54
CA TYR G 7 -30.00 13.07 -26.72
C TYR G 7 -29.42 11.81 -26.12
N LYS G 8 -29.43 11.73 -24.80
CA LYS G 8 -28.95 10.51 -24.09
C LYS G 8 -30.15 9.54 -23.96
N LEU G 9 -30.19 8.54 -24.82
CA LEU G 9 -31.26 7.55 -24.92
C LEU G 9 -30.87 6.27 -24.10
N VAL G 10 -31.75 5.83 -23.21
CA VAL G 10 -31.46 4.54 -22.51
C VAL G 10 -32.35 3.41 -23.06
N VAL G 11 -31.72 2.29 -23.43
CA VAL G 11 -32.49 1.13 -23.92
C VAL G 11 -32.59 0.13 -22.77
N VAL G 12 -33.80 -0.10 -22.23
CA VAL G 12 -33.98 -1.01 -21.10
C VAL G 12 -34.92 -2.14 -21.47
N GLY G 13 -34.94 -3.16 -20.63
CA GLY G 13 -35.79 -4.32 -20.84
C GLY G 13 -35.09 -5.62 -20.50
N ALA G 14 -35.87 -6.69 -20.40
CA ALA G 14 -35.37 -8.02 -20.00
C ALA G 14 -34.33 -8.57 -20.97
N VAL G 15 -33.48 -9.51 -20.51
CA VAL G 15 -32.44 -10.12 -21.38
C VAL G 15 -33.12 -10.85 -22.54
N GLY G 16 -32.60 -10.72 -23.77
CA GLY G 16 -33.14 -11.45 -24.94
C GLY G 16 -34.35 -10.88 -25.67
N VAL G 17 -34.80 -9.67 -25.32
CA VAL G 17 -35.92 -9.02 -26.00
C VAL G 17 -35.50 -8.37 -27.34
N GLY G 18 -34.20 -8.20 -27.55
CA GLY G 18 -33.66 -7.62 -28.78
C GLY G 18 -33.19 -6.19 -28.67
N LYS G 19 -32.72 -5.74 -27.51
CA LYS G 19 -32.24 -4.35 -27.28
C LYS G 19 -31.01 -4.04 -28.17
N SER G 20 -29.98 -4.89 -28.10
CA SER G 20 -28.77 -4.75 -28.92
C SER G 20 -29.07 -4.89 -30.40
N ALA G 21 -29.99 -5.82 -30.72
CA ALA G 21 -30.36 -6.02 -32.11
C ALA G 21 -31.06 -4.78 -32.67
N LEU G 22 -31.80 -4.05 -31.81
CA LEU G 22 -32.46 -2.79 -32.19
C LEU G 22 -31.43 -1.68 -32.39
N THR G 23 -30.52 -1.49 -31.44
CA THR G 23 -29.43 -0.49 -31.46
C THR G 23 -28.56 -0.62 -32.73
N ILE G 24 -28.12 -1.85 -33.06
CA ILE G 24 -27.28 -2.17 -34.22
C ILE G 24 -28.05 -2.02 -35.55
N GLN G 25 -29.34 -2.38 -35.57
CA GLN G 25 -30.15 -2.16 -36.78
C GLN G 25 -30.33 -0.66 -37.07
N LEU G 26 -30.47 0.15 -36.03
CA LEU G 26 -30.59 1.61 -36.18
C LEU G 26 -29.31 2.27 -36.68
N ILE G 27 -28.17 1.98 -36.03
CA ILE G 27 -26.86 2.59 -36.36
C ILE G 27 -26.15 1.96 -37.57
N GLN G 28 -26.16 0.61 -37.69
CA GLN G 28 -25.44 -0.12 -38.76
C GLN G 28 -26.26 -0.62 -39.92
N ASN G 29 -27.60 -0.51 -39.85
CA ASN G 29 -28.58 -1.04 -40.86
C ASN G 29 -28.48 -2.52 -41.16
N HIS G 30 -28.20 -3.32 -40.12
CA HIS G 30 -27.96 -4.79 -40.19
C HIS G 30 -28.53 -5.54 -38.96
N PHE G 31 -29.12 -6.73 -39.20
CA PHE G 31 -29.73 -7.53 -38.19
C PHE G 31 -28.69 -8.47 -37.65
N VAL G 32 -28.63 -8.60 -36.33
CA VAL G 32 -27.81 -9.65 -35.69
C VAL G 32 -28.67 -10.66 -34.95
N ASP G 33 -28.66 -11.91 -35.44
CA ASP G 33 -28.74 -13.11 -34.57
C ASP G 33 -27.44 -13.12 -33.77
N GLU G 34 -27.31 -13.96 -32.72
CA GLU G 34 -26.09 -13.95 -31.89
C GLU G 34 -25.39 -12.58 -31.75
N TYR G 35 -25.80 -11.80 -30.77
CA TYR G 35 -24.98 -10.71 -30.25
C TYR G 35 -24.84 -10.99 -28.78
N ASP G 36 -23.63 -10.91 -28.24
CA ASP G 36 -23.38 -11.37 -26.87
C ASP G 36 -24.30 -10.65 -25.88
N PRO G 37 -24.93 -11.39 -24.97
CA PRO G 37 -25.93 -10.79 -24.09
C PRO G 37 -25.44 -9.91 -22.92
N THR G 38 -24.13 -9.83 -22.65
CA THR G 38 -23.66 -8.96 -21.56
C THR G 38 -22.80 -7.72 -21.95
N ILE G 39 -22.73 -7.36 -23.23
CA ILE G 39 -21.89 -6.23 -23.64
C ILE G 39 -22.75 -4.99 -23.53
N GLU G 40 -22.38 -4.13 -22.60
CA GLU G 40 -23.09 -2.88 -22.38
C GLU G 40 -22.23 -1.76 -22.92
N ASP G 41 -22.52 -1.34 -24.14
CA ASP G 41 -21.78 -0.22 -24.74
C ASP G 41 -22.76 0.87 -25.04
N SER G 42 -22.23 2.08 -25.24
CA SER G 42 -23.03 3.19 -25.70
C SER G 42 -22.58 3.48 -27.11
N TYR G 43 -23.49 3.22 -28.01
CA TYR G 43 -23.29 3.56 -29.45
C TYR G 43 -23.87 4.94 -29.77
N ARG G 44 -23.26 5.65 -30.74
CA ARG G 44 -23.70 6.97 -31.18
C ARG G 44 -24.01 7.03 -32.68
N LYS G 45 -24.90 7.95 -33.05
CA LYS G 45 -25.47 8.04 -34.37
C LYS G 45 -25.93 9.47 -34.62
N GLN G 46 -25.37 10.13 -35.66
CA GLN G 46 -25.86 11.40 -36.14
C GLN G 46 -27.06 11.11 -37.03
N VAL G 47 -28.20 11.74 -36.76
CA VAL G 47 -29.44 11.67 -37.62
C VAL G 47 -30.04 13.04 -37.91
N VAL G 48 -31.02 13.10 -38.81
CA VAL G 48 -31.86 14.31 -39.04
C VAL G 48 -33.27 13.94 -38.63
N ILE G 49 -33.75 14.55 -37.53
CA ILE G 49 -35.14 14.36 -37.03
C ILE G 49 -35.86 15.71 -37.17
N ASP G 50 -36.89 15.77 -38.04
CA ASP G 50 -37.74 16.96 -38.25
C ASP G 50 -36.92 18.22 -38.57
N GLY G 51 -35.92 18.06 -39.44
CA GLY G 51 -35.06 19.18 -39.89
C GLY G 51 -33.97 19.68 -38.93
N GLU G 52 -33.82 19.03 -37.77
CA GLU G 52 -32.80 19.30 -36.78
C GLU G 52 -31.78 18.15 -36.76
N THR G 53 -30.59 18.36 -37.36
CA THR G 53 -29.47 17.42 -37.19
C THR G 53 -29.24 17.31 -35.71
N CYS G 54 -29.20 16.09 -35.22
CA CYS G 54 -28.93 15.89 -33.84
C CYS G 54 -28.16 14.60 -33.68
N LEU G 55 -27.57 14.47 -32.50
CA LEU G 55 -26.72 13.35 -32.16
C LEU G 55 -27.39 12.42 -31.13
N LEU G 56 -27.45 11.09 -31.43
CA LEU G 56 -27.98 10.12 -30.51
C LEU G 56 -26.87 9.43 -29.74
N ASP G 57 -26.98 9.39 -28.41
CA ASP G 57 -25.98 8.76 -27.57
C ASP G 57 -26.78 7.68 -26.79
N ILE G 58 -26.81 6.50 -27.38
CA ILE G 58 -27.71 5.40 -26.93
C ILE G 58 -26.97 4.45 -26.03
N LEU G 59 -27.47 4.27 -24.79
CA LEU G 59 -26.92 3.17 -23.93
C LEU G 59 -27.79 1.94 -24.12
N ASP G 60 -27.18 0.79 -24.45
CA ASP G 60 -27.90 -0.47 -24.66
C ASP G 60 -27.54 -1.22 -23.42
N THR G 61 -28.44 -1.23 -22.41
CA THR G 61 -28.16 -1.89 -21.11
C THR G 61 -27.99 -3.43 -21.31
N ALA G 62 -27.02 -4.04 -20.66
CA ALA G 62 -26.86 -5.49 -20.64
C ALA G 62 -26.37 -5.71 -19.25
N GLY G 63 -26.09 -6.97 -18.95
CA GLY G 63 -25.48 -7.43 -17.70
C GLY G 63 -25.99 -6.88 -16.38
N GLN G 64 -27.31 -6.69 -16.25
CA GLN G 64 -27.90 -5.88 -15.20
C GLN G 64 -27.73 -6.67 -13.90
N GLU G 65 -27.44 -7.98 -14.04
CA GLU G 65 -27.06 -8.88 -12.92
C GLU G 65 -25.97 -8.24 -12.04
N GLU G 66 -24.93 -7.73 -12.70
CA GLU G 66 -23.78 -7.07 -12.03
C GLU G 66 -23.94 -5.55 -11.94
N TYR G 67 -23.20 -4.90 -11.01
CA TYR G 67 -23.22 -3.42 -10.85
C TYR G 67 -22.43 -2.63 -11.88
N SER G 68 -23.02 -1.52 -12.37
CA SER G 68 -22.35 -0.56 -13.28
C SER G 68 -22.37 0.98 -12.98
N ALA G 69 -21.13 1.47 -12.74
CA ALA G 69 -20.81 2.88 -12.60
C ALA G 69 -21.35 3.72 -13.74
N MET G 70 -21.04 3.35 -14.99
CA MET G 70 -21.50 4.04 -16.21
C MET G 70 -22.98 3.86 -16.52
N ARG G 71 -23.55 2.69 -16.23
CA ARG G 71 -25.01 2.42 -16.43
C ARG G 71 -25.83 3.30 -15.47
N ASP G 72 -25.45 3.36 -14.18
CA ASP G 72 -26.12 4.23 -13.18
C ASP G 72 -26.04 5.72 -13.59
N GLN G 73 -24.86 6.16 -14.05
CA GLN G 73 -24.67 7.53 -14.53
C GLN G 73 -25.58 7.87 -15.73
N TYR G 74 -25.73 6.94 -16.67
CA TYR G 74 -26.64 7.06 -17.82
C TYR G 74 -28.06 7.18 -17.34
N MET G 75 -28.44 6.36 -16.33
CA MET G 75 -29.80 6.35 -15.74
C MET G 75 -30.12 7.70 -15.03
N ARG G 76 -29.21 8.22 -14.16
CA ARG G 76 -29.42 9.53 -13.49
C ARG G 76 -29.58 10.70 -14.60
N THR G 77 -28.73 10.61 -15.56
CA THR G 77 -28.57 11.76 -16.54
C THR G 77 -29.46 11.50 -17.68
N GLY G 78 -29.72 10.25 -18.09
CA GLY G 78 -30.50 9.93 -19.31
C GLY G 78 -31.81 10.75 -19.45
N GLU G 79 -32.23 10.95 -20.71
CA GLU G 79 -33.27 11.88 -21.09
C GLU G 79 -34.52 11.20 -21.67
N GLY G 80 -34.31 10.12 -22.45
CA GLY G 80 -35.40 9.26 -22.91
C GLY G 80 -35.11 7.81 -22.58
N PHE G 81 -36.19 7.02 -22.43
CA PHE G 81 -36.08 5.59 -22.25
C PHE G 81 -36.90 4.80 -23.28
N LEU G 82 -36.27 3.75 -23.83
CA LEU G 82 -36.95 2.77 -24.65
C LEU G 82 -37.22 1.59 -23.73
N CYS G 83 -38.50 1.29 -23.45
CA CYS G 83 -38.86 0.13 -22.61
C CYS G 83 -39.22 -0.97 -23.57
N VAL G 84 -38.27 -1.86 -23.81
CA VAL G 84 -38.41 -2.98 -24.77
C VAL G 84 -38.89 -4.29 -24.14
N PHE G 85 -39.87 -4.91 -24.77
CA PHE G 85 -40.31 -6.25 -24.44
C PHE G 85 -40.39 -7.03 -25.73
N ALA G 86 -40.40 -8.36 -25.66
CA ALA G 86 -40.58 -9.20 -26.86
C ALA G 86 -42.05 -9.58 -26.88
N ILE G 87 -42.70 -9.52 -28.05
CA ILE G 87 -44.12 -9.92 -28.22
C ILE G 87 -44.36 -11.41 -27.97
N ASN G 88 -43.28 -12.20 -27.92
CA ASN G 88 -43.39 -13.65 -27.67
C ASN G 88 -42.84 -14.04 -26.29
N ASN G 89 -42.77 -13.08 -25.36
CA ASN G 89 -42.24 -13.36 -24.03
C ASN G 89 -43.03 -12.58 -22.97
N THR G 90 -43.98 -13.30 -22.33
CA THR G 90 -44.88 -12.77 -21.30
C THR G 90 -44.11 -12.26 -20.09
N LYS G 91 -42.98 -12.90 -19.71
CA LYS G 91 -42.13 -12.43 -18.61
C LYS G 91 -41.52 -11.08 -18.93
N SER G 92 -41.12 -10.83 -20.19
CA SER G 92 -40.52 -9.52 -20.57
C SER G 92 -41.55 -8.39 -20.45
N PHE G 93 -42.81 -8.70 -20.76
CA PHE G 93 -43.92 -7.74 -20.67
C PHE G 93 -44.18 -7.38 -19.22
N GLU G 94 -44.23 -8.38 -18.35
CA GLU G 94 -44.36 -8.20 -16.89
C GLU G 94 -43.22 -7.33 -16.31
N ASP G 95 -42.00 -7.55 -16.82
CA ASP G 95 -40.79 -6.82 -16.37
C ASP G 95 -40.83 -5.34 -16.68
N ILE G 96 -41.66 -4.91 -17.67
CA ILE G 96 -41.86 -3.49 -17.99
C ILE G 96 -42.26 -2.72 -16.75
N HIS G 97 -43.13 -3.32 -15.92
CA HIS G 97 -43.60 -2.70 -14.70
C HIS G 97 -42.42 -2.32 -13.77
N HIS G 98 -41.51 -3.28 -13.56
CA HIS G 98 -40.32 -3.07 -12.72
C HIS G 98 -39.38 -2.00 -13.33
N TYR G 99 -39.24 -1.98 -14.66
CA TYR G 99 -38.39 -0.99 -15.33
C TYR G 99 -38.97 0.43 -15.21
N ARG G 100 -40.28 0.57 -15.48
CA ARG G 100 -40.97 1.86 -15.35
C ARG G 100 -40.86 2.40 -13.94
N GLU G 101 -41.16 1.58 -12.95
CA GLU G 101 -41.02 1.96 -11.53
C GLU G 101 -39.58 2.36 -11.17
N GLN G 102 -38.58 1.62 -11.68
CA GLN G 102 -37.16 1.92 -11.41
C GLN G 102 -36.78 3.31 -12.01
N ILE G 103 -37.19 3.57 -13.27
CA ILE G 103 -36.93 4.85 -13.91
C ILE G 103 -37.54 6.00 -13.08
N LYS G 104 -38.82 5.86 -12.71
CA LYS G 104 -39.54 6.82 -11.87
C LYS G 104 -38.76 7.15 -10.61
N ARG G 105 -38.16 6.13 -9.96
CA ARG G 105 -37.38 6.35 -8.72
C ARG G 105 -36.02 6.97 -8.94
N VAL G 106 -35.27 6.51 -9.98
CA VAL G 106 -33.93 7.08 -10.21
C VAL G 106 -34.02 8.55 -10.67
N LYS G 107 -34.95 8.82 -11.60
CA LYS G 107 -35.20 10.17 -12.13
C LYS G 107 -36.00 11.09 -11.17
N ASP G 108 -36.66 10.51 -10.15
CA ASP G 108 -37.46 11.21 -9.13
C ASP G 108 -38.57 12.08 -9.78
N SER G 109 -39.48 11.42 -10.51
CA SER G 109 -40.47 12.10 -11.39
C SER G 109 -41.50 11.10 -11.90
N GLU G 110 -42.79 11.46 -11.84
CA GLU G 110 -43.87 10.57 -12.30
C GLU G 110 -43.92 10.60 -13.84
N ASP G 111 -43.43 11.70 -14.45
CA ASP G 111 -43.45 11.92 -15.91
C ASP G 111 -42.04 12.08 -16.50
N VAL G 112 -41.52 11.01 -17.11
CA VAL G 112 -40.22 10.95 -17.79
C VAL G 112 -40.48 10.55 -19.27
N PRO G 113 -39.75 11.15 -20.25
CA PRO G 113 -39.90 10.73 -21.67
C PRO G 113 -39.61 9.24 -21.84
N MET G 114 -40.61 8.52 -22.31
CA MET G 114 -40.56 7.06 -22.45
C MET G 114 -41.39 6.62 -23.66
N VAL G 115 -40.92 5.55 -24.31
CA VAL G 115 -41.65 4.87 -25.37
C VAL G 115 -41.71 3.39 -25.03
N LEU G 116 -42.89 2.77 -25.17
CA LEU G 116 -43.06 1.32 -24.97
C LEU G 116 -42.83 0.66 -26.33
N VAL G 117 -41.92 -0.32 -26.38
CA VAL G 117 -41.57 -1.03 -27.61
C VAL G 117 -41.85 -2.53 -27.48
N GLY G 118 -42.69 -3.05 -28.38
CA GLY G 118 -42.99 -4.47 -28.46
C GLY G 118 -42.18 -5.02 -29.64
N ASN G 119 -40.98 -5.54 -29.37
CA ASN G 119 -40.06 -6.02 -30.40
C ASN G 119 -40.36 -7.45 -30.87
N LYS G 120 -39.74 -7.85 -32.00
CA LYS G 120 -39.88 -9.18 -32.64
C LYS G 120 -41.27 -9.37 -33.26
N CYS G 121 -41.90 -8.29 -33.75
CA CYS G 121 -43.25 -8.37 -34.38
C CYS G 121 -43.22 -9.07 -35.77
N ASP G 122 -42.03 -9.35 -36.33
CA ASP G 122 -41.86 -10.13 -37.57
C ASP G 122 -42.24 -11.63 -37.36
N LEU G 123 -42.36 -12.03 -36.09
CA LEU G 123 -42.62 -13.40 -35.67
C LEU G 123 -44.15 -13.81 -35.71
N PRO G 124 -44.36 -14.99 -36.26
CA PRO G 124 -45.76 -15.50 -36.35
C PRO G 124 -46.56 -15.78 -35.06
N SER G 125 -45.90 -16.30 -34.01
CA SER G 125 -46.57 -16.60 -32.75
C SER G 125 -46.40 -15.35 -31.93
N ARG G 126 -47.49 -14.83 -31.37
CA ARG G 126 -47.47 -13.69 -30.41
C ARG G 126 -48.12 -14.19 -29.14
N THR G 127 -47.46 -14.10 -27.97
CA THR G 127 -48.06 -14.51 -26.69
C THR G 127 -48.58 -13.23 -25.97
N VAL G 128 -48.15 -12.04 -26.43
CA VAL G 128 -48.41 -10.82 -25.67
C VAL G 128 -49.38 -9.96 -26.49
N ASP G 129 -50.60 -9.77 -26.00
CA ASP G 129 -51.72 -9.18 -26.83
C ASP G 129 -51.45 -7.69 -27.11
N THR G 130 -51.84 -7.26 -28.33
CA THR G 130 -51.60 -5.88 -28.77
C THR G 130 -52.41 -4.93 -27.86
N LYS G 131 -53.66 -5.30 -27.47
CA LYS G 131 -54.55 -4.55 -26.59
C LYS G 131 -53.97 -4.39 -25.18
N GLN G 132 -53.45 -5.47 -24.61
CA GLN G 132 -52.80 -5.47 -23.28
C GLN G 132 -51.65 -4.46 -23.24
N ALA G 133 -50.81 -4.45 -24.29
CA ALA G 133 -49.67 -3.56 -24.44
C ALA G 133 -50.13 -2.11 -24.67
N GLN G 134 -51.14 -1.93 -25.55
CA GLN G 134 -51.71 -0.61 -25.81
C GLN G 134 -52.33 0.00 -24.55
N ASP G 135 -53.04 -0.84 -23.75
CA ASP G 135 -53.64 -0.40 -22.46
C ASP G 135 -52.60 0.04 -21.48
N LEU G 136 -51.48 -0.71 -21.35
CA LEU G 136 -50.37 -0.35 -20.43
C LEU G 136 -49.73 0.99 -20.81
N ALA G 137 -49.44 1.21 -22.10
CA ALA G 137 -48.85 2.47 -22.59
C ALA G 137 -49.85 3.63 -22.36
N ARG G 138 -51.14 3.35 -22.61
CA ARG G 138 -52.24 4.32 -22.41
C ARG G 138 -52.40 4.66 -20.93
N SER G 139 -52.14 3.69 -20.04
CA SER G 139 -52.17 3.92 -18.59
C SER G 139 -50.94 4.70 -18.15
N TYR G 140 -49.81 4.55 -18.85
CA TYR G 140 -48.56 5.28 -18.54
C TYR G 140 -48.51 6.65 -19.20
N GLY G 141 -49.38 6.89 -20.20
CA GLY G 141 -49.42 8.13 -20.97
C GLY G 141 -48.23 8.27 -21.90
N ILE G 142 -47.82 7.17 -22.53
CA ILE G 142 -46.61 7.13 -23.38
C ILE G 142 -46.92 6.39 -24.70
N PRO G 143 -46.16 6.63 -25.80
CA PRO G 143 -46.44 5.91 -27.04
C PRO G 143 -46.07 4.44 -26.94
N PHE G 144 -46.79 3.59 -27.69
CA PHE G 144 -46.47 2.17 -27.86
C PHE G 144 -46.16 1.93 -29.36
N ILE G 145 -45.00 1.37 -29.66
CA ILE G 145 -44.59 1.11 -31.07
C ILE G 145 -44.16 -0.34 -31.23
N GLU G 146 -44.72 -1.04 -32.25
CA GLU G 146 -44.34 -2.43 -32.58
C GLU G 146 -43.11 -2.36 -33.48
N THR G 147 -42.11 -3.19 -33.19
CA THR G 147 -40.83 -3.14 -33.89
C THR G 147 -40.35 -4.54 -34.28
N SER G 148 -39.53 -4.60 -35.32
CA SER G 148 -38.83 -5.78 -35.70
C SER G 148 -37.42 -5.38 -36.03
N ALA G 149 -36.49 -5.74 -35.18
CA ALA G 149 -35.06 -5.49 -35.44
C ALA G 149 -34.56 -6.28 -36.67
N LYS G 150 -35.32 -7.31 -37.10
CA LYS G 150 -34.99 -8.15 -38.27
C LYS G 150 -35.39 -7.50 -39.60
N THR G 151 -36.60 -6.95 -39.68
CA THR G 151 -37.13 -6.28 -40.92
C THR G 151 -37.00 -4.74 -40.91
N ARG G 152 -36.53 -4.15 -39.80
CA ARG G 152 -36.34 -2.70 -39.59
C ARG G 152 -37.67 -1.95 -39.33
N GLN G 153 -38.80 -2.68 -39.37
CA GLN G 153 -40.14 -2.14 -39.13
C GLN G 153 -40.24 -1.44 -37.79
N GLY G 154 -40.63 -0.18 -37.85
CA GLY G 154 -40.86 0.66 -36.62
C GLY G 154 -39.58 1.06 -35.90
N VAL G 155 -38.38 0.63 -36.34
CA VAL G 155 -37.14 0.85 -35.61
C VAL G 155 -36.76 2.35 -35.51
N ASP G 156 -36.74 3.06 -36.64
CA ASP G 156 -36.48 4.50 -36.67
C ASP G 156 -37.59 5.23 -35.95
N ASP G 157 -38.85 4.80 -36.19
CA ASP G 157 -40.02 5.37 -35.56
C ASP G 157 -39.93 5.38 -34.00
N ALA G 158 -39.49 4.25 -33.40
CA ALA G 158 -39.32 4.12 -31.95
C ALA G 158 -38.32 5.13 -31.41
N PHE G 159 -37.14 5.19 -32.05
CA PHE G 159 -36.10 6.13 -31.64
C PHE G 159 -36.46 7.60 -31.95
N TYR G 160 -37.20 7.85 -33.06
CA TYR G 160 -37.65 9.19 -33.50
C TYR G 160 -38.65 9.73 -32.50
N THR G 161 -39.69 8.93 -32.19
CA THR G 161 -40.78 9.29 -31.27
C THR G 161 -40.23 9.66 -29.91
N LEU G 162 -39.22 8.92 -29.41
CA LEU G 162 -38.61 9.24 -28.12
C LEU G 162 -37.94 10.64 -28.10
N VAL G 163 -37.25 11.00 -29.20
CA VAL G 163 -36.62 12.32 -29.38
C VAL G 163 -37.73 13.39 -29.39
N ARG G 164 -38.85 13.10 -30.08
CA ARG G 164 -40.02 13.98 -30.13
C ARG G 164 -40.60 14.18 -28.71
N GLU G 165 -40.64 13.11 -27.90
CA GLU G 165 -41.12 13.14 -26.50
C GLU G 165 -40.22 13.98 -25.58
N ILE G 166 -38.92 14.02 -25.87
CA ILE G 166 -37.98 14.89 -25.11
C ILE G 166 -38.33 16.46 -25.31
N ARG G 167 -39.39 16.81 -24.55
CA ARG G 167 -40.00 18.14 -24.45
C ARG G 167 -40.07 18.50 -22.97
N MET H 22 -20.44 -31.64 -36.05
CA MET H 22 -20.10 -30.84 -34.82
C MET H 22 -19.23 -29.65 -35.28
N ASP H 23 -19.83 -28.47 -35.43
CA ASP H 23 -19.03 -27.22 -35.54
C ASP H 23 -18.44 -26.94 -34.16
N LEU H 24 -17.14 -27.13 -34.06
CA LEU H 24 -16.42 -26.98 -32.81
C LEU H 24 -16.08 -25.49 -32.58
N GLY H 25 -16.17 -24.67 -33.62
CA GLY H 25 -16.07 -23.23 -33.48
C GLY H 25 -17.09 -22.68 -32.52
N LYS H 26 -18.36 -23.06 -32.71
CA LYS H 26 -19.42 -22.66 -31.79
C LYS H 26 -19.12 -23.28 -30.42
N LYS H 27 -18.80 -24.59 -30.36
CA LYS H 27 -18.56 -25.24 -29.05
C LYS H 27 -17.34 -24.57 -28.34
N LEU H 28 -16.40 -23.98 -29.09
CA LEU H 28 -15.21 -23.27 -28.50
C LEU H 28 -15.49 -21.87 -27.97
N LEU H 29 -16.19 -21.07 -28.77
CA LEU H 29 -16.72 -19.80 -28.33
C LEU H 29 -17.51 -19.94 -27.03
N GLU H 30 -18.48 -20.86 -27.01
CA GLU H 30 -19.35 -21.03 -25.85
C GLU H 30 -18.49 -21.35 -24.64
N ALA H 31 -17.48 -22.21 -24.84
CA ALA H 31 -16.59 -22.63 -23.76
C ALA H 31 -15.71 -21.49 -23.27
N ALA H 32 -15.21 -20.68 -24.19
CA ALA H 32 -14.46 -19.48 -23.84
C ALA H 32 -15.31 -18.49 -23.02
N ARG H 33 -16.54 -18.21 -23.45
CA ARG H 33 -17.44 -17.35 -22.69
C ARG H 33 -17.71 -17.92 -21.28
N ALA H 34 -18.00 -19.20 -21.20
CA ALA H 34 -18.39 -19.83 -19.93
C ALA H 34 -17.24 -20.12 -18.96
N GLY H 35 -15.99 -19.86 -19.33
CA GLY H 35 -14.87 -20.07 -18.44
C GLY H 35 -14.52 -21.52 -18.17
N GLN H 36 -14.87 -22.41 -19.11
CA GLN H 36 -14.54 -23.83 -18.98
C GLN H 36 -13.20 -24.12 -19.67
N ASP H 37 -12.14 -23.98 -18.90
CA ASP H 37 -10.80 -24.14 -19.41
C ASP H 37 -10.55 -25.57 -19.95
N ASP H 38 -11.18 -26.57 -19.34
CA ASP H 38 -11.03 -27.98 -19.76
C ASP H 38 -11.54 -28.13 -21.14
N GLU H 39 -12.78 -27.69 -21.33
CA GLU H 39 -13.45 -27.80 -22.63
C GLU H 39 -12.67 -27.09 -23.71
N VAL H 40 -12.11 -25.91 -23.41
CA VAL H 40 -11.31 -25.17 -24.41
C VAL H 40 -10.03 -25.92 -24.78
N ARG H 41 -9.32 -26.46 -23.79
CA ARG H 41 -8.15 -27.31 -24.05
C ARG H 41 -8.42 -28.55 -24.93
N ILE H 42 -9.50 -29.29 -24.60
CA ILE H 42 -10.00 -30.47 -25.37
C ILE H 42 -10.39 -30.10 -26.79
N LEU H 43 -11.25 -29.09 -26.93
CA LEU H 43 -11.74 -28.62 -28.20
C LEU H 43 -10.61 -28.29 -29.16
N MET H 44 -9.58 -27.61 -28.68
CA MET H 44 -8.48 -27.25 -29.55
C MET H 44 -7.66 -28.45 -29.92
N ALA H 45 -7.41 -29.34 -28.95
CA ALA H 45 -6.76 -30.62 -29.23
C ALA H 45 -7.39 -31.35 -30.43
N ASN H 46 -8.72 -31.32 -30.58
CA ASN H 46 -9.40 -31.83 -31.80
C ASN H 46 -9.55 -30.78 -32.93
N GLY H 47 -8.61 -29.84 -33.07
CA GLY H 47 -8.53 -28.96 -34.24
C GLY H 47 -9.61 -27.93 -34.41
N ALA H 48 -10.28 -27.56 -33.33
CA ALA H 48 -11.14 -26.39 -33.34
C ALA H 48 -10.25 -25.16 -33.53
N ASP H 49 -10.74 -24.20 -34.31
CA ASP H 49 -9.97 -23.06 -34.79
C ASP H 49 -10.02 -21.90 -33.80
N VAL H 50 -8.89 -21.53 -33.19
CA VAL H 50 -8.88 -20.43 -32.20
C VAL H 50 -9.33 -19.04 -32.70
N ASN H 51 -9.43 -18.89 -34.01
CA ASN H 51 -10.04 -17.71 -34.60
C ASN H 51 -11.33 -18.05 -35.31
N ALA H 52 -12.20 -18.76 -34.61
CA ALA H 52 -13.60 -18.84 -34.98
C ALA H 52 -14.20 -17.50 -34.66
N HIS H 53 -15.34 -17.22 -35.28
CA HIS H 53 -16.09 -16.02 -34.92
C HIS H 53 -17.60 -16.13 -35.18
N ASP H 54 -18.40 -15.62 -34.24
CA ASP H 54 -19.85 -15.54 -34.41
C ASP H 54 -20.22 -14.57 -35.55
N THR H 55 -21.50 -14.47 -35.86
CA THR H 55 -21.96 -13.57 -36.91
C THR H 55 -21.75 -12.06 -36.65
N PHE H 56 -21.12 -11.68 -35.55
CA PHE H 56 -20.68 -10.31 -35.35
C PHE H 56 -19.17 -10.18 -35.14
N GLY H 57 -18.40 -11.20 -35.45
CA GLY H 57 -16.93 -11.10 -35.39
C GLY H 57 -16.20 -11.29 -34.06
N PHE H 58 -16.92 -11.71 -33.01
CA PHE H 58 -16.29 -12.06 -31.73
C PHE H 58 -15.46 -13.32 -31.91
N THR H 59 -14.16 -13.25 -31.59
CA THR H 59 -13.29 -14.44 -31.49
C THR H 59 -13.37 -14.97 -30.06
N PRO H 60 -12.91 -16.22 -29.85
CA PRO H 60 -12.88 -16.78 -28.50
C PRO H 60 -12.10 -15.88 -27.56
N LEU H 61 -11.05 -15.24 -28.11
CA LEU H 61 -10.29 -14.29 -27.33
C LEU H 61 -11.11 -13.10 -26.86
N HIS H 62 -11.97 -12.55 -27.74
CA HIS H 62 -12.90 -11.49 -27.32
C HIS H 62 -13.74 -11.89 -26.13
N LEU H 63 -14.41 -13.02 -26.28
CA LEU H 63 -15.31 -13.48 -25.26
C LEU H 63 -14.56 -13.76 -23.96
N ALA H 64 -13.39 -14.39 -24.02
CA ALA H 64 -12.60 -14.67 -22.79
C ALA H 64 -12.15 -13.43 -22.08
N ALA H 65 -11.70 -12.46 -22.86
CA ALA H 65 -11.36 -11.13 -22.34
C ALA H 65 -12.56 -10.43 -21.71
N LEU H 66 -13.67 -10.36 -22.44
CA LEU H 66 -14.86 -9.68 -21.96
C LEU H 66 -15.34 -10.29 -20.63
N TYR H 67 -15.32 -11.62 -20.55
CA TYR H 67 -15.89 -12.30 -19.39
C TYR H 67 -14.88 -12.60 -18.25
N GLY H 68 -13.60 -12.19 -18.41
CA GLY H 68 -12.63 -12.17 -17.29
C GLY H 68 -11.89 -13.46 -17.02
N HIS H 69 -11.56 -14.16 -18.09
CA HIS H 69 -11.10 -15.54 -18.00
C HIS H 69 -9.66 -15.57 -18.39
N LEU H 70 -8.83 -15.35 -17.39
CA LEU H 70 -7.41 -15.17 -17.61
C LEU H 70 -6.69 -16.42 -18.13
N GLU H 71 -6.89 -17.58 -17.47
CA GLU H 71 -6.26 -18.84 -17.91
C GLU H 71 -6.63 -19.07 -19.38
N ILE H 72 -7.92 -18.95 -19.71
CA ILE H 72 -8.37 -19.14 -21.11
C ILE H 72 -7.75 -18.12 -22.10
N VAL H 73 -7.64 -16.86 -21.70
CA VAL H 73 -7.05 -15.82 -22.56
C VAL H 73 -5.64 -16.22 -22.93
N GLU H 74 -4.86 -16.57 -21.93
CA GLU H 74 -3.49 -17.06 -22.13
C GLU H 74 -3.39 -18.29 -23.01
N VAL H 75 -4.22 -19.31 -22.73
CA VAL H 75 -4.08 -20.56 -23.50
C VAL H 75 -4.51 -20.33 -24.97
N LEU H 76 -5.45 -19.41 -25.21
CA LEU H 76 -5.81 -18.98 -26.57
C LEU H 76 -4.68 -18.25 -27.28
N LEU H 77 -4.06 -17.30 -26.59
CA LEU H 77 -2.91 -16.58 -27.14
C LEU H 77 -1.72 -17.51 -27.43
N LYS H 78 -1.26 -18.25 -26.42
CA LYS H 78 -0.20 -19.29 -26.60
C LYS H 78 -0.49 -20.22 -27.78
N ASN H 79 -1.77 -20.50 -28.08
CA ASN H 79 -2.17 -21.29 -29.28
C ASN H 79 -2.42 -20.50 -30.60
N GLY H 80 -1.96 -19.25 -30.62
CA GLY H 80 -1.88 -18.47 -31.84
C GLY H 80 -3.12 -17.69 -32.17
N ALA H 81 -3.95 -17.43 -31.16
CA ALA H 81 -5.14 -16.60 -31.37
C ALA H 81 -4.68 -15.22 -31.78
N ASP H 82 -5.50 -14.56 -32.60
CA ASP H 82 -5.20 -13.20 -33.07
C ASP H 82 -5.62 -12.24 -31.94
N VAL H 83 -4.66 -11.43 -31.49
CA VAL H 83 -4.83 -10.53 -30.35
C VAL H 83 -5.48 -9.17 -30.73
N ASN H 84 -5.36 -8.83 -32.01
CA ASN H 84 -5.89 -7.59 -32.58
C ASN H 84 -7.03 -7.83 -33.58
N ALA H 85 -7.67 -8.99 -33.44
CA ALA H 85 -8.93 -9.29 -34.09
C ALA H 85 -9.95 -8.27 -33.62
N ASP H 86 -10.87 -7.88 -34.49
CA ASP H 86 -11.92 -6.94 -34.12
C ASP H 86 -13.29 -7.30 -34.67
N ASP H 87 -14.29 -7.08 -33.82
CA ASP H 87 -15.66 -7.38 -34.14
C ASP H 87 -16.16 -6.44 -35.22
N SER H 88 -17.43 -6.56 -35.63
CA SER H 88 -17.97 -5.71 -36.70
C SER H 88 -18.22 -4.25 -36.31
N TYR H 89 -18.00 -3.89 -35.04
CA TYR H 89 -17.92 -2.50 -34.59
C TYR H 89 -16.49 -2.07 -34.26
N GLY H 90 -15.51 -2.83 -34.69
CA GLY H 90 -14.12 -2.42 -34.58
C GLY H 90 -13.41 -2.61 -33.25
N ARG H 91 -14.01 -3.35 -32.31
CA ARG H 91 -13.40 -3.51 -30.97
C ARG H 91 -12.45 -4.71 -30.90
N THR H 92 -11.21 -4.45 -30.49
CA THR H 92 -10.25 -5.50 -30.17
C THR H 92 -10.59 -6.13 -28.84
N PRO H 93 -10.04 -7.34 -28.55
CA PRO H 93 -10.16 -7.93 -27.24
C PRO H 93 -9.65 -7.00 -26.17
N LEU H 94 -8.58 -6.27 -26.45
CA LEU H 94 -8.12 -5.22 -25.54
C LEU H 94 -9.20 -4.16 -25.22
N HIS H 95 -9.96 -3.73 -26.25
CA HIS H 95 -11.09 -2.83 -26.02
C HIS H 95 -11.99 -3.43 -24.98
N LEU H 96 -12.41 -4.67 -25.20
CA LEU H 96 -13.38 -5.28 -24.31
C LEU H 96 -12.82 -5.50 -22.91
N ALA H 97 -11.55 -5.90 -22.82
CA ALA H 97 -10.93 -6.09 -21.48
C ALA H 97 -10.89 -4.78 -20.69
N ALA H 98 -10.60 -3.68 -21.38
CA ALA H 98 -10.72 -2.36 -20.80
C ALA H 98 -12.17 -2.05 -20.41
N MET H 99 -13.13 -2.30 -21.31
CA MET H 99 -14.56 -2.08 -21.03
C MET H 99 -15.00 -2.66 -19.69
N ARG H 100 -14.60 -3.91 -19.42
CA ARG H 100 -15.07 -4.62 -18.20
C ARG H 100 -14.17 -4.37 -16.94
N GLY H 101 -12.96 -3.82 -17.09
CA GLY H 101 -12.10 -3.60 -15.91
C GLY H 101 -11.40 -4.88 -15.48
N HIS H 102 -10.99 -5.67 -16.46
CA HIS H 102 -10.22 -6.87 -16.22
C HIS H 102 -8.75 -6.54 -16.42
N LEU H 103 -8.15 -6.03 -15.36
CA LEU H 103 -6.80 -5.43 -15.35
C LEU H 103 -5.69 -6.39 -15.76
N GLU H 104 -5.63 -7.53 -15.08
CA GLU H 104 -4.61 -8.55 -15.33
C GLU H 104 -4.70 -9.02 -16.80
N ILE H 105 -5.92 -9.05 -17.37
CA ILE H 105 -6.12 -9.42 -18.79
C ILE H 105 -5.56 -8.34 -19.74
N VAL H 106 -5.87 -7.08 -19.48
CA VAL H 106 -5.33 -5.96 -20.24
C VAL H 106 -3.82 -6.08 -20.40
N GLU H 107 -3.15 -6.42 -19.30
CA GLU H 107 -1.69 -6.52 -19.27
C GLU H 107 -1.19 -7.65 -20.16
N VAL H 108 -1.78 -8.85 -20.06
CA VAL H 108 -1.24 -9.98 -20.86
C VAL H 108 -1.58 -9.78 -22.35
N LEU H 109 -2.68 -9.10 -22.65
CA LEU H 109 -3.00 -8.73 -24.04
C LEU H 109 -1.92 -7.84 -24.62
N LEU H 110 -1.44 -6.92 -23.79
CA LEU H 110 -0.35 -6.04 -24.17
C LEU H 110 0.95 -6.84 -24.27
N LYS H 111 1.32 -7.60 -23.23
CA LYS H 111 2.51 -8.49 -23.28
C LYS H 111 2.58 -9.32 -24.57
N TYR H 112 1.45 -9.68 -25.17
CA TYR H 112 1.39 -10.48 -26.42
C TYR H 112 1.17 -9.65 -27.69
N GLY H 113 1.21 -8.33 -27.59
CA GLY H 113 1.24 -7.47 -28.77
C GLY H 113 -0.03 -6.76 -29.15
N ALA H 114 -0.99 -6.66 -28.23
CA ALA H 114 -2.18 -5.86 -28.48
C ALA H 114 -1.82 -4.41 -28.77
N ASP H 115 -2.54 -3.80 -29.71
CA ASP H 115 -2.37 -2.39 -30.10
C ASP H 115 -3.07 -1.57 -29.02
N VAL H 116 -2.32 -0.71 -28.33
CA VAL H 116 -2.85 0.18 -27.28
C VAL H 116 -3.77 1.23 -27.90
N ASN H 117 -3.37 1.77 -29.05
CA ASN H 117 -4.12 2.85 -29.70
C ASN H 117 -5.10 2.36 -30.77
N ALA H 118 -5.52 1.09 -30.72
CA ALA H 118 -6.52 0.56 -31.67
C ALA H 118 -7.82 1.35 -31.58
N ALA H 119 -8.41 1.69 -32.74
CA ALA H 119 -9.62 2.51 -32.79
C ALA H 119 -10.76 1.79 -33.47
N ASP H 120 -11.90 1.78 -32.79
CA ASP H 120 -13.11 1.09 -33.25
C ASP H 120 -13.80 1.92 -34.30
N GLU H 121 -14.98 1.51 -34.75
CA GLU H 121 -15.70 2.26 -35.81
C GLU H 121 -16.09 3.69 -35.41
N GLU H 122 -16.22 3.98 -34.12
CA GLU H 122 -16.39 5.37 -33.66
C GLU H 122 -15.06 6.12 -33.47
N GLY H 123 -13.92 5.42 -33.60
CA GLY H 123 -12.61 6.01 -33.33
C GLY H 123 -12.18 5.95 -31.88
N ARG H 124 -12.86 5.16 -31.07
CA ARG H 124 -12.51 5.09 -29.65
C ARG H 124 -11.41 4.06 -29.44
N THR H 125 -10.39 4.46 -28.70
CA THR H 125 -9.34 3.58 -28.25
C THR H 125 -9.77 3.00 -26.94
N PRO H 126 -9.06 1.94 -26.49
CA PRO H 126 -9.21 1.42 -25.12
C PRO H 126 -9.13 2.48 -23.99
N LEU H 127 -8.24 3.45 -24.12
CA LEU H 127 -8.22 4.58 -23.19
C LEU H 127 -9.60 5.29 -23.05
N HIS H 128 -10.25 5.62 -24.18
CA HIS H 128 -11.61 6.24 -24.15
C HIS H 128 -12.61 5.40 -23.39
N LEU H 129 -12.65 4.11 -23.71
CA LEU H 129 -13.59 3.20 -23.09
C LEU H 129 -13.36 3.06 -21.59
N ALA H 130 -12.11 2.83 -21.17
CA ALA H 130 -11.80 2.71 -19.73
C ALA H 130 -12.12 4.00 -18.98
N ALA H 131 -11.64 5.11 -19.54
CA ALA H 131 -11.94 6.46 -19.03
C ALA H 131 -13.43 6.68 -18.83
N LYS H 132 -14.20 6.28 -19.84
CA LYS H 132 -15.63 6.49 -19.86
C LYS H 132 -16.34 5.67 -18.75
N ARG H 133 -15.84 4.48 -18.44
CA ARG H 133 -16.44 3.61 -17.40
C ARG H 133 -15.93 3.96 -16.00
N GLY H 134 -14.84 4.69 -15.90
CA GLY H 134 -14.24 5.06 -14.62
C GLY H 134 -13.18 4.09 -14.10
N HIS H 135 -12.65 3.22 -14.98
CA HIS H 135 -11.63 2.21 -14.63
C HIS H 135 -10.21 2.78 -14.60
N LEU H 136 -9.91 3.46 -13.52
CA LEU H 136 -8.74 4.34 -13.44
C LEU H 136 -7.41 3.59 -13.40
N GLU H 137 -7.42 2.41 -12.79
CA GLU H 137 -6.21 1.57 -12.74
C GLU H 137 -5.81 1.13 -14.17
N ILE H 138 -6.83 0.83 -14.99
CA ILE H 138 -6.63 0.47 -16.39
C ILE H 138 -6.18 1.67 -17.26
N VAL H 139 -6.70 2.86 -16.94
CA VAL H 139 -6.28 4.09 -17.61
C VAL H 139 -4.78 4.28 -17.33
N GLU H 140 -4.37 4.25 -16.05
CA GLU H 140 -2.92 4.33 -15.65
C GLU H 140 -2.03 3.34 -16.41
N VAL H 141 -2.47 2.09 -16.52
CA VAL H 141 -1.69 1.05 -17.20
C VAL H 141 -1.63 1.18 -18.74
N LEU H 142 -2.74 1.52 -19.38
CA LEU H 142 -2.76 1.79 -20.83
C LEU H 142 -1.81 2.92 -21.19
N LEU H 143 -1.82 3.98 -20.39
CA LEU H 143 -0.88 5.09 -20.58
C LEU H 143 0.56 4.64 -20.44
N LYS H 144 0.87 3.86 -19.39
CA LYS H 144 2.23 3.35 -19.18
C LYS H 144 2.71 2.46 -20.35
N ASN H 145 1.82 1.84 -21.12
CA ASN H 145 2.21 1.11 -22.35
C ASN H 145 2.09 1.93 -23.65
N GLY H 146 2.05 3.25 -23.55
CA GLY H 146 2.08 4.11 -24.73
C GLY H 146 0.73 4.44 -25.32
N ALA H 147 -0.30 4.55 -24.47
CA ALA H 147 -1.59 5.09 -24.90
C ALA H 147 -1.43 6.55 -25.18
N ASP H 148 -2.10 7.02 -26.23
CA ASP H 148 -2.06 8.43 -26.62
C ASP H 148 -3.17 9.23 -25.89
N VAL H 149 -2.85 9.70 -24.68
CA VAL H 149 -3.69 10.66 -23.90
C VAL H 149 -4.67 11.49 -24.75
N ASN H 150 -4.14 12.10 -25.82
CA ASN H 150 -4.86 13.11 -26.62
C ASN H 150 -5.59 12.64 -27.90
N ALA H 151 -5.60 11.34 -28.20
CA ALA H 151 -6.30 10.84 -29.41
C ALA H 151 -7.78 11.24 -29.38
N GLN H 152 -8.26 11.79 -30.50
CA GLN H 152 -9.64 12.20 -30.66
C GLN H 152 -10.41 11.08 -31.35
N ASP H 153 -11.56 10.67 -30.78
CA ASP H 153 -12.52 9.81 -31.52
C ASP H 153 -13.15 10.64 -32.65
N LYS H 154 -13.92 10.02 -33.55
CA LYS H 154 -14.47 10.71 -34.74
C LYS H 154 -15.46 11.82 -34.46
N PHE H 155 -15.90 12.01 -33.20
CA PHE H 155 -16.72 13.15 -32.80
C PHE H 155 -15.91 14.23 -32.07
N GLY H 156 -14.59 14.09 -32.02
CA GLY H 156 -13.69 15.07 -31.40
C GLY H 156 -13.26 14.80 -29.97
N LYS H 157 -13.95 13.88 -29.29
CA LYS H 157 -13.75 13.65 -27.84
C LYS H 157 -12.40 12.98 -27.55
N THR H 158 -11.83 13.31 -26.40
CA THR H 158 -10.63 12.71 -25.90
C THR H 158 -10.89 12.29 -24.48
N ALA H 159 -9.93 11.59 -23.89
CA ALA H 159 -10.01 11.19 -22.46
C ALA H 159 -10.37 12.38 -21.54
N PHE H 160 -9.71 13.52 -21.75
CA PHE H 160 -9.97 14.72 -20.95
C PHE H 160 -11.38 15.31 -21.16
N ASP H 161 -11.92 15.23 -22.39
CA ASP H 161 -13.33 15.63 -22.65
C ASP H 161 -14.23 14.76 -21.79
N ILE H 162 -13.94 13.46 -21.79
CA ILE H 162 -14.72 12.46 -21.04
C ILE H 162 -14.69 12.72 -19.52
N SER H 163 -13.53 13.13 -18.99
CA SER H 163 -13.39 13.41 -17.54
C SER H 163 -14.27 14.59 -17.12
N ILE H 164 -14.22 15.65 -17.91
CA ILE H 164 -15.07 16.83 -17.70
C ILE H 164 -16.54 16.54 -17.94
N ASP H 165 -16.83 15.78 -19.00
CA ASP H 165 -18.22 15.41 -19.29
C ASP H 165 -18.82 14.59 -18.15
N ASN H 166 -18.01 13.84 -17.42
CA ASN H 166 -18.48 13.01 -16.29
C ASN H 166 -18.30 13.61 -14.91
N GLY H 167 -17.62 14.76 -14.80
CA GLY H 167 -17.27 15.32 -13.49
C GLY H 167 -16.33 14.42 -12.70
N ASN H 168 -15.58 13.57 -13.41
CA ASN H 168 -14.68 12.65 -12.78
C ASN H 168 -13.38 13.39 -12.46
N GLU H 169 -13.23 13.69 -11.17
CA GLU H 169 -12.12 14.50 -10.67
C GLU H 169 -10.83 13.68 -10.64
N ASP H 170 -10.93 12.45 -10.11
CA ASP H 170 -9.78 11.53 -10.05
C ASP H 170 -9.17 11.18 -11.42
N LEU H 171 -9.99 11.13 -12.48
CA LEU H 171 -9.51 10.84 -13.84
C LEU H 171 -8.79 12.02 -14.44
N ALA H 172 -9.40 13.20 -14.36
CA ALA H 172 -8.79 14.42 -14.86
C ALA H 172 -7.39 14.66 -14.22
N GLU H 173 -7.26 14.29 -12.94
CA GLU H 173 -5.96 14.35 -12.22
C GLU H 173 -4.90 13.42 -12.80
N ILE H 174 -5.24 12.15 -12.96
CA ILE H 174 -4.37 11.20 -13.65
C ILE H 174 -3.90 11.73 -15.01
N LEU H 175 -4.80 12.30 -15.79
CA LEU H 175 -4.45 12.81 -17.11
C LEU H 175 -3.56 14.09 -17.12
N GLN H 176 -3.05 14.54 -15.98
CA GLN H 176 -2.02 15.61 -15.93
C GLN H 176 -0.84 15.16 -14.99
N LYS H 177 -0.98 15.38 -13.66
CA LYS H 177 0.02 15.06 -12.62
C LYS H 177 -0.17 13.63 -12.12
PB GDP I . 3.32 4.77 18.14
O1B GDP I . 3.60 4.72 16.67
O2B GDP I . 3.89 6.03 18.73
O3B GDP I . 1.93 4.40 18.63
O3A GDP I . 4.21 3.54 18.69
PA GDP I . 4.69 3.41 20.24
O1A GDP I . 3.49 3.72 21.13
O2A GDP I . 5.99 4.18 20.23
O5' GDP I . 5.16 1.90 20.51
C5' GDP I . 4.11 0.95 20.50
C4' GDP I . 4.40 -0.24 21.38
O4' GDP I . 5.26 -1.10 20.64
C3' GDP I . 5.07 0.12 22.67
O3' GDP I . 4.65 -0.79 23.69
C2' GDP I . 6.52 -0.15 22.40
O2' GDP I . 7.22 -0.66 23.53
C1' GDP I . 6.50 -1.22 21.31
N9 GDP I . 7.63 -0.99 20.40
C8 GDP I . 7.88 0.13 19.73
N7 GDP I . 9.01 -0.01 19.00
C5 GDP I . 9.47 -1.23 19.22
C6 GDP I . 10.62 -2.00 18.72
O6 GDP I . 11.43 -1.49 17.93
N1 GDP I . 10.76 -3.27 19.17
C2 GDP I . 9.88 -3.84 20.04
N2 GDP I . 10.08 -5.13 20.46
N3 GDP I . 8.79 -3.16 20.53
C4 GDP I . 8.55 -1.88 20.14
MG MG J . 2.77 7.49 19.55
PB GDP K . -18.32 -22.97 -0.16
O1B GDP K . -19.30 -22.68 -1.31
O2B GDP K . -16.90 -23.31 -0.53
O3B GDP K . -18.38 -22.08 1.05
O3A GDP K . -18.83 -24.41 0.29
PA GDP K . -20.04 -24.75 1.31
O1A GDP K . -21.28 -23.92 0.96
O2A GDP K . -19.43 -24.72 2.71
O5' GDP K . -20.24 -26.30 0.91
C5' GDP K . -20.93 -26.73 -0.28
C4' GDP K . -21.71 -27.99 0.00
O4' GDP K . -20.73 -28.98 0.24
C3' GDP K . -22.57 -27.91 1.26
O3' GDP K . -23.78 -28.65 1.20
C2' GDP K . -21.70 -28.57 2.30
O2' GDP K . -22.36 -29.28 3.33
C1' GDP K . -20.95 -29.59 1.50
N9 GDP K . -19.73 -29.92 2.23
C8 GDP K . -18.84 -29.02 2.69
N7 GDP K . -17.82 -29.62 3.32
C5 GDP K . -18.05 -30.94 3.29
C6 GDP K . -17.34 -32.12 3.79
O6 GDP K . -16.25 -32.03 4.42
N1 GDP K . -17.91 -33.31 3.55
C2 GDP K . -19.08 -33.42 2.89
N2 GDP K . -19.58 -34.67 2.70
N3 GDP K . -19.76 -32.37 2.40
C4 GDP K . -19.32 -31.13 2.57
MG MG L . -19.72 -20.13 1.31
PB GDP M . 34.40 -5.08 0.74
O1B GDP M . 34.10 -5.42 -0.71
O2B GDP M . 35.27 -5.98 1.59
O3B GDP M . 34.71 -3.62 0.92
O3A GDP M . 32.96 -5.36 1.40
PA GDP M . 31.64 -4.50 1.09
O1A GDP M . 31.52 -4.05 -0.35
O2A GDP M . 31.56 -3.50 2.20
O5' GDP M . 30.52 -5.60 1.41
C5' GDP M . 30.04 -6.52 0.42
C4' GDP M . 28.58 -6.87 0.70
O4' GDP M . 28.55 -7.49 1.99
C3' GDP M . 27.68 -5.64 0.76
O3' GDP M . 26.46 -5.81 0.05
C2' GDP M . 27.39 -5.46 2.23
O2' GDP M . 26.06 -5.07 2.52
C1' GDP M . 27.59 -6.83 2.80
N9 GDP M . 28.02 -6.68 4.20
C8 GDP M . 29.10 -6.00 4.63
N7 GDP M . 29.16 -6.05 5.97
C5 GDP M . 28.13 -6.78 6.42
C6 GDP M . 27.60 -7.23 7.73
O6 GDP M . 28.14 -6.94 8.82
N1 GDP M . 26.48 -7.98 7.73
C2 GDP M . 25.83 -8.32 6.60
N2 GDP M . 24.70 -9.06 6.69
N3 GDP M . 26.26 -7.93 5.37
C4 GDP M . 27.38 -7.18 5.23
MG MG N . 35.07 -2.32 -0.71
PB GDP O . -30.83 -8.25 -25.81
O1B GDP O . -30.24 -9.50 -25.21
O2B GDP O . -32.02 -7.78 -25.02
O3B GDP O . -29.87 -7.14 -26.24
O3A GDP O . -31.31 -8.80 -27.25
PA GDP O . -30.24 -9.26 -28.38
O1A GDP O . -29.15 -10.08 -27.73
O2A GDP O . -29.93 -8.04 -29.20
O5' GDP O . -30.98 -10.31 -29.36
C5' GDP O . -31.57 -11.43 -28.72
C4' GDP O . -31.82 -12.59 -29.66
O4' GDP O . -33.13 -12.44 -30.19
C3' GDP O . -30.87 -12.71 -30.82
O3' GDP O . -30.61 -14.09 -31.03
C2' GDP O . -31.64 -12.14 -31.99
O2' GDP O . -31.46 -12.89 -33.19
C1' GDP O . -33.10 -12.30 -31.61
N9 GDP O . -33.92 -11.14 -32.09
C8 GDP O . -33.76 -9.86 -31.72
N7 GDP O . -34.67 -9.06 -32.33
C5 GDP O . -35.42 -9.83 -33.11
C6 GDP O . -36.55 -9.63 -34.03
O6 GDP O . -37.05 -8.49 -34.24
N1 GDP O . -37.07 -10.70 -34.63
C2 GDP O . -36.60 -11.94 -34.46
N2 GDP O . -37.19 -12.97 -35.13
N3 GDP O . -35.55 -12.20 -33.62
C4 GDP O . -34.93 -11.21 -32.95
MG MG P . -27.51 -7.58 -25.16
#